data_1PZN
#
_entry.id   1PZN
#
_cell.length_a   144.163
_cell.length_b   193.124
_cell.length_c   176.930
_cell.angle_alpha   90.00
_cell.angle_beta   90.00
_cell.angle_gamma   90.00
#
_symmetry.space_group_name_H-M   'C 2 2 21'
#
loop_
_entity.id
_entity.type
_entity.pdbx_description
1 polymer 'DNA repair and recombination protein rad51'
2 non-polymer 'SULFATE ION'
3 non-polymer IMIDAZOLE
4 non-polymer GLYCEROL
5 non-polymer (4S)-2-METHYL-2,4-PENTANEDIOL
6 water water
#
_entity_poly.entity_id   1
_entity_poly.type   'polypeptide(L)'
_entity_poly.pdbx_seq_one_letter_code
;(MSE)AGEEVKEIDEFEELGFEPATEETPKKKKKEKIIRSIEDLPGVGPATAEKLREAGYDTLEAIAVASPIELKEVAGI
SEGTALKIIQAARKAANLGTF(MSE)RADEYLKKRATIGRISTGSKSLDKLLGGGIETQAITEVFGEFGSGKTQLAHTLA
V(MSE)VQLPPEEGGLNGSVIWIDTENTFRPERIREIAQNRGLDPDEVLKHIYVARAFNSNHQ(MSE)LLVQQAEDKIKE
LLNTDRPVKLLIVDSLTSHFRSEYIGRGALAERQQKLAKHLADLHRLANLYDIAVFVTNQVQARPDAFFGDPTRPIGGHI
LAHSATLRVYLRKGKGGKRIARLIDAPHLPEGEAVFSITEKGIED
;
_entity_poly.pdbx_strand_id   A,B,C,D,E,F,G
#
# COMPACT_ATOMS: atom_id res chain seq x y z
N ARG A 35 -24.22 30.69 -13.16
CA ARG A 35 -23.43 30.32 -11.94
C ARG A 35 -21.96 30.74 -12.06
N SER A 36 -21.48 31.53 -11.10
CA SER A 36 -20.09 32.00 -11.07
C SER A 36 -19.26 31.25 -10.03
N ILE A 37 -19.61 31.42 -8.75
CA ILE A 37 -18.92 30.73 -7.64
C ILE A 37 -19.88 29.62 -7.12
N GLU A 38 -19.89 29.34 -5.82
CA GLU A 38 -20.78 28.31 -5.25
C GLU A 38 -22.22 28.83 -5.11
N ASP A 39 -22.79 29.10 -6.29
CA ASP A 39 -24.13 29.59 -6.51
C ASP A 39 -24.77 28.36 -7.14
N LEU A 40 -24.21 27.21 -6.80
CA LEU A 40 -24.71 25.97 -7.35
C LEU A 40 -25.94 25.52 -6.59
N PRO A 41 -26.86 24.86 -7.29
CA PRO A 41 -28.08 24.37 -6.70
C PRO A 41 -27.99 23.88 -5.26
N GLY A 42 -27.65 22.61 -5.04
CA GLY A 42 -27.64 22.12 -3.67
C GLY A 42 -26.69 22.70 -2.63
N VAL A 43 -25.95 23.74 -2.97
CA VAL A 43 -24.98 24.25 -2.03
C VAL A 43 -25.33 25.49 -1.24
N GLY A 44 -25.32 25.34 0.07
CA GLY A 44 -25.59 26.47 0.94
C GLY A 44 -24.24 26.83 1.50
N PRO A 45 -24.12 27.91 2.29
CA PRO A 45 -22.82 28.29 2.85
C PRO A 45 -22.15 27.22 3.70
N ALA A 46 -22.90 26.49 4.51
CA ALA A 46 -22.27 25.46 5.33
C ALA A 46 -21.56 24.43 4.46
N THR A 47 -22.21 24.06 3.38
CA THR A 47 -21.68 23.09 2.44
C THR A 47 -20.48 23.72 1.78
N ALA A 48 -20.67 24.92 1.26
CA ALA A 48 -19.57 25.61 0.62
C ALA A 48 -18.37 25.62 1.59
N GLU A 49 -18.66 25.75 2.87
CA GLU A 49 -17.58 25.77 3.84
C GLU A 49 -16.75 24.50 3.76
N LYS A 50 -17.39 23.34 3.89
CA LYS A 50 -16.68 22.06 3.85
C LYS A 50 -15.96 21.80 2.53
N LEU A 51 -16.57 22.19 1.42
CA LEU A 51 -15.98 22.01 0.10
C LEU A 51 -14.68 22.83 -0.07
N ARG A 52 -14.69 24.04 0.46
CA ARG A 52 -13.52 24.92 0.36
C ARG A 52 -12.38 24.42 1.21
N GLU A 53 -12.63 24.17 2.49
CA GLU A 53 -11.60 23.70 3.38
C GLU A 53 -11.00 22.39 2.85
N ALA A 54 -11.55 21.90 1.76
CA ALA A 54 -11.09 20.67 1.15
C ALA A 54 -10.55 20.84 -0.27
N GLY A 55 -10.46 22.06 -0.75
CA GLY A 55 -9.93 22.25 -2.08
C GLY A 55 -10.92 22.29 -3.22
N TYR A 56 -12.17 21.91 -2.99
CA TYR A 56 -13.16 22.01 -4.04
C TYR A 56 -13.69 23.43 -4.03
N ASP A 57 -12.83 24.37 -4.42
CA ASP A 57 -13.17 25.78 -4.41
C ASP A 57 -13.59 26.37 -5.74
N THR A 58 -13.59 25.59 -6.81
CA THR A 58 -13.95 26.16 -8.09
C THR A 58 -14.99 25.35 -8.79
N LEU A 59 -15.62 25.93 -9.80
CA LEU A 59 -16.65 25.17 -10.49
C LEU A 59 -16.05 23.95 -11.13
N GLU A 60 -14.80 24.08 -11.58
CA GLU A 60 -14.13 22.96 -12.25
C GLU A 60 -13.73 21.92 -11.22
N ALA A 61 -13.36 22.36 -10.02
CA ALA A 61 -12.98 21.45 -8.97
C ALA A 61 -14.11 20.46 -8.70
N ILE A 62 -15.31 21.01 -8.52
CA ILE A 62 -16.50 20.22 -8.28
C ILE A 62 -16.86 19.49 -9.57
N ALA A 63 -16.75 20.20 -10.68
CA ALA A 63 -17.07 19.64 -11.99
C ALA A 63 -16.38 18.30 -12.24
N VAL A 64 -15.19 18.13 -11.67
CA VAL A 64 -14.45 16.91 -11.93
C VAL A 64 -14.45 15.89 -10.81
N ALA A 65 -15.18 16.19 -9.74
CA ALA A 65 -15.26 15.31 -8.57
C ALA A 65 -16.26 14.18 -8.78
N SER A 66 -16.37 13.30 -7.80
CA SER A 66 -17.32 12.19 -7.88
C SER A 66 -18.33 12.33 -6.74
N PRO A 67 -19.55 11.80 -6.90
CA PRO A 67 -20.51 11.92 -5.79
C PRO A 67 -19.91 11.46 -4.46
N ILE A 68 -19.34 10.26 -4.44
CA ILE A 68 -18.74 9.75 -3.22
C ILE A 68 -17.83 10.77 -2.54
N GLU A 69 -16.94 11.38 -3.29
CA GLU A 69 -16.02 12.38 -2.72
C GLU A 69 -16.76 13.54 -2.09
N LEU A 70 -17.70 14.14 -2.82
CA LEU A 70 -18.42 15.28 -2.26
C LEU A 70 -19.27 14.86 -1.07
N LYS A 71 -19.93 13.71 -1.19
CA LYS A 71 -20.75 13.18 -0.10
C LYS A 71 -19.91 13.07 1.17
N GLU A 72 -18.67 12.59 1.03
CA GLU A 72 -17.76 12.44 2.17
C GLU A 72 -17.06 13.73 2.59
N VAL A 73 -17.10 14.75 1.74
CA VAL A 73 -16.48 16.01 2.10
C VAL A 73 -17.48 16.98 2.70
N ALA A 74 -18.69 17.01 2.15
CA ALA A 74 -19.72 17.93 2.62
C ALA A 74 -20.82 17.31 3.47
N GLY A 75 -21.06 16.02 3.27
CA GLY A 75 -22.09 15.34 4.02
C GLY A 75 -23.30 15.08 3.13
N ILE A 76 -23.48 15.91 2.12
CA ILE A 76 -24.63 15.70 1.28
C ILE A 76 -24.78 14.27 0.77
N SER A 77 -26.01 13.94 0.40
CA SER A 77 -26.39 12.63 -0.09
C SER A 77 -25.69 12.37 -1.40
N GLU A 78 -25.65 11.12 -1.82
CA GLU A 78 -24.99 10.77 -3.07
C GLU A 78 -25.75 11.35 -4.26
N GLY A 79 -27.07 11.47 -4.12
CA GLY A 79 -27.90 11.98 -5.19
C GLY A 79 -27.90 13.48 -5.39
N THR A 80 -27.77 14.26 -4.33
CA THR A 80 -27.80 15.69 -4.51
C THR A 80 -26.42 16.10 -4.99
N ALA A 81 -25.40 15.45 -4.41
CA ALA A 81 -24.00 15.72 -4.76
C ALA A 81 -23.91 15.57 -6.26
N LEU A 82 -24.55 14.54 -6.76
CA LEU A 82 -24.55 14.31 -8.19
C LEU A 82 -25.13 15.54 -8.95
N LYS A 83 -26.25 16.07 -8.44
CA LYS A 83 -26.88 17.23 -9.05
C LYS A 83 -25.90 18.40 -9.06
N ILE A 84 -25.17 18.53 -7.95
CA ILE A 84 -24.15 19.56 -7.76
C ILE A 84 -23.08 19.46 -8.84
N ILE A 85 -22.57 18.24 -9.02
CA ILE A 85 -21.53 17.95 -10.01
C ILE A 85 -21.99 18.42 -11.39
N GLN A 86 -23.18 17.98 -11.80
CA GLN A 86 -23.75 18.32 -13.11
C GLN A 86 -23.90 19.81 -13.26
N ALA A 87 -24.38 20.47 -12.21
CA ALA A 87 -24.52 21.91 -12.27
C ALA A 87 -23.15 22.48 -12.62
N ALA A 88 -22.14 22.05 -11.89
CA ALA A 88 -20.78 22.51 -12.11
C ALA A 88 -20.24 22.17 -13.49
N ARG A 89 -20.44 20.94 -13.94
CA ARG A 89 -19.95 20.55 -15.26
C ARG A 89 -20.51 21.53 -16.28
N LYS A 90 -21.80 21.82 -16.13
CA LYS A 90 -22.50 22.69 -17.06
C LYS A 90 -22.17 24.15 -16.85
N ALA A 91 -21.88 24.53 -15.60
CA ALA A 91 -21.57 25.92 -15.30
C ALA A 91 -20.11 26.31 -15.48
N ALA A 92 -19.23 25.33 -15.32
CA ALA A 92 -17.79 25.55 -15.44
C ALA A 92 -17.43 26.63 -16.45
N ASN A 93 -16.56 27.52 -16.02
CA ASN A 93 -16.06 28.61 -16.85
C ASN A 93 -14.99 28.03 -17.78
N LEU A 94 -13.94 27.50 -17.16
CA LEU A 94 -12.83 26.92 -17.89
C LEU A 94 -13.14 25.53 -18.43
N GLY A 95 -14.42 25.25 -18.64
CA GLY A 95 -14.85 23.97 -19.17
C GLY A 95 -15.61 24.20 -20.46
N THR A 96 -15.37 25.36 -21.08
CA THR A 96 -16.05 25.74 -22.31
C THR A 96 -15.03 26.15 -23.37
N PHE A 97 -15.36 25.89 -24.62
CA PHE A 97 -14.47 26.25 -25.70
C PHE A 97 -14.77 27.66 -26.18
N ARG A 99 -14.26 30.49 -29.40
CA ARG A 99 -14.04 30.59 -30.85
C ARG A 99 -12.70 31.26 -31.13
N ALA A 100 -11.87 30.63 -31.95
CA ALA A 100 -10.54 31.16 -32.23
C ALA A 100 -10.49 32.65 -32.53
N ASP A 101 -11.54 33.20 -33.12
CA ASP A 101 -11.52 34.63 -33.40
C ASP A 101 -11.53 35.34 -32.05
N GLU A 102 -12.29 34.76 -31.13
CA GLU A 102 -12.41 35.28 -29.77
C GLU A 102 -11.09 35.07 -29.04
N TYR A 103 -10.49 33.91 -29.24
CA TYR A 103 -9.23 33.57 -28.60
C TYR A 103 -8.08 34.44 -29.11
N LEU A 104 -8.10 34.75 -30.39
CA LEU A 104 -7.07 35.59 -30.98
C LEU A 104 -7.10 36.97 -30.29
N LYS A 105 -8.30 37.43 -30.00
CA LYS A 105 -8.46 38.72 -29.36
C LYS A 105 -8.01 38.72 -27.92
N LYS A 106 -8.36 37.65 -27.18
CA LYS A 106 -7.98 37.56 -25.78
C LYS A 106 -6.48 37.75 -25.70
N ARG A 107 -5.76 37.07 -26.59
CA ARG A 107 -4.31 37.17 -26.61
C ARG A 107 -3.90 38.58 -26.99
N ALA A 108 -4.72 39.25 -27.79
CA ALA A 108 -4.39 40.59 -28.20
C ALA A 108 -4.38 41.54 -27.02
N THR A 109 -5.03 41.15 -25.93
CA THR A 109 -5.11 42.01 -24.75
C THR A 109 -4.18 41.64 -23.58
N ILE A 110 -3.11 40.94 -23.90
CA ILE A 110 -2.13 40.51 -22.92
C ILE A 110 -1.15 41.61 -22.54
N GLY A 111 -1.11 41.96 -21.26
CA GLY A 111 -0.19 42.99 -20.80
C GLY A 111 1.21 42.44 -20.54
N ARG A 112 2.19 43.33 -20.38
CA ARG A 112 3.56 42.89 -20.13
C ARG A 112 4.25 43.71 -19.03
N ILE A 113 4.77 43.05 -17.99
CA ILE A 113 5.46 43.77 -16.93
C ILE A 113 6.94 43.72 -17.21
N SER A 114 7.61 44.84 -17.00
CA SER A 114 9.04 44.91 -17.24
C SER A 114 9.79 44.39 -16.02
N THR A 115 10.92 43.73 -16.26
CA THR A 115 11.71 43.20 -15.16
C THR A 115 12.58 44.28 -14.59
N GLY A 116 12.73 45.37 -15.33
CA GLY A 116 13.57 46.48 -14.90
C GLY A 116 14.95 46.35 -15.52
N SER A 117 15.02 45.59 -16.61
CA SER A 117 16.27 45.35 -17.30
C SER A 117 16.07 45.19 -18.81
N LYS A 118 16.56 46.15 -19.59
CA LYS A 118 16.44 46.10 -21.05
C LYS A 118 16.84 44.70 -21.51
N SER A 119 18.01 44.26 -21.04
CA SER A 119 18.57 42.96 -21.37
C SER A 119 17.55 41.83 -21.18
N LEU A 120 17.11 41.63 -19.93
CA LEU A 120 16.14 40.59 -19.61
C LEU A 120 14.85 40.68 -20.41
N ASP A 121 14.28 41.88 -20.52
CA ASP A 121 13.04 42.14 -21.26
C ASP A 121 13.18 41.72 -22.74
N LYS A 122 14.35 41.99 -23.31
CA LYS A 122 14.58 41.60 -24.68
C LYS A 122 14.33 40.09 -24.64
N LEU A 123 15.04 39.42 -23.75
CA LEU A 123 14.92 37.98 -23.60
C LEU A 123 13.49 37.46 -23.41
N LEU A 124 12.62 38.29 -22.80
CA LEU A 124 11.21 37.93 -22.58
C LEU A 124 10.32 38.50 -23.67
N GLY A 125 10.93 39.29 -24.54
CA GLY A 125 10.16 39.88 -25.62
C GLY A 125 9.24 40.93 -25.03
N GLY A 126 9.78 41.69 -24.08
CA GLY A 126 8.99 42.74 -23.47
C GLY A 126 8.83 42.65 -21.97
N GLY A 127 8.80 41.43 -21.44
CA GLY A 127 8.64 41.21 -20.01
C GLY A 127 7.72 40.04 -19.71
N ILE A 128 7.49 39.74 -18.44
CA ILE A 128 6.60 38.62 -18.13
C ILE A 128 5.16 39.04 -18.49
N GLU A 129 4.42 38.13 -19.13
CA GLU A 129 3.07 38.46 -19.56
C GLU A 129 1.94 38.04 -18.64
N THR A 130 0.79 38.66 -18.83
CA THR A 130 -0.37 38.35 -18.03
C THR A 130 -0.99 37.14 -18.69
N GLN A 131 -1.98 36.53 -18.02
CA GLN A 131 -2.64 35.36 -18.56
C GLN A 131 -1.61 34.23 -18.73
N ALA A 132 -0.56 34.27 -17.92
CA ALA A 132 0.48 33.24 -17.98
C ALA A 132 1.18 33.02 -16.65
N ILE A 133 1.75 31.83 -16.49
CA ILE A 133 2.50 31.52 -15.29
C ILE A 133 3.96 31.55 -15.73
N THR A 134 4.76 32.43 -15.13
CA THR A 134 6.16 32.49 -15.48
C THR A 134 6.91 31.94 -14.30
N GLU A 135 7.70 30.92 -14.56
CA GLU A 135 8.47 30.31 -13.50
C GLU A 135 9.92 30.69 -13.66
N VAL A 136 10.52 31.15 -12.56
CA VAL A 136 11.92 31.49 -12.58
C VAL A 136 12.55 30.52 -11.59
N PHE A 137 13.61 29.84 -11.99
CA PHE A 137 14.26 28.88 -11.09
C PHE A 137 15.77 28.95 -11.16
N GLY A 138 16.42 28.63 -10.05
CA GLY A 138 17.87 28.67 -10.00
C GLY A 138 18.31 28.36 -8.59
N GLU A 139 19.64 28.34 -8.37
CA GLU A 139 20.19 28.05 -7.05
C GLU A 139 19.87 29.16 -6.08
N PHE A 140 19.95 28.84 -4.80
CA PHE A 140 19.66 29.84 -3.79
C PHE A 140 20.56 31.02 -4.06
N GLY A 141 20.02 32.22 -3.98
CA GLY A 141 20.83 33.40 -4.22
C GLY A 141 20.97 33.80 -5.67
N SER A 142 20.30 33.10 -6.56
CA SER A 142 20.38 33.46 -7.98
C SER A 142 19.55 34.71 -8.25
N GLY A 143 19.06 35.33 -7.18
CA GLY A 143 18.28 36.55 -7.29
C GLY A 143 16.84 36.47 -7.77
N LYS A 144 16.21 35.30 -7.73
CA LYS A 144 14.83 35.24 -8.19
C LYS A 144 13.83 35.94 -7.24
N THR A 145 14.21 36.11 -5.98
CA THR A 145 13.31 36.81 -5.05
C THR A 145 13.48 38.30 -5.25
N GLN A 146 14.60 38.72 -5.83
CA GLN A 146 14.82 40.14 -6.08
C GLN A 146 13.95 40.49 -7.26
N LEU A 147 14.02 39.64 -8.27
CA LEU A 147 13.27 39.81 -9.49
C LEU A 147 11.80 39.92 -9.10
N ALA A 148 11.41 39.19 -8.07
CA ALA A 148 10.03 39.24 -7.64
C ALA A 148 9.71 40.65 -7.11
N HIS A 149 10.56 41.13 -6.20
CA HIS A 149 10.39 42.45 -5.62
C HIS A 149 10.34 43.56 -6.67
N THR A 150 11.23 43.46 -7.65
CA THR A 150 11.27 44.48 -8.68
C THR A 150 9.92 44.49 -9.37
N LEU A 151 9.52 43.35 -9.92
CA LEU A 151 8.24 43.20 -10.60
C LEU A 151 7.07 43.76 -9.78
N ALA A 152 7.15 43.64 -8.47
CA ALA A 152 6.08 44.12 -7.63
C ALA A 152 5.99 45.64 -7.66
N VAL A 153 7.03 46.28 -8.16
CA VAL A 153 7.08 47.75 -8.29
C VAL A 153 6.69 48.09 -9.73
N VAL A 155 5.12 46.68 -12.15
CA VAL A 155 3.71 46.52 -12.47
C VAL A 155 2.85 47.72 -12.03
N GLN A 156 3.32 48.46 -11.03
CA GLN A 156 2.55 49.58 -10.53
C GLN A 156 2.62 50.84 -11.38
N LEU A 157 3.72 51.03 -12.10
CA LEU A 157 3.86 52.22 -12.92
C LEU A 157 3.17 52.04 -14.27
N PRO A 158 2.92 53.16 -14.96
CA PRO A 158 2.25 53.21 -16.27
C PRO A 158 2.86 52.33 -17.34
N PRO A 159 2.04 51.93 -18.30
CA PRO A 159 2.40 51.08 -19.43
C PRO A 159 3.68 51.53 -20.11
N GLU A 160 3.81 52.82 -20.36
CA GLU A 160 4.99 53.37 -21.01
C GLU A 160 6.21 53.23 -20.09
N GLU A 161 5.94 53.16 -18.80
CA GLU A 161 6.98 53.03 -17.80
C GLU A 161 7.45 51.58 -17.63
N GLY A 162 6.67 50.63 -18.14
CA GLY A 162 7.02 49.24 -18.03
C GLY A 162 6.09 48.44 -17.12
N GLY A 163 4.96 49.04 -16.75
CA GLY A 163 3.98 48.39 -15.89
C GLY A 163 2.58 48.32 -16.49
N LEU A 164 1.57 48.11 -15.64
CA LEU A 164 0.18 48.04 -16.09
C LEU A 164 -0.69 48.69 -15.04
N ASN A 165 -0.15 49.64 -14.32
CA ASN A 165 -0.92 50.33 -13.31
C ASN A 165 -1.78 49.34 -12.54
N GLY A 166 -1.14 48.37 -11.88
CA GLY A 166 -1.91 47.39 -11.14
C GLY A 166 -1.42 47.06 -9.75
N SER A 167 -2.24 46.31 -9.01
CA SER A 167 -1.92 45.90 -7.65
C SER A 167 -1.19 44.57 -7.65
N VAL A 168 -0.79 44.13 -6.47
CA VAL A 168 -0.06 42.88 -6.38
C VAL A 168 -0.50 42.00 -5.22
N ILE A 169 -0.65 40.71 -5.50
CA ILE A 169 -1.00 39.71 -4.48
C ILE A 169 0.29 38.89 -4.33
N TRP A 170 0.81 38.80 -3.12
CA TRP A 170 2.05 38.07 -2.88
C TRP A 170 1.88 36.93 -1.83
N ILE A 171 2.01 35.67 -2.27
CA ILE A 171 1.95 34.52 -1.36
C ILE A 171 3.41 34.20 -0.97
N ASP A 172 3.78 34.44 0.28
CA ASP A 172 5.15 34.21 0.75
C ASP A 172 5.25 32.93 1.57
N THR A 173 6.11 32.00 1.15
CA THR A 173 6.22 30.75 1.86
C THR A 173 7.52 30.59 2.60
N GLU A 174 8.53 31.36 2.22
CA GLU A 174 9.83 31.26 2.88
C GLU A 174 10.15 32.48 3.75
N ASN A 175 9.13 33.28 4.04
CA ASN A 175 9.30 34.49 4.85
C ASN A 175 10.38 35.37 4.23
N THR A 176 10.32 35.57 2.91
CA THR A 176 11.32 36.37 2.24
C THR A 176 10.81 37.67 1.64
N PHE A 177 9.57 38.04 1.95
CA PHE A 177 9.06 39.29 1.41
C PHE A 177 9.41 40.44 2.33
N ARG A 178 10.26 41.35 1.85
CA ARG A 178 10.68 42.50 2.63
C ARG A 178 10.02 43.78 2.07
N PRO A 179 8.94 44.26 2.70
CA PRO A 179 8.29 45.49 2.21
C PRO A 179 9.31 46.62 2.25
N GLU A 180 10.41 46.37 2.95
CA GLU A 180 11.48 47.35 3.07
C GLU A 180 12.20 47.43 1.75
N ARG A 181 12.42 46.28 1.12
CA ARG A 181 13.11 46.28 -0.17
C ARG A 181 12.19 46.98 -1.14
N ILE A 182 10.89 46.80 -0.95
CA ILE A 182 9.92 47.45 -1.81
C ILE A 182 10.09 48.95 -1.63
N ARG A 183 10.07 49.40 -0.37
CA ARG A 183 10.24 50.82 -0.05
C ARG A 183 11.45 51.35 -0.80
N GLU A 184 12.57 50.67 -0.64
CA GLU A 184 13.79 51.07 -1.32
C GLU A 184 13.54 51.19 -2.81
N ILE A 185 13.63 50.07 -3.51
CA ILE A 185 13.42 50.03 -4.96
C ILE A 185 12.45 51.08 -5.45
N ALA A 186 11.44 51.41 -4.65
CA ALA A 186 10.44 52.41 -5.02
C ALA A 186 11.00 53.84 -4.94
N GLN A 187 11.60 54.17 -3.79
CA GLN A 187 12.16 55.51 -3.59
C GLN A 187 13.46 55.70 -4.37
N ASN A 188 13.77 54.76 -5.26
CA ASN A 188 14.99 54.83 -6.09
C ASN A 188 14.64 54.91 -7.56
N ARG A 189 13.35 55.04 -7.86
CA ARG A 189 12.91 55.17 -9.22
C ARG A 189 11.93 56.33 -9.22
N GLY A 190 12.08 57.19 -8.22
CA GLY A 190 11.22 58.35 -8.09
C GLY A 190 9.77 57.97 -7.87
N LEU A 191 9.54 56.95 -7.04
CA LEU A 191 8.19 56.49 -6.73
C LEU A 191 7.95 56.70 -5.26
N ASP A 192 6.72 57.09 -4.92
CA ASP A 192 6.36 57.33 -3.53
C ASP A 192 6.23 56.01 -2.79
N PRO A 193 7.29 55.57 -2.11
CA PRO A 193 7.23 54.30 -1.38
C PRO A 193 5.99 54.13 -0.53
N ASP A 194 5.58 55.19 0.15
CA ASP A 194 4.41 55.09 0.99
C ASP A 194 3.19 54.72 0.17
N GLU A 195 3.25 55.00 -1.13
CA GLU A 195 2.13 54.71 -2.03
C GLU A 195 2.24 53.32 -2.61
N VAL A 196 3.43 52.99 -3.09
CA VAL A 196 3.69 51.69 -3.65
C VAL A 196 3.32 50.63 -2.63
N LEU A 197 3.70 50.85 -1.38
CA LEU A 197 3.38 49.88 -0.36
C LEU A 197 1.88 49.69 -0.19
N LYS A 198 1.07 50.56 -0.79
CA LYS A 198 -0.38 50.45 -0.66
C LYS A 198 -1.05 49.62 -1.73
N HIS A 199 -0.28 49.01 -2.61
CA HIS A 199 -0.88 48.21 -3.67
C HIS A 199 -0.29 46.82 -3.79
N ILE A 200 0.21 46.33 -2.66
CA ILE A 200 0.81 45.01 -2.56
C ILE A 200 0.15 44.39 -1.34
N TYR A 201 -0.38 43.18 -1.51
CA TYR A 201 -1.03 42.47 -0.41
C TYR A 201 -0.37 41.13 -0.22
N VAL A 202 0.20 40.91 0.96
CA VAL A 202 0.87 39.65 1.25
C VAL A 202 0.15 38.70 2.20
N ALA A 203 0.53 37.43 2.07
CA ALA A 203 0.05 36.36 2.96
C ALA A 203 1.20 35.38 3.13
N ARG A 204 1.47 35.03 4.37
CA ARG A 204 2.52 34.09 4.72
C ARG A 204 1.91 32.69 4.66
N ALA A 205 2.48 31.81 3.87
CA ALA A 205 1.98 30.45 3.76
C ALA A 205 2.89 29.59 4.59
N PHE A 206 2.34 28.93 5.60
CA PHE A 206 3.14 28.11 6.49
C PHE A 206 3.34 26.65 6.09
N ASN A 207 2.66 26.20 5.06
CA ASN A 207 2.82 24.83 4.57
C ASN A 207 2.03 24.67 3.29
N SER A 208 2.14 23.51 2.63
CA SER A 208 1.46 23.27 1.38
C SER A 208 -0.02 23.55 1.40
N ASN A 209 -0.73 22.96 2.36
CA ASN A 209 -2.17 23.18 2.40
C ASN A 209 -2.51 24.64 2.55
N HIS A 210 -1.75 25.33 3.38
CA HIS A 210 -1.98 26.74 3.59
C HIS A 210 -1.80 27.45 2.25
N GLN A 211 -0.65 27.21 1.65
CA GLN A 211 -0.31 27.79 0.38
C GLN A 211 -1.47 27.65 -0.60
N LEU A 213 -4.53 26.80 -0.13
CA LEU A 213 -5.71 27.45 0.39
C LEU A 213 -5.74 28.95 0.11
N LEU A 214 -4.61 29.62 0.33
CA LEU A 214 -4.54 31.07 0.10
C LEU A 214 -4.81 31.49 -1.35
N VAL A 215 -4.76 30.54 -2.26
CA VAL A 215 -5.02 30.89 -3.63
C VAL A 215 -6.47 31.28 -3.77
N GLN A 216 -7.36 30.42 -3.28
CA GLN A 216 -8.78 30.72 -3.41
C GLN A 216 -9.12 32.04 -2.74
N GLN A 217 -8.48 32.32 -1.62
CA GLN A 217 -8.73 33.57 -0.90
C GLN A 217 -8.09 34.71 -1.64
N ALA A 218 -7.29 34.38 -2.64
CA ALA A 218 -6.64 35.40 -3.43
C ALA A 218 -7.72 35.88 -4.42
N GLU A 219 -8.53 34.96 -4.91
CA GLU A 219 -9.59 35.34 -5.84
C GLU A 219 -10.52 36.31 -5.15
N ASP A 220 -10.68 36.18 -3.83
CA ASP A 220 -11.54 37.11 -3.14
C ASP A 220 -11.04 38.52 -3.32
N LYS A 221 -9.80 38.76 -2.90
CA LYS A 221 -9.21 40.08 -3.01
C LYS A 221 -9.06 40.55 -4.46
N ILE A 222 -8.85 39.62 -5.37
CA ILE A 222 -8.69 39.98 -6.78
C ILE A 222 -9.96 40.60 -7.32
N LYS A 223 -11.10 40.04 -6.97
CA LYS A 223 -12.36 40.59 -7.45
C LYS A 223 -12.71 41.87 -6.67
N GLU A 224 -12.19 41.96 -5.45
CA GLU A 224 -12.41 43.11 -4.59
C GLU A 224 -11.74 44.33 -5.20
N LEU A 225 -10.47 44.18 -5.59
CA LEU A 225 -9.69 45.24 -6.20
C LEU A 225 -9.93 45.28 -7.70
N LEU A 226 -10.72 44.33 -8.17
CA LEU A 226 -11.08 44.28 -9.59
C LEU A 226 -11.98 45.48 -9.79
N ASN A 227 -12.05 46.00 -11.01
CA ASN A 227 -12.89 47.16 -11.26
C ASN A 227 -12.51 48.28 -10.30
N THR A 228 -11.21 48.54 -10.23
CA THR A 228 -10.63 49.58 -9.39
C THR A 228 -9.59 50.29 -10.27
N ASP A 229 -9.11 51.44 -9.81
CA ASP A 229 -8.12 52.16 -10.57
C ASP A 229 -6.92 51.23 -10.79
N ARG A 230 -6.58 50.47 -9.75
CA ARG A 230 -5.46 49.53 -9.82
C ARG A 230 -5.86 48.08 -9.55
N PRO A 231 -6.28 47.36 -10.59
CA PRO A 231 -6.68 45.97 -10.34
C PRO A 231 -5.43 45.16 -10.08
N VAL A 232 -5.61 43.90 -9.73
CA VAL A 232 -4.48 43.03 -9.50
C VAL A 232 -3.96 42.64 -10.86
N LYS A 233 -2.66 42.81 -11.07
CA LYS A 233 -2.02 42.46 -12.34
C LYS A 233 -0.86 41.51 -12.14
N LEU A 234 -0.41 41.40 -10.89
CA LEU A 234 0.70 40.52 -10.58
C LEU A 234 0.43 39.67 -9.35
N LEU A 235 0.60 38.37 -9.51
CA LEU A 235 0.42 37.46 -8.39
C LEU A 235 1.72 36.67 -8.24
N ILE A 236 2.38 36.86 -7.11
CA ILE A 236 3.62 36.16 -6.86
C ILE A 236 3.51 34.98 -5.89
N VAL A 237 4.18 33.88 -6.22
CA VAL A 237 4.20 32.76 -5.29
C VAL A 237 5.69 32.44 -5.12
N ASP A 238 6.22 32.83 -3.96
CA ASP A 238 7.63 32.66 -3.67
C ASP A 238 7.79 32.12 -2.24
N SER A 239 8.24 30.88 -2.09
CA SER A 239 8.58 29.97 -3.17
C SER A 239 7.35 29.12 -3.47
N LEU A 240 7.22 28.69 -4.72
CA LEU A 240 6.09 27.86 -5.12
C LEU A 240 6.27 26.39 -4.76
N THR A 241 7.51 25.93 -4.80
CA THR A 241 7.80 24.53 -4.56
C THR A 241 8.32 24.16 -3.18
N SER A 242 8.89 25.15 -2.50
CA SER A 242 9.47 24.97 -1.17
C SER A 242 8.78 23.95 -0.26
N HIS A 243 7.52 24.22 0.06
CA HIS A 243 6.74 23.33 0.93
C HIS A 243 6.42 21.97 0.34
N PHE A 244 6.15 21.91 -0.95
CA PHE A 244 5.83 20.64 -1.56
C PHE A 244 6.99 19.67 -1.52
N ARG A 245 8.20 20.16 -1.73
CA ARG A 245 9.34 19.25 -1.69
C ARG A 245 9.83 18.91 -0.28
N SER A 246 9.14 19.41 0.73
CA SER A 246 9.52 19.14 2.11
C SER A 246 8.51 18.28 2.82
N GLU A 247 7.24 18.39 2.42
CA GLU A 247 6.19 17.63 3.04
C GLU A 247 5.98 16.31 2.33
N TYR A 248 6.41 16.21 1.08
CA TYR A 248 6.23 14.96 0.35
C TYR A 248 7.56 14.32 0.02
N ILE A 249 8.05 13.53 0.97
CA ILE A 249 9.32 12.84 0.83
C ILE A 249 8.97 11.37 0.69
N GLY A 250 9.39 10.76 -0.41
CA GLY A 250 9.11 9.35 -0.63
C GLY A 250 8.61 9.07 -2.04
N ARG A 251 8.71 7.82 -2.45
CA ARG A 251 8.27 7.39 -3.76
C ARG A 251 6.76 7.17 -3.69
N GLY A 252 6.24 7.08 -2.46
CA GLY A 252 4.81 6.90 -2.24
C GLY A 252 4.15 8.25 -2.06
N ALA A 253 4.97 9.24 -1.79
CA ALA A 253 4.49 10.59 -1.59
C ALA A 253 4.59 11.35 -2.89
N LEU A 254 5.49 10.92 -3.76
CA LEU A 254 5.70 11.57 -5.05
C LEU A 254 4.44 11.67 -5.89
N ALA A 255 3.70 10.57 -5.95
CA ALA A 255 2.48 10.54 -6.74
C ALA A 255 1.52 11.70 -6.39
N GLU A 256 1.07 11.76 -5.14
CA GLU A 256 0.14 12.81 -4.80
C GLU A 256 0.81 14.18 -4.71
N ARG A 257 2.13 14.20 -4.60
CA ARG A 257 2.81 15.47 -4.55
C ARG A 257 2.51 16.18 -5.86
N GLN A 258 2.66 15.43 -6.94
CA GLN A 258 2.41 15.95 -8.26
C GLN A 258 0.95 16.32 -8.42
N GLN A 259 0.04 15.46 -8.00
CA GLN A 259 -1.37 15.80 -8.17
C GLN A 259 -1.74 17.13 -7.55
N LYS A 260 -1.29 17.37 -6.32
CA LYS A 260 -1.60 18.61 -5.63
C LYS A 260 -0.97 19.82 -6.27
N LEU A 261 0.23 19.65 -6.81
CA LEU A 261 0.93 20.76 -7.43
C LEU A 261 0.19 21.07 -8.72
N ALA A 262 -0.17 19.99 -9.42
CA ALA A 262 -0.89 20.04 -10.67
C ALA A 262 -2.14 20.88 -10.50
N LYS A 263 -2.87 20.63 -9.42
CA LYS A 263 -4.09 21.36 -9.13
C LYS A 263 -3.77 22.80 -8.74
N HIS A 264 -2.79 22.96 -7.86
CA HIS A 264 -2.39 24.29 -7.41
C HIS A 264 -2.08 25.12 -8.65
N LEU A 265 -1.22 24.59 -9.51
CA LEU A 265 -0.86 25.27 -10.74
C LEU A 265 -2.11 25.55 -11.57
N ALA A 266 -3.02 24.59 -11.64
CA ALA A 266 -4.26 24.81 -12.37
C ALA A 266 -5.03 25.97 -11.71
N ASP A 267 -5.01 26.05 -10.38
CA ASP A 267 -5.71 27.13 -9.70
C ASP A 267 -5.12 28.49 -10.07
N LEU A 268 -3.83 28.53 -10.36
CA LEU A 268 -3.17 29.78 -10.70
C LEU A 268 -3.46 30.11 -12.16
N HIS A 269 -3.37 29.11 -13.02
CA HIS A 269 -3.66 29.30 -14.43
C HIS A 269 -5.03 29.93 -14.56
N ARG A 270 -5.99 29.36 -13.86
CA ARG A 270 -7.33 29.89 -13.93
C ARG A 270 -7.32 31.38 -13.62
N LEU A 271 -6.86 31.77 -12.43
CA LEU A 271 -6.80 33.18 -12.07
C LEU A 271 -6.07 34.02 -13.13
N ALA A 272 -4.97 33.50 -13.64
CA ALA A 272 -4.20 34.20 -14.63
C ALA A 272 -5.07 34.59 -15.84
N ASN A 273 -5.84 33.64 -16.35
CA ASN A 273 -6.67 33.90 -17.51
C ASN A 273 -7.98 34.56 -17.16
N LEU A 274 -8.60 34.10 -16.10
CA LEU A 274 -9.87 34.65 -15.67
C LEU A 274 -9.78 36.15 -15.37
N TYR A 275 -8.59 36.65 -15.04
CA TYR A 275 -8.45 38.05 -14.70
C TYR A 275 -7.28 38.80 -15.31
N ASP A 276 -6.76 38.29 -16.42
CA ASP A 276 -5.62 38.93 -17.08
C ASP A 276 -4.51 39.28 -16.10
N ILE A 277 -4.17 38.31 -15.25
CA ILE A 277 -3.13 38.50 -14.25
C ILE A 277 -1.84 37.79 -14.66
N ALA A 278 -0.71 38.38 -14.28
CA ALA A 278 0.56 37.76 -14.58
C ALA A 278 0.96 37.04 -13.31
N VAL A 279 1.15 35.72 -13.45
CA VAL A 279 1.54 34.89 -12.32
C VAL A 279 3.04 34.58 -12.37
N PHE A 280 3.74 35.00 -11.33
CA PHE A 280 5.18 34.79 -11.26
C PHE A 280 5.49 33.86 -10.09
N VAL A 281 6.15 32.75 -10.38
CA VAL A 281 6.48 31.77 -9.34
C VAL A 281 7.96 31.44 -9.35
N THR A 282 8.54 31.25 -8.17
CA THR A 282 9.96 30.91 -8.04
C THR A 282 10.14 29.46 -7.62
N ASN A 283 11.28 28.90 -8.01
CA ASN A 283 11.54 27.50 -7.71
C ASN A 283 13.02 27.28 -7.46
N GLN A 284 13.40 27.11 -6.20
CA GLN A 284 14.81 26.87 -5.89
C GLN A 284 15.24 25.54 -6.47
N VAL A 285 16.42 25.48 -7.05
CA VAL A 285 16.85 24.22 -7.63
C VAL A 285 18.32 23.95 -7.42
N GLN A 286 18.67 22.68 -7.25
CA GLN A 286 20.06 22.32 -7.05
C GLN A 286 20.59 22.99 -5.77
N GLY A 302 14.96 14.50 -4.81
CA GLY A 302 13.69 15.30 -4.84
C GLY A 302 13.40 15.86 -6.22
N HIS A 303 13.76 17.13 -6.42
CA HIS A 303 13.53 17.81 -7.69
C HIS A 303 12.05 17.96 -8.03
N ILE A 304 11.64 19.20 -8.29
CA ILE A 304 10.26 19.51 -8.64
C ILE A 304 10.27 20.73 -9.56
N LEU A 305 9.12 21.08 -10.10
CA LEU A 305 8.99 22.23 -10.98
C LEU A 305 7.54 22.40 -11.43
N ALA A 306 7.28 23.50 -12.11
CA ALA A 306 5.97 23.80 -12.64
C ALA A 306 5.98 23.36 -14.09
N HIS A 307 5.54 22.12 -14.34
CA HIS A 307 5.53 21.58 -15.69
C HIS A 307 4.61 22.36 -16.63
N SER A 308 3.52 22.88 -16.08
CA SER A 308 2.57 23.62 -16.90
C SER A 308 2.83 25.11 -16.84
N ALA A 309 4.07 25.49 -16.56
CA ALA A 309 4.40 26.90 -16.52
C ALA A 309 4.42 27.37 -17.98
N THR A 310 3.75 28.48 -18.25
CA THR A 310 3.67 29.05 -19.59
C THR A 310 5.05 29.35 -20.13
N LEU A 311 5.97 29.69 -19.23
CA LEU A 311 7.34 30.01 -19.61
C LEU A 311 8.28 29.82 -18.41
N ARG A 312 9.35 29.06 -18.62
CA ARG A 312 10.31 28.79 -17.56
C ARG A 312 11.63 29.49 -17.86
N VAL A 313 12.05 30.33 -16.93
CA VAL A 313 13.30 31.06 -17.09
C VAL A 313 14.27 30.59 -16.04
N TYR A 314 15.47 30.22 -16.48
CA TYR A 314 16.50 29.74 -15.59
C TYR A 314 17.49 30.84 -15.36
N LEU A 315 17.93 31.02 -14.12
CA LEU A 315 18.92 32.04 -13.86
C LEU A 315 19.94 31.61 -12.82
N ARG A 316 21.20 32.04 -13.03
CA ARG A 316 22.27 31.66 -12.13
C ARG A 316 23.16 32.85 -11.82
N LYS A 317 23.92 32.72 -10.73
CA LYS A 317 24.84 33.76 -10.32
C LYS A 317 25.93 33.86 -11.40
N GLY A 318 26.27 35.07 -11.80
CA GLY A 318 27.28 35.23 -12.83
C GLY A 318 28.49 36.06 -12.47
N LYS A 319 29.29 36.39 -13.48
CA LYS A 319 30.51 37.18 -13.34
C LYS A 319 30.83 37.62 -11.92
N GLY A 320 30.48 38.86 -11.60
CA GLY A 320 30.76 39.37 -10.27
C GLY A 320 29.65 40.25 -9.77
N GLY A 321 28.70 39.65 -9.05
CA GLY A 321 27.59 40.42 -8.51
C GLY A 321 26.45 40.57 -9.50
N LYS A 322 26.66 40.07 -10.72
CA LYS A 322 25.64 40.14 -11.75
C LYS A 322 25.04 38.74 -11.93
N ARG A 323 23.79 38.70 -12.36
CA ARG A 323 23.13 37.43 -12.60
C ARG A 323 22.81 37.27 -14.09
N ILE A 324 22.77 36.03 -14.55
CA ILE A 324 22.49 35.74 -15.96
C ILE A 324 21.33 34.75 -16.10
N ALA A 325 20.26 35.21 -16.77
CA ALA A 325 19.04 34.43 -16.98
C ALA A 325 18.92 33.94 -18.39
N ARG A 326 18.41 32.73 -18.56
CA ARG A 326 18.28 32.12 -19.88
C ARG A 326 16.94 31.39 -20.00
N LEU A 327 16.39 31.31 -21.21
CA LEU A 327 15.11 30.63 -21.43
C LEU A 327 15.29 29.14 -21.68
N ILE A 328 14.25 28.35 -21.40
CA ILE A 328 14.30 26.89 -21.58
C ILE A 328 13.38 26.31 -22.64
N ASP A 329 13.58 26.75 -23.90
CA ASP A 329 12.80 26.29 -25.05
C ASP A 329 13.09 27.22 -26.22
N ALA A 330 12.43 26.98 -27.35
CA ALA A 330 12.60 27.80 -28.56
C ALA A 330 11.30 28.43 -29.04
N PRO A 331 10.17 27.69 -28.95
CA PRO A 331 8.86 28.19 -29.39
C PRO A 331 8.39 29.40 -28.62
N HIS A 332 8.13 30.49 -29.35
CA HIS A 332 7.68 31.72 -28.73
C HIS A 332 8.87 32.29 -27.95
N LEU A 333 9.46 33.36 -28.48
CA LEU A 333 10.60 34.03 -27.85
C LEU A 333 11.97 33.55 -28.32
N PRO A 334 12.99 34.45 -28.27
CA PRO A 334 14.38 34.24 -28.67
C PRO A 334 15.09 33.00 -28.13
N GLU A 335 16.42 33.09 -28.11
CA GLU A 335 17.24 31.96 -27.68
C GLU A 335 18.71 32.39 -27.46
N GLY A 336 18.93 33.13 -26.37
CA GLY A 336 20.25 33.61 -25.99
C GLY A 336 20.23 33.81 -24.49
N GLU A 337 21.26 34.46 -23.93
CA GLU A 337 21.29 34.70 -22.50
C GLU A 337 21.17 36.18 -22.19
N ALA A 338 20.80 36.50 -20.96
CA ALA A 338 20.66 37.90 -20.56
C ALA A 338 21.35 38.14 -19.23
N VAL A 339 22.14 39.19 -19.17
CA VAL A 339 22.85 39.52 -17.94
C VAL A 339 22.24 40.76 -17.31
N PHE A 340 22.28 40.81 -15.98
CA PHE A 340 21.75 41.95 -15.26
C PHE A 340 22.34 41.96 -13.86
N SER A 341 21.97 42.95 -13.05
CA SER A 341 22.51 43.02 -11.70
C SER A 341 21.47 43.42 -10.66
N ILE A 342 21.84 43.22 -9.40
CA ILE A 342 20.98 43.55 -8.28
C ILE A 342 21.50 44.85 -7.67
N THR A 343 20.64 45.86 -7.57
CA THR A 343 21.02 47.15 -7.01
C THR A 343 19.75 47.78 -6.45
N GLU A 344 19.80 49.08 -6.14
CA GLU A 344 18.58 49.75 -5.70
C GLU A 344 17.84 49.70 -7.02
N LYS A 345 16.52 49.86 -7.00
CA LYS A 345 15.73 49.77 -8.24
C LYS A 345 15.57 48.28 -8.53
N GLY A 346 16.17 47.48 -7.66
CA GLY A 346 16.09 46.04 -7.80
C GLY A 346 16.98 45.47 -8.89
N ILE A 347 16.38 45.19 -10.04
CA ILE A 347 17.11 44.64 -11.17
C ILE A 347 17.34 45.74 -12.18
N GLU A 348 18.53 45.73 -12.78
CA GLU A 348 18.91 46.78 -13.72
C GLU A 348 19.62 46.25 -14.96
N ASP A 349 19.82 47.15 -15.91
CA ASP A 349 20.51 46.90 -17.19
C ASP A 349 19.63 46.51 -18.39
N THR B 96 -23.90 -1.83 -29.15
CA THR B 96 -24.37 -3.23 -29.30
C THR B 96 -23.43 -3.99 -30.23
N PHE B 97 -23.97 -4.97 -30.95
CA PHE B 97 -23.16 -5.75 -31.88
C PHE B 97 -23.56 -5.52 -33.32
N ARG B 99 -24.43 -5.28 -37.05
CA ARG B 99 -24.30 -6.38 -38.01
C ARG B 99 -23.28 -5.94 -39.05
N ALA B 100 -22.41 -6.89 -39.42
CA ALA B 100 -21.33 -6.66 -40.38
C ALA B 100 -21.76 -5.89 -41.62
N ASP B 101 -23.00 -6.12 -42.05
CA ASP B 101 -23.54 -5.43 -43.22
C ASP B 101 -23.52 -3.94 -42.92
N GLU B 102 -24.16 -3.55 -41.82
CA GLU B 102 -24.20 -2.17 -41.42
C GLU B 102 -22.80 -1.66 -41.19
N TYR B 103 -21.96 -2.51 -40.60
CA TYR B 103 -20.59 -2.13 -40.31
C TYR B 103 -19.92 -1.83 -41.63
N LEU B 104 -20.13 -2.70 -42.61
CA LEU B 104 -19.55 -2.50 -43.95
C LEU B 104 -19.92 -1.11 -44.47
N LYS B 105 -21.15 -0.68 -44.13
CA LYS B 105 -21.68 0.62 -44.52
C LYS B 105 -20.90 1.73 -43.83
N LYS B 106 -21.16 1.93 -42.54
CA LYS B 106 -20.46 2.95 -41.73
C LYS B 106 -18.99 3.12 -42.13
N ARG B 107 -18.28 2.01 -42.31
CA ARG B 107 -16.89 2.04 -42.70
C ARG B 107 -16.71 2.66 -44.07
N ALA B 108 -17.82 2.83 -44.77
CA ALA B 108 -17.77 3.42 -46.09
C ALA B 108 -17.96 4.93 -45.96
N THR B 109 -18.66 5.35 -44.93
CA THR B 109 -18.96 6.77 -44.72
C THR B 109 -17.83 7.55 -44.02
N ILE B 110 -16.60 7.11 -44.24
CA ILE B 110 -15.42 7.73 -43.61
C ILE B 110 -14.77 8.84 -44.42
N GLY B 111 -14.73 10.04 -43.85
CA GLY B 111 -14.11 11.18 -44.53
C GLY B 111 -12.61 11.21 -44.35
N ARG B 112 -11.91 12.05 -45.11
CA ARG B 112 -10.45 12.17 -45.01
C ARG B 112 -9.95 13.61 -45.09
N ILE B 113 -9.13 14.02 -44.14
CA ILE B 113 -8.59 15.38 -44.15
C ILE B 113 -7.21 15.28 -44.77
N SER B 114 -6.84 16.28 -45.55
CA SER B 114 -5.53 16.29 -46.18
C SER B 114 -4.57 17.02 -45.28
N THR B 115 -3.34 16.51 -45.19
CA THR B 115 -2.34 17.11 -44.34
C THR B 115 -1.80 18.40 -44.97
N GLY B 116 -2.14 18.61 -46.23
CA GLY B 116 -1.64 19.78 -46.94
C GLY B 116 -0.30 19.42 -47.56
N SER B 117 -0.08 18.11 -47.75
CA SER B 117 1.15 17.59 -48.35
C SER B 117 0.86 16.28 -49.10
N LYS B 118 0.83 16.34 -50.43
CA LYS B 118 0.55 15.16 -51.21
C LYS B 118 1.43 13.97 -50.82
N SER B 119 2.66 14.25 -50.39
CA SER B 119 3.59 13.19 -50.00
C SER B 119 3.11 12.43 -48.77
N LEU B 120 2.72 13.16 -47.72
CA LEU B 120 2.23 12.55 -46.50
C LEU B 120 0.93 11.82 -46.80
N ASP B 121 0.05 12.50 -47.53
CA ASP B 121 -1.26 11.96 -47.90
C ASP B 121 -1.20 10.60 -48.61
N LYS B 122 -0.11 10.36 -49.32
CA LYS B 122 0.08 9.10 -50.03
C LYS B 122 0.34 8.00 -49.00
N LEU B 123 1.22 8.32 -48.06
CA LEU B 123 1.56 7.38 -47.00
C LEU B 123 0.33 7.10 -46.15
N LEU B 124 -0.44 8.17 -45.89
CA LEU B 124 -1.65 8.10 -45.10
C LEU B 124 -2.83 7.60 -45.91
N GLY B 125 -2.63 7.50 -47.22
CA GLY B 125 -3.67 7.02 -48.10
C GLY B 125 -4.88 7.94 -48.11
N GLY B 126 -4.65 9.18 -48.53
CA GLY B 126 -5.75 10.12 -48.55
C GLY B 126 -5.46 11.16 -47.51
N GLY B 127 -5.39 10.71 -46.26
CA GLY B 127 -5.11 11.60 -45.15
C GLY B 127 -5.60 10.98 -43.85
N ILE B 128 -5.60 11.76 -42.77
CA ILE B 128 -6.08 11.22 -41.52
C ILE B 128 -7.59 11.05 -41.68
N GLU B 129 -8.09 9.89 -41.26
CA GLU B 129 -9.51 9.62 -41.40
C GLU B 129 -10.38 9.92 -40.19
N THR B 130 -11.68 10.00 -40.42
CA THR B 130 -12.65 10.27 -39.37
C THR B 130 -12.96 8.92 -38.76
N GLN B 131 -13.71 8.92 -37.65
CA GLN B 131 -14.05 7.70 -36.96
C GLN B 131 -12.76 6.99 -36.52
N ALA B 132 -11.71 7.78 -36.31
CA ALA B 132 -10.43 7.22 -35.92
C ALA B 132 -9.55 8.20 -35.12
N ILE B 133 -8.59 7.65 -34.36
CA ILE B 133 -7.68 8.49 -33.60
C ILE B 133 -6.33 8.36 -34.30
N THR B 134 -5.80 9.47 -34.77
CA THR B 134 -4.49 9.41 -35.41
C THR B 134 -3.52 10.06 -34.46
N GLU B 135 -2.49 9.31 -34.07
CA GLU B 135 -1.50 9.81 -33.16
C GLU B 135 -0.22 10.06 -33.91
N VAL B 136 0.29 11.28 -33.75
CA VAL B 136 1.52 11.67 -34.39
C VAL B 136 2.48 11.89 -33.23
N PHE B 137 3.66 11.27 -33.29
CA PHE B 137 4.61 11.44 -32.21
C PHE B 137 6.03 11.65 -32.74
N GLY B 138 6.83 12.39 -31.99
CA GLY B 138 8.19 12.67 -32.38
C GLY B 138 8.83 13.63 -31.39
N GLU B 139 10.12 13.88 -31.55
CA GLU B 139 10.84 14.77 -30.66
C GLU B 139 10.29 16.18 -30.72
N PHE B 140 10.59 16.98 -29.71
CA PHE B 140 10.12 18.34 -29.70
C PHE B 140 10.60 18.99 -30.97
N GLY B 141 9.74 19.77 -31.62
CA GLY B 141 10.13 20.44 -32.85
C GLY B 141 10.05 19.59 -34.10
N SER B 142 9.50 18.39 -34.00
CA SER B 142 9.37 17.53 -35.18
C SER B 142 8.19 18.03 -36.02
N GLY B 143 7.63 19.16 -35.59
CA GLY B 143 6.51 19.77 -36.30
C GLY B 143 5.12 19.17 -36.19
N LYS B 144 4.89 18.37 -35.16
CA LYS B 144 3.56 17.78 -35.05
C LYS B 144 2.49 18.80 -34.68
N THR B 145 2.89 19.94 -34.11
CA THR B 145 1.93 20.99 -33.76
C THR B 145 1.61 21.82 -35.02
N GLN B 146 2.53 21.83 -35.97
CA GLN B 146 2.29 22.54 -37.21
C GLN B 146 1.25 21.73 -37.95
N LEU B 147 1.52 20.43 -38.04
CA LEU B 147 0.63 19.51 -38.72
C LEU B 147 -0.78 19.71 -38.19
N ALA B 148 -0.88 19.91 -36.89
CA ALA B 148 -2.17 20.11 -36.25
C ALA B 148 -2.80 21.37 -36.81
N HIS B 149 -2.04 22.46 -36.84
CA HIS B 149 -2.56 23.74 -37.34
C HIS B 149 -3.00 23.65 -38.79
N THR B 150 -2.22 22.98 -39.60
CA THR B 150 -2.57 22.82 -40.99
C THR B 150 -3.91 22.10 -41.06
N LEU B 151 -3.99 20.93 -40.46
CA LEU B 151 -5.24 20.17 -40.46
C LEU B 151 -6.42 21.01 -40.03
N ALA B 152 -6.19 21.97 -39.14
CA ALA B 152 -7.28 22.81 -38.65
C ALA B 152 -7.79 23.74 -39.74
N VAL B 153 -7.02 23.85 -40.82
CA VAL B 153 -7.40 24.68 -41.96
C VAL B 153 -8.05 23.76 -43.00
N VAL B 155 -9.37 20.80 -43.11
CA VAL B 155 -10.70 20.27 -42.80
C VAL B 155 -11.83 21.26 -43.12
N GLN B 156 -11.52 22.55 -43.17
CA GLN B 156 -12.54 23.55 -43.44
C GLN B 156 -12.91 23.68 -44.92
N LEU B 157 -11.95 23.45 -45.80
CA LEU B 157 -12.24 23.56 -47.22
C LEU B 157 -12.98 22.34 -47.77
N PRO B 158 -13.60 22.48 -48.95
CA PRO B 158 -14.37 21.43 -49.64
C PRO B 158 -13.63 20.11 -49.88
N PRO B 159 -14.38 19.01 -49.99
CA PRO B 159 -13.86 17.66 -50.23
C PRO B 159 -12.85 17.55 -51.36
N GLU B 160 -13.17 18.14 -52.51
CA GLU B 160 -12.26 18.09 -53.66
C GLU B 160 -11.00 18.89 -53.35
N GLU B 161 -11.14 19.82 -52.40
CA GLU B 161 -10.03 20.66 -51.98
C GLU B 161 -9.14 19.88 -51.01
N GLY B 162 -9.69 18.79 -50.47
CA GLY B 162 -8.94 17.94 -49.56
C GLY B 162 -9.40 18.06 -48.11
N GLY B 163 -10.68 18.40 -47.94
CA GLY B 163 -11.23 18.56 -46.61
C GLY B 163 -12.61 17.95 -46.49
N LEU B 164 -13.44 18.49 -45.58
CA LEU B 164 -14.77 17.97 -45.38
C LEU B 164 -15.73 19.06 -44.92
N ASN B 165 -15.41 20.32 -45.20
CA ASN B 165 -16.26 21.43 -44.81
C ASN B 165 -16.72 21.28 -43.36
N GLY B 166 -15.76 21.22 -42.44
CA GLY B 166 -16.13 21.07 -41.05
C GLY B 166 -15.46 22.00 -40.06
N SER B 167 -15.98 22.03 -38.83
CA SER B 167 -15.45 22.85 -37.75
C SER B 167 -14.35 22.09 -37.02
N VAL B 168 -13.74 22.75 -36.03
CA VAL B 168 -12.67 22.15 -35.26
C VAL B 168 -12.72 22.40 -33.76
N ILE B 169 -12.51 21.33 -32.98
CA ILE B 169 -12.46 21.42 -31.53
C ILE B 169 -10.99 21.18 -31.18
N TRP B 170 -10.39 22.13 -30.47
CA TRP B 170 -8.96 22.04 -30.13
C TRP B 170 -8.69 22.10 -28.62
N ILE B 171 -8.18 20.99 -28.06
CA ILE B 171 -7.84 20.94 -26.63
C ILE B 171 -6.34 21.20 -26.55
N ASP B 172 -5.98 22.38 -26.03
CA ASP B 172 -4.60 22.78 -25.91
C ASP B 172 -4.07 22.60 -24.50
N THR B 173 -3.06 21.76 -24.34
CA THR B 173 -2.49 21.50 -23.03
C THR B 173 -1.12 22.12 -22.80
N GLU B 174 -0.42 22.49 -23.87
CA GLU B 174 0.90 23.09 -23.71
C GLU B 174 0.93 24.54 -24.13
N ASN B 175 -0.24 25.17 -24.21
CA ASN B 175 -0.35 26.57 -24.63
C ASN B 175 0.34 26.81 -25.97
N THR B 176 0.16 25.90 -26.93
CA THR B 176 0.80 26.03 -28.22
C THR B 176 -0.11 26.35 -29.40
N PHE B 177 -1.38 26.65 -29.14
CA PHE B 177 -2.28 26.97 -30.22
C PHE B 177 -2.20 28.43 -30.56
N ARG B 178 -1.73 28.71 -31.76
CA ARG B 178 -1.61 30.09 -32.23
C ARG B 178 -2.64 30.39 -33.32
N PRO B 179 -3.76 31.05 -32.97
CA PRO B 179 -4.73 31.34 -34.03
C PRO B 179 -4.05 32.19 -35.10
N GLU B 180 -3.13 33.05 -34.65
CA GLU B 180 -2.36 33.91 -35.54
C GLU B 180 -1.62 33.02 -36.54
N ARG B 181 -1.10 31.89 -36.06
CA ARG B 181 -0.36 30.93 -36.88
C ARG B 181 -1.29 30.22 -37.84
N ILE B 182 -2.57 30.25 -37.50
CA ILE B 182 -3.58 29.62 -38.33
C ILE B 182 -4.03 30.66 -39.31
N ARG B 183 -4.50 31.78 -38.79
CA ARG B 183 -4.97 32.87 -39.63
C ARG B 183 -4.05 32.96 -40.83
N GLU B 184 -2.74 33.03 -40.56
CA GLU B 184 -1.71 33.12 -41.60
C GLU B 184 -1.86 32.02 -42.64
N ILE B 185 -1.96 30.77 -42.19
CA ILE B 185 -2.08 29.63 -43.07
C ILE B 185 -3.21 29.75 -44.10
N ALA B 186 -4.39 30.21 -43.65
CA ALA B 186 -5.53 30.36 -44.56
C ALA B 186 -5.26 31.36 -45.69
N GLN B 187 -4.87 32.59 -45.33
CA GLN B 187 -4.60 33.60 -46.34
C GLN B 187 -3.56 33.09 -47.32
N ASN B 188 -2.38 32.71 -46.83
CA ASN B 188 -1.33 32.19 -47.69
C ASN B 188 -1.78 30.93 -48.42
N ARG B 189 -3.07 30.63 -48.33
CA ARG B 189 -3.62 29.46 -48.99
C ARG B 189 -4.90 29.84 -49.71
N GLY B 190 -5.08 31.15 -49.91
CA GLY B 190 -6.26 31.65 -50.61
C GLY B 190 -7.56 31.70 -49.84
N LEU B 191 -7.53 31.36 -48.56
CA LEU B 191 -8.74 31.38 -47.76
C LEU B 191 -8.83 32.61 -46.87
N ASP B 192 -10.06 33.01 -46.55
CA ASP B 192 -10.28 34.18 -45.69
C ASP B 192 -9.88 33.92 -44.25
N PRO B 193 -8.68 34.38 -43.86
CA PRO B 193 -8.22 34.16 -42.48
C PRO B 193 -9.29 34.45 -41.42
N ASP B 194 -10.01 35.55 -41.58
CA ASP B 194 -11.04 35.91 -40.60
C ASP B 194 -12.27 35.01 -40.60
N GLU B 195 -12.39 34.19 -41.64
CA GLU B 195 -13.51 33.25 -41.78
C GLU B 195 -13.12 31.95 -41.10
N VAL B 196 -11.93 31.47 -41.44
CA VAL B 196 -11.36 30.26 -40.90
C VAL B 196 -11.48 30.21 -39.37
N LEU B 197 -11.06 31.30 -38.73
CA LEU B 197 -11.09 31.40 -37.27
C LEU B 197 -12.47 31.46 -36.67
N LYS B 198 -13.49 31.20 -37.47
CA LYS B 198 -14.85 31.22 -36.96
C LYS B 198 -15.34 29.78 -36.82
N HIS B 199 -14.47 28.83 -37.18
CA HIS B 199 -14.81 27.42 -37.13
C HIS B 199 -13.81 26.54 -36.38
N ILE B 200 -13.14 27.15 -35.43
CA ILE B 200 -12.17 26.46 -34.58
C ILE B 200 -12.50 26.90 -33.17
N TYR B 201 -12.68 25.95 -32.26
CA TYR B 201 -13.00 26.28 -30.88
C TYR B 201 -11.95 25.65 -29.95
N VAL B 202 -11.26 26.49 -29.19
CA VAL B 202 -10.23 25.98 -28.28
C VAL B 202 -10.55 26.03 -26.81
N ALA B 203 -9.78 25.24 -26.07
CA ALA B 203 -9.89 25.17 -24.61
C ALA B 203 -8.50 24.80 -24.13
N ARG B 204 -8.03 25.56 -23.14
CA ARG B 204 -6.73 25.34 -22.55
C ARG B 204 -6.91 24.33 -21.44
N ALA B 205 -6.16 23.24 -21.48
CA ALA B 205 -6.23 22.20 -20.46
C ALA B 205 -5.04 22.41 -19.53
N PHE B 206 -5.30 22.73 -18.28
CA PHE B 206 -4.22 22.99 -17.33
C PHE B 206 -3.60 21.79 -16.58
N ASN B 207 -4.21 20.60 -16.69
CA ASN B 207 -3.71 19.38 -16.06
C ASN B 207 -4.54 18.20 -16.58
N SER B 208 -4.16 16.97 -16.22
CA SER B 208 -4.84 15.75 -16.65
C SER B 208 -6.33 15.80 -16.45
N ASN B 209 -6.74 16.09 -15.23
CA ASN B 209 -8.17 16.09 -14.95
C ASN B 209 -8.88 17.08 -15.81
N HIS B 210 -8.32 18.27 -15.93
CA HIS B 210 -8.94 19.29 -16.76
C HIS B 210 -9.10 18.75 -18.18
N GLN B 211 -8.00 18.25 -18.70
CA GLN B 211 -7.96 17.70 -20.03
C GLN B 211 -9.08 16.70 -20.23
N LEU B 213 -11.69 16.31 -18.64
CA LEU B 213 -12.96 17.00 -18.51
C LEU B 213 -13.36 17.53 -19.86
N LEU B 214 -12.56 18.45 -20.36
CA LEU B 214 -12.79 19.09 -21.65
C LEU B 214 -13.28 18.21 -22.77
N VAL B 215 -12.75 17.00 -22.87
CA VAL B 215 -13.17 16.11 -23.95
C VAL B 215 -14.64 15.72 -23.78
N GLN B 216 -15.02 15.41 -22.55
CA GLN B 216 -16.39 15.03 -22.28
C GLN B 216 -17.28 16.21 -22.53
N GLN B 217 -16.78 17.41 -22.28
CA GLN B 217 -17.57 18.60 -22.49
C GLN B 217 -17.51 19.04 -23.93
N ALA B 218 -16.61 18.45 -24.70
CA ALA B 218 -16.49 18.80 -26.11
C ALA B 218 -17.72 18.24 -26.81
N GLU B 219 -18.33 17.22 -26.20
CA GLU B 219 -19.49 16.61 -26.79
C GLU B 219 -20.60 17.64 -26.88
N ASP B 220 -20.82 18.38 -25.81
CA ASP B 220 -21.85 19.40 -25.86
C ASP B 220 -21.74 20.20 -27.17
N LYS B 221 -20.55 20.75 -27.42
CA LYS B 221 -20.30 21.53 -28.63
C LYS B 221 -20.52 20.69 -29.89
N ILE B 222 -19.81 19.58 -30.00
CA ILE B 222 -19.97 18.71 -31.17
C ILE B 222 -21.44 18.60 -31.50
N LYS B 223 -22.26 18.35 -30.48
CA LYS B 223 -23.73 18.23 -30.65
C LYS B 223 -24.27 19.46 -31.33
N GLU B 224 -24.22 20.59 -30.63
CA GLU B 224 -24.73 21.85 -31.15
C GLU B 224 -24.43 21.96 -32.63
N LEU B 225 -23.14 22.08 -32.96
CA LEU B 225 -22.70 22.19 -34.35
C LEU B 225 -23.08 21.00 -35.22
N LEU B 226 -23.48 19.89 -34.61
CA LEU B 226 -23.83 18.68 -35.36
C LEU B 226 -24.75 18.95 -36.56
N ASN B 227 -25.85 19.64 -36.30
CA ASN B 227 -26.81 19.97 -37.35
C ASN B 227 -26.48 21.36 -37.88
N THR B 228 -25.40 21.45 -38.65
CA THR B 228 -24.93 22.71 -39.21
C THR B 228 -24.24 22.46 -40.54
N ASP B 229 -24.17 23.50 -41.36
CA ASP B 229 -23.51 23.40 -42.67
C ASP B 229 -22.02 23.08 -42.51
N ARG B 230 -21.56 23.15 -41.27
CA ARG B 230 -20.16 22.88 -40.92
C ARG B 230 -20.06 22.26 -39.54
N PRO B 231 -20.31 20.94 -39.44
CA PRO B 231 -20.25 20.21 -38.17
C PRO B 231 -18.79 20.02 -37.78
N VAL B 232 -18.56 19.51 -36.58
CA VAL B 232 -17.21 19.27 -36.14
C VAL B 232 -16.71 18.04 -36.88
N LYS B 233 -15.52 18.15 -37.45
CA LYS B 233 -14.95 17.03 -38.20
C LYS B 233 -13.53 16.74 -37.75
N LEU B 234 -12.95 17.68 -37.01
CA LEU B 234 -11.60 17.52 -36.50
C LEU B 234 -11.53 17.85 -35.02
N LEU B 235 -10.99 16.93 -34.23
CA LEU B 235 -10.85 17.19 -32.80
C LEU B 235 -9.37 16.98 -32.46
N ILE B 236 -8.72 18.07 -32.06
CA ILE B 236 -7.31 18.01 -31.72
C ILE B 236 -6.99 17.98 -30.22
N VAL B 237 -6.03 17.14 -29.85
CA VAL B 237 -5.57 17.08 -28.46
C VAL B 237 -4.06 17.19 -28.57
N ASP B 238 -3.55 18.38 -28.25
CA ASP B 238 -2.13 18.66 -28.34
C ASP B 238 -1.74 19.45 -27.12
N SER B 239 -0.96 18.85 -26.22
CA SER B 239 -0.47 17.48 -26.34
C SER B 239 -1.40 16.53 -25.58
N LEU B 240 -1.50 15.30 -26.05
CA LEU B 240 -2.35 14.30 -25.41
C LEU B 240 -1.73 13.68 -24.13
N THR B 241 -0.41 13.48 -24.17
CA THR B 241 0.34 12.84 -23.09
C THR B 241 1.08 13.75 -22.12
N SER B 242 1.37 14.97 -22.56
CA SER B 242 2.06 15.96 -21.73
C SER B 242 1.78 15.85 -20.23
N HIS B 243 0.55 16.19 -19.84
CA HIS B 243 0.15 16.16 -18.43
C HIS B 243 0.19 14.79 -17.78
N PHE B 244 -0.20 13.77 -18.51
CA PHE B 244 -0.19 12.46 -17.90
C PHE B 244 1.19 12.05 -17.47
N ARG B 245 2.20 12.31 -18.31
CA ARG B 245 3.55 11.90 -17.95
C ARG B 245 4.25 12.80 -16.93
N SER B 246 3.54 13.81 -16.42
CA SER B 246 4.12 14.69 -15.43
C SER B 246 3.44 14.53 -14.09
N GLU B 247 2.17 14.18 -14.12
CA GLU B 247 1.43 14.05 -12.88
C GLU B 247 1.57 12.67 -12.32
N TYR B 248 1.90 11.71 -13.17
CA TYR B 248 2.02 10.33 -12.70
C TYR B 248 3.43 9.80 -12.76
N ILE B 249 4.20 9.99 -11.69
CA ILE B 249 5.57 9.48 -11.68
C ILE B 249 5.94 8.75 -10.39
N GLY B 250 5.09 8.79 -9.38
CA GLY B 250 5.41 8.12 -8.12
C GLY B 250 5.30 6.59 -8.09
N ARG B 251 5.03 6.06 -6.91
CA ARG B 251 4.87 4.63 -6.72
C ARG B 251 3.52 4.22 -7.27
N GLY B 252 3.43 2.99 -7.78
CA GLY B 252 2.18 2.50 -8.32
C GLY B 252 1.38 3.51 -9.13
N ALA B 253 2.03 4.58 -9.57
CA ALA B 253 1.34 5.60 -10.35
C ALA B 253 1.19 5.17 -11.80
N LEU B 254 2.18 4.44 -12.29
CA LEU B 254 2.16 3.98 -13.66
C LEU B 254 0.89 3.23 -14.01
N ALA B 255 0.33 2.48 -13.07
CA ALA B 255 -0.88 1.75 -13.39
C ALA B 255 -2.04 2.74 -13.50
N GLU B 256 -2.14 3.63 -12.53
CA GLU B 256 -3.22 4.61 -12.55
C GLU B 256 -3.12 5.47 -13.80
N ARG B 257 -1.91 5.62 -14.32
CA ARG B 257 -1.78 6.46 -15.49
C ARG B 257 -2.38 5.84 -16.71
N GLN B 258 -2.36 4.51 -16.79
CA GLN B 258 -2.91 3.81 -17.93
C GLN B 258 -4.43 3.70 -17.84
N GLN B 259 -4.94 3.54 -16.63
CA GLN B 259 -6.38 3.43 -16.44
C GLN B 259 -6.97 4.76 -16.87
N LYS B 260 -6.39 5.86 -16.42
CA LYS B 260 -6.90 7.17 -16.80
C LYS B 260 -6.66 7.47 -18.27
N LEU B 261 -5.45 7.19 -18.73
CA LEU B 261 -5.08 7.42 -20.11
C LEU B 261 -6.11 6.71 -20.97
N ALA B 262 -6.38 5.46 -20.63
CA ALA B 262 -7.34 4.68 -21.38
C ALA B 262 -8.79 5.19 -21.26
N LYS B 263 -9.23 5.61 -20.09
CA LYS B 263 -10.59 6.10 -20.04
C LYS B 263 -10.66 7.30 -21.00
N HIS B 264 -9.59 8.08 -21.05
CA HIS B 264 -9.55 9.25 -21.90
C HIS B 264 -9.64 8.83 -23.35
N LEU B 265 -8.69 8.00 -23.80
CA LEU B 265 -8.69 7.53 -25.17
C LEU B 265 -10.03 6.94 -25.55
N ALA B 266 -10.63 6.17 -24.66
CA ALA B 266 -11.93 5.60 -24.97
C ALA B 266 -12.95 6.72 -25.16
N ASP B 267 -12.83 7.80 -24.40
CA ASP B 267 -13.76 8.91 -24.54
C ASP B 267 -13.64 9.54 -25.92
N LEU B 268 -12.43 9.55 -26.47
CA LEU B 268 -12.18 10.11 -27.78
C LEU B 268 -12.71 9.17 -28.87
N HIS B 269 -12.40 7.88 -28.73
CA HIS B 269 -12.85 6.88 -29.70
C HIS B 269 -14.36 7.00 -29.84
N ARG B 270 -15.06 7.10 -28.72
CA ARG B 270 -16.50 7.22 -28.78
C ARG B 270 -16.88 8.39 -29.65
N LEU B 271 -16.41 9.59 -29.31
CA LEU B 271 -16.74 10.78 -30.10
C LEU B 271 -16.40 10.58 -31.58
N ALA B 272 -15.23 10.01 -31.85
CA ALA B 272 -14.80 9.80 -33.21
C ALA B 272 -15.83 9.03 -34.05
N ASN B 273 -16.34 7.94 -33.48
CA ASN B 273 -17.32 7.11 -34.17
C ASN B 273 -18.75 7.62 -34.03
N LEU B 274 -19.12 8.01 -32.83
CA LEU B 274 -20.45 8.52 -32.61
C LEU B 274 -20.76 9.71 -33.54
N TYR B 275 -19.74 10.46 -33.96
CA TYR B 275 -19.97 11.64 -34.79
C TYR B 275 -19.09 11.79 -36.04
N ASP B 276 -18.57 10.67 -36.54
CA ASP B 276 -17.73 10.69 -37.74
C ASP B 276 -16.69 11.81 -37.67
N ILE B 277 -16.05 11.93 -36.52
CA ILE B 277 -15.03 12.96 -36.33
C ILE B 277 -13.65 12.37 -36.43
N ALA B 278 -12.70 13.14 -36.93
CA ALA B 278 -11.34 12.66 -37.00
C ALA B 278 -10.66 13.21 -35.75
N VAL B 279 -10.03 12.33 -34.99
CA VAL B 279 -9.34 12.72 -33.77
C VAL B 279 -7.83 12.67 -33.97
N PHE B 280 -7.19 13.84 -33.84
CA PHE B 280 -5.76 13.98 -34.02
C PHE B 280 -5.10 14.28 -32.67
N VAL B 281 -4.11 13.48 -32.29
CA VAL B 281 -3.46 13.69 -31.01
C VAL B 281 -1.95 13.68 -31.17
N THR B 282 -1.25 14.51 -30.40
CA THR B 282 0.20 14.59 -30.49
C THR B 282 0.82 14.03 -29.22
N ASN B 283 2.02 13.50 -29.38
CA ASN B 283 2.71 12.89 -28.26
C ASN B 283 4.20 13.14 -28.37
N GLN B 284 4.74 13.97 -27.49
CA GLN B 284 6.16 14.25 -27.53
C GLN B 284 6.92 13.03 -27.03
N VAL B 285 7.96 12.64 -27.75
CA VAL B 285 8.72 11.47 -27.36
C VAL B 285 10.22 11.73 -27.32
N GLN B 286 10.81 11.44 -26.17
CA GLN B 286 12.25 11.64 -25.93
C GLN B 286 12.66 13.11 -25.97
N GLY B 302 6.55 5.96 -18.12
CA GLY B 302 7.14 6.63 -19.32
C GLY B 302 6.86 5.93 -20.64
N HIS B 303 7.55 6.34 -21.70
CA HIS B 303 7.37 5.77 -23.03
C HIS B 303 5.88 5.70 -23.27
N ILE B 304 5.16 6.59 -22.59
CA ILE B 304 3.71 6.65 -22.67
C ILE B 304 3.28 6.89 -24.10
N LEU B 305 2.23 6.19 -24.51
CA LEU B 305 1.70 6.33 -25.86
C LEU B 305 0.21 6.04 -25.92
N ALA B 306 -0.38 6.26 -27.08
CA ALA B 306 -1.79 5.98 -27.27
C ALA B 306 -1.85 4.55 -27.83
N HIS B 307 -1.92 3.58 -26.92
CA HIS B 307 -1.96 2.17 -27.31
C HIS B 307 -3.20 1.87 -28.11
N SER B 308 -4.13 2.80 -28.09
CA SER B 308 -5.39 2.62 -28.77
C SER B 308 -5.58 3.38 -30.07
N ALA B 309 -4.69 4.34 -30.36
CA ALA B 309 -4.81 5.12 -31.58
C ALA B 309 -4.89 4.23 -32.81
N THR B 310 -5.94 4.47 -33.58
CA THR B 310 -6.23 3.74 -34.81
C THR B 310 -5.05 3.70 -35.75
N LEU B 311 -4.22 4.75 -35.69
CA LEU B 311 -3.03 4.86 -36.53
C LEU B 311 -1.98 5.73 -35.85
N ARG B 312 -0.75 5.24 -35.83
CA ARG B 312 0.34 5.97 -35.19
C ARG B 312 1.38 6.34 -36.24
N VAL B 313 1.60 7.65 -36.39
CA VAL B 313 2.57 8.18 -37.35
C VAL B 313 3.74 8.80 -36.62
N TYR B 314 4.94 8.37 -36.98
CA TYR B 314 6.14 8.89 -36.35
C TYR B 314 6.81 9.88 -37.27
N LEU B 315 7.24 11.00 -36.73
CA LEU B 315 7.92 11.98 -37.55
C LEU B 315 9.10 12.63 -36.84
N ARG B 316 10.16 12.89 -37.61
CA ARG B 316 11.36 13.48 -37.06
C ARG B 316 11.87 14.58 -37.98
N LYS B 317 12.77 15.39 -37.43
CA LYS B 317 13.40 16.49 -38.17
C LYS B 317 14.36 15.84 -39.16
N GLY B 318 14.30 16.25 -40.43
CA GLY B 318 15.17 15.66 -41.43
C GLY B 318 15.89 16.62 -42.35
N LYS B 319 16.96 16.10 -42.96
CA LYS B 319 17.80 16.85 -43.89
C LYS B 319 17.83 18.37 -43.68
N GLY B 320 17.65 19.12 -44.76
CA GLY B 320 17.70 20.57 -44.69
C GLY B 320 16.41 21.28 -44.33
N GLY B 321 16.23 21.51 -43.02
CA GLY B 321 15.04 22.20 -42.54
C GLY B 321 13.76 21.57 -43.04
N LYS B 322 13.64 20.26 -42.86
CA LYS B 322 12.43 19.54 -43.28
C LYS B 322 12.09 18.47 -42.26
N ARG B 323 11.03 17.73 -42.54
CA ARG B 323 10.61 16.66 -41.63
C ARG B 323 10.20 15.40 -42.40
N ILE B 324 10.60 14.25 -41.88
CA ILE B 324 10.28 12.98 -42.52
C ILE B 324 9.28 12.12 -41.73
N ALA B 325 8.17 11.79 -42.38
CA ALA B 325 7.08 11.00 -41.80
C ALA B 325 7.14 9.51 -42.14
N ARG B 326 6.78 8.68 -41.18
CA ARG B 326 6.77 7.24 -41.37
C ARG B 326 5.64 6.65 -40.52
N LEU B 327 5.15 5.47 -40.90
CA LEU B 327 4.10 4.81 -40.14
C LEU B 327 4.73 3.71 -39.30
N ILE B 328 4.37 3.66 -38.02
CA ILE B 328 4.91 2.63 -37.14
C ILE B 328 3.86 1.55 -37.18
N ASP B 329 4.06 0.58 -38.08
CA ASP B 329 3.12 -0.52 -38.28
C ASP B 329 3.50 -1.40 -39.47
N ALA B 330 2.50 -1.67 -40.30
CA ALA B 330 2.61 -2.49 -41.50
C ALA B 330 1.21 -2.92 -42.04
N PRO B 331 0.13 -2.75 -41.24
CA PRO B 331 -1.22 -3.13 -41.70
C PRO B 331 -1.90 -1.97 -42.40
N HIS B 332 -2.47 -2.21 -43.58
CA HIS B 332 -3.14 -1.15 -44.32
C HIS B 332 -2.08 -0.10 -44.64
N LEU B 333 -2.32 0.70 -45.68
CA LEU B 333 -1.38 1.75 -46.07
C LEU B 333 0.04 1.23 -46.37
N PRO B 334 0.85 2.04 -47.08
CA PRO B 334 2.23 1.71 -47.47
C PRO B 334 3.24 1.49 -46.35
N GLU B 335 4.51 1.44 -46.72
CA GLU B 335 5.60 1.24 -45.77
C GLU B 335 6.80 2.14 -46.06
N GLY B 336 6.59 3.16 -46.88
CA GLY B 336 7.65 4.08 -47.22
C GLY B 336 7.55 5.37 -46.42
N GLU B 337 8.64 6.11 -46.36
CA GLU B 337 8.66 7.36 -45.61
C GLU B 337 8.14 8.51 -46.48
N ALA B 338 7.80 9.62 -45.83
CA ALA B 338 7.30 10.78 -46.54
C ALA B 338 7.99 12.04 -46.03
N VAL B 339 8.49 12.84 -46.96
CA VAL B 339 9.16 14.08 -46.57
C VAL B 339 8.26 15.26 -46.89
N PHE B 340 8.40 16.33 -46.12
CA PHE B 340 7.62 17.54 -46.32
C PHE B 340 8.31 18.69 -45.61
N SER B 341 7.71 19.88 -45.66
CA SER B 341 8.31 21.03 -45.00
C SER B 341 7.30 21.95 -44.33
N ILE B 342 7.81 22.82 -43.48
CA ILE B 342 6.96 23.75 -42.76
C ILE B 342 7.14 25.11 -43.42
N THR B 343 6.04 25.71 -43.86
CA THR B 343 6.07 27.01 -44.52
C THR B 343 4.73 27.66 -44.28
N GLU B 344 4.42 28.72 -45.02
CA GLU B 344 3.11 29.34 -44.88
C GLU B 344 2.30 28.20 -45.47
N LYS B 345 0.99 28.18 -45.24
CA LYS B 345 0.17 27.09 -45.75
C LYS B 345 0.42 25.91 -44.82
N GLY B 346 1.31 26.13 -43.84
CA GLY B 346 1.64 25.09 -42.88
C GLY B 346 2.57 24.02 -43.42
N ILE B 347 1.99 22.90 -43.81
CA ILE B 347 2.74 21.79 -44.35
C ILE B 347 2.57 21.71 -45.86
N GLU B 348 3.64 21.37 -46.57
CA GLU B 348 3.62 21.26 -48.02
C GLU B 348 3.99 19.84 -48.48
N ASP B 349 3.53 19.47 -49.68
CA ASP B 349 3.79 18.15 -50.25
C ASP B 349 5.27 17.79 -50.41
N THR C 96 -25.27 -25.75 -11.00
CA THR C 96 -24.75 -26.91 -10.21
C THR C 96 -23.95 -27.88 -11.09
N PHE C 97 -24.22 -29.16 -10.95
CA PHE C 97 -23.51 -30.19 -11.71
C PHE C 97 -24.37 -30.83 -12.78
N ARG C 99 -25.23 -34.92 -14.60
CA ARG C 99 -25.01 -36.36 -14.62
C ARG C 99 -24.03 -36.73 -15.72
N ALA C 100 -22.94 -37.40 -15.35
CA ALA C 100 -21.89 -37.80 -16.29
C ALA C 100 -22.38 -38.28 -17.63
N ASP C 101 -23.56 -38.88 -17.65
CA ASP C 101 -24.15 -39.37 -18.89
C ASP C 101 -24.64 -38.20 -19.74
N GLU C 102 -25.44 -37.34 -19.12
CA GLU C 102 -25.97 -36.19 -19.78
C GLU C 102 -24.82 -35.28 -20.26
N TYR C 103 -23.72 -35.28 -19.50
CA TYR C 103 -22.55 -34.49 -19.87
C TYR C 103 -21.96 -35.18 -21.09
N LEU C 104 -22.10 -36.51 -21.14
CA LEU C 104 -21.59 -37.26 -22.27
C LEU C 104 -22.44 -36.93 -23.53
N LYS C 105 -23.72 -36.62 -23.28
CA LYS C 105 -24.66 -36.25 -24.32
C LYS C 105 -24.29 -34.85 -24.77
N LYS C 106 -24.23 -33.92 -23.81
CA LYS C 106 -23.87 -32.54 -24.10
C LYS C 106 -22.55 -32.45 -24.88
N ARG C 107 -21.54 -33.20 -24.44
CA ARG C 107 -20.25 -33.19 -25.13
C ARG C 107 -20.33 -33.81 -26.52
N ALA C 108 -21.20 -34.81 -26.67
CA ALA C 108 -21.37 -35.49 -27.95
C ALA C 108 -21.71 -34.54 -29.08
N THR C 109 -22.36 -33.42 -28.75
CA THR C 109 -22.74 -32.43 -29.76
C THR C 109 -21.66 -31.36 -30.00
N ILE C 110 -20.39 -31.74 -29.86
CA ILE C 110 -19.29 -30.80 -30.08
C ILE C 110 -19.04 -30.64 -31.57
N GLY C 111 -19.34 -29.46 -32.09
CA GLY C 111 -19.14 -29.18 -33.50
C GLY C 111 -17.71 -28.77 -33.78
N ARG C 112 -17.34 -28.75 -35.06
CA ARG C 112 -15.99 -28.37 -35.45
C ARG C 112 -15.98 -27.43 -36.67
N ILE C 113 -15.33 -26.27 -36.55
CA ILE C 113 -15.24 -25.32 -37.66
C ILE C 113 -13.94 -25.58 -38.39
N SER C 114 -13.97 -25.48 -39.71
CA SER C 114 -12.76 -25.71 -40.49
C SER C 114 -11.99 -24.41 -40.63
N THR C 115 -10.68 -24.51 -40.61
CA THR C 115 -9.84 -23.33 -40.72
C THR C 115 -9.78 -22.86 -42.16
N GLY C 116 -10.27 -23.71 -43.07
CA GLY C 116 -10.23 -23.36 -44.47
C GLY C 116 -9.11 -24.09 -45.18
N SER C 117 -8.06 -24.47 -44.45
CA SER C 117 -6.93 -25.18 -45.07
C SER C 117 -6.84 -26.61 -44.58
N LYS C 118 -6.84 -27.55 -45.52
CA LYS C 118 -6.78 -28.98 -45.18
C LYS C 118 -5.73 -29.33 -44.14
N SER C 119 -4.48 -29.02 -44.43
CA SER C 119 -3.37 -29.31 -43.52
C SER C 119 -3.62 -28.98 -42.05
N LEU C 120 -3.77 -27.69 -41.75
CA LEU C 120 -4.00 -27.23 -40.39
C LEU C 120 -5.14 -27.99 -39.74
N ASP C 121 -6.23 -28.15 -40.49
CA ASP C 121 -7.42 -28.84 -40.00
C ASP C 121 -7.11 -30.27 -39.60
N LYS C 122 -6.00 -30.79 -40.10
CA LYS C 122 -5.58 -32.13 -39.74
C LYS C 122 -4.95 -32.02 -38.35
N LEU C 123 -4.10 -31.02 -38.19
CA LEU C 123 -3.44 -30.81 -36.90
C LEU C 123 -4.47 -30.55 -35.83
N LEU C 124 -5.58 -29.91 -36.20
CA LEU C 124 -6.65 -29.63 -35.24
C LEU C 124 -7.64 -30.79 -35.20
N GLY C 125 -7.33 -31.84 -35.96
CA GLY C 125 -8.18 -33.01 -36.02
C GLY C 125 -9.59 -32.60 -36.40
N GLY C 126 -9.68 -31.75 -37.41
CA GLY C 126 -10.99 -31.30 -37.84
C GLY C 126 -11.15 -29.80 -37.68
N GLY C 127 -10.33 -29.20 -36.80
CA GLY C 127 -10.40 -27.77 -36.60
C GLY C 127 -10.65 -27.33 -35.17
N ILE C 128 -11.15 -26.11 -35.03
CA ILE C 128 -11.43 -25.56 -33.71
C ILE C 128 -12.82 -26.01 -33.28
N GLU C 129 -12.91 -26.56 -32.07
CA GLU C 129 -14.19 -27.07 -31.57
C GLU C 129 -15.01 -26.11 -30.75
N THR C 130 -16.28 -26.43 -30.62
CA THR C 130 -17.21 -25.62 -29.85
C THR C 130 -17.06 -26.05 -28.39
N GLN C 131 -17.69 -25.32 -27.48
CA GLN C 131 -17.59 -25.62 -26.06
C GLN C 131 -16.13 -25.55 -25.65
N ALA C 132 -15.36 -24.73 -26.34
CA ALA C 132 -13.94 -24.59 -26.07
C ALA C 132 -13.39 -23.21 -26.42
N ILE C 133 -12.27 -22.85 -25.82
CA ILE C 133 -11.63 -21.59 -26.12
C ILE C 133 -10.33 -21.95 -26.85
N THR C 134 -10.21 -21.55 -28.11
CA THR C 134 -9.00 -21.83 -28.84
C THR C 134 -8.23 -20.52 -28.94
N GLU C 135 -6.99 -20.56 -28.50
CA GLU C 135 -6.16 -19.39 -28.52
C GLU C 135 -5.10 -19.58 -29.56
N VAL C 136 -4.94 -18.58 -30.41
CA VAL C 136 -3.92 -18.62 -31.42
C VAL C 136 -3.03 -17.44 -31.05
N PHE C 137 -1.72 -17.65 -31.05
CA PHE C 137 -0.80 -16.57 -30.69
C PHE C 137 0.45 -16.62 -31.54
N GLY C 138 1.04 -15.46 -31.78
CA GLY C 138 2.24 -15.39 -32.58
C GLY C 138 2.62 -13.94 -32.78
N GLU C 139 3.73 -13.69 -33.46
CA GLU C 139 4.18 -12.33 -33.70
C GLU C 139 3.18 -11.58 -34.56
N PHE C 140 3.29 -10.26 -34.57
CA PHE C 140 2.40 -9.44 -35.37
C PHE C 140 2.59 -9.89 -36.81
N GLY C 141 1.49 -10.04 -37.54
CA GLY C 141 1.60 -10.46 -38.92
C GLY C 141 1.77 -11.95 -39.12
N SER C 142 1.52 -12.74 -38.07
CA SER C 142 1.64 -14.19 -38.19
C SER C 142 0.34 -14.72 -38.76
N GLY C 143 -0.55 -13.80 -39.12
CA GLY C 143 -1.82 -14.14 -39.72
C GLY C 143 -2.96 -14.68 -38.86
N LYS C 144 -2.92 -14.42 -37.56
CA LYS C 144 -3.99 -14.92 -36.72
C LYS C 144 -5.28 -14.17 -36.93
N THR C 145 -5.21 -12.94 -37.43
CA THR C 145 -6.44 -12.17 -37.68
C THR C 145 -7.08 -12.63 -38.99
N GLN C 146 -6.27 -13.20 -39.86
CA GLN C 146 -6.77 -13.72 -41.12
C GLN C 146 -7.55 -14.97 -40.77
N LEU C 147 -6.90 -15.84 -39.99
CA LEU C 147 -7.50 -17.10 -39.54
C LEU C 147 -8.86 -16.76 -38.90
N ALA C 148 -8.91 -15.66 -38.18
CA ALA C 148 -10.15 -15.27 -37.56
C ALA C 148 -11.18 -14.99 -38.65
N HIS C 149 -10.78 -14.22 -39.68
CA HIS C 149 -11.70 -13.87 -40.76
C HIS C 149 -12.19 -15.08 -41.52
N THR C 150 -11.27 -15.99 -41.86
CA THR C 150 -11.65 -17.20 -42.55
C THR C 150 -12.73 -17.91 -41.71
N LEU C 151 -12.39 -18.21 -40.46
CA LEU C 151 -13.32 -18.88 -39.55
C LEU C 151 -14.69 -18.22 -39.52
N ALA C 152 -14.74 -16.90 -39.67
CA ALA C 152 -16.02 -16.21 -39.64
C ALA C 152 -16.87 -16.55 -40.86
N VAL C 153 -16.23 -17.12 -41.88
CA VAL C 153 -16.93 -17.53 -43.10
C VAL C 153 -17.30 -19.02 -42.99
N VAL C 155 -17.61 -21.18 -40.62
CA VAL C 155 -18.68 -21.51 -39.67
C VAL C 155 -20.08 -21.36 -40.26
N GLN C 156 -20.21 -20.48 -41.24
CA GLN C 156 -21.51 -20.23 -41.84
C GLN C 156 -21.97 -21.33 -42.81
N LEU C 157 -21.03 -21.99 -43.48
CA LEU C 157 -21.43 -23.02 -44.42
C LEU C 157 -21.80 -24.34 -43.73
N PRO C 158 -22.49 -25.24 -44.45
CA PRO C 158 -22.93 -26.53 -43.94
C PRO C 158 -21.82 -27.40 -43.39
N PRO C 159 -22.18 -28.28 -42.43
CA PRO C 159 -21.30 -29.23 -41.75
C PRO C 159 -20.43 -30.05 -42.71
N GLU C 160 -21.04 -30.56 -43.76
CA GLU C 160 -20.36 -31.38 -44.74
C GLU C 160 -19.15 -30.68 -45.37
N GLU C 161 -19.15 -29.35 -45.35
CA GLU C 161 -18.06 -28.58 -45.92
C GLU C 161 -17.00 -28.09 -44.92
N GLY C 162 -17.27 -28.24 -43.63
CA GLY C 162 -16.33 -27.80 -42.61
C GLY C 162 -16.84 -26.60 -41.82
N GLY C 163 -18.17 -26.49 -41.75
CA GLY C 163 -18.79 -25.40 -41.03
C GLY C 163 -19.90 -25.93 -40.15
N LEU C 164 -20.75 -25.05 -39.64
CA LEU C 164 -21.82 -25.48 -38.76
C LEU C 164 -23.08 -24.62 -38.85
N ASN C 165 -23.31 -24.07 -40.03
CA ASN C 165 -24.47 -23.22 -40.28
C ASN C 165 -24.77 -22.33 -39.08
N GLY C 166 -23.81 -21.48 -38.73
CA GLY C 166 -24.00 -20.60 -37.59
C GLY C 166 -23.56 -19.16 -37.79
N SER C 167 -24.01 -18.30 -36.87
CA SER C 167 -23.68 -16.88 -36.87
C SER C 167 -22.36 -16.61 -36.15
N VAL C 168 -21.94 -15.35 -36.14
CA VAL C 168 -20.71 -15.00 -35.50
C VAL C 168 -20.78 -13.71 -34.70
N ILE C 169 -20.18 -13.73 -33.50
CA ILE C 169 -20.09 -12.55 -32.62
C ILE C 169 -18.59 -12.19 -32.61
N TRP C 170 -18.27 -10.95 -33.00
CA TRP C 170 -16.88 -10.53 -33.09
C TRP C 170 -16.57 -9.32 -32.19
N ILE C 171 -15.69 -9.51 -31.21
CA ILE C 171 -15.28 -8.42 -30.33
C ILE C 171 -13.92 -7.97 -30.86
N ASP C 172 -13.88 -6.78 -31.42
CA ASP C 172 -12.67 -6.22 -32.01
C ASP C 172 -12.07 -5.17 -31.06
N THR C 173 -10.80 -5.35 -30.73
CA THR C 173 -10.15 -4.43 -29.81
C THR C 173 -9.04 -3.63 -30.46
N GLU C 174 -8.53 -4.11 -31.58
CA GLU C 174 -7.46 -3.42 -32.29
C GLU C 174 -7.94 -2.79 -33.61
N ASN C 175 -9.25 -2.67 -33.77
CA ASN C 175 -9.82 -2.11 -34.98
C ASN C 175 -9.29 -2.86 -36.22
N THR C 176 -9.25 -4.19 -36.14
CA THR C 176 -8.75 -4.97 -37.25
C THR C 176 -9.81 -5.80 -37.99
N PHE C 177 -11.09 -5.61 -37.68
CA PHE C 177 -12.11 -6.37 -38.38
C PHE C 177 -12.52 -5.68 -39.67
N ARG C 178 -12.26 -6.37 -40.78
CA ARG C 178 -12.57 -5.83 -42.09
C ARG C 178 -13.66 -6.57 -42.83
N PRO C 179 -14.91 -6.06 -42.78
CA PRO C 179 -15.98 -6.75 -43.50
C PRO C 179 -15.55 -6.90 -44.97
N GLU C 180 -14.79 -5.91 -45.46
CA GLU C 180 -14.28 -5.95 -46.81
C GLU C 180 -13.69 -7.34 -46.98
N ARG C 181 -12.74 -7.69 -46.11
CA ARG C 181 -12.08 -9.00 -46.15
C ARG C 181 -13.08 -10.14 -46.09
N ILE C 182 -14.09 -10.01 -45.24
CA ILE C 182 -15.10 -11.06 -45.14
C ILE C 182 -15.73 -11.17 -46.53
N ARG C 183 -16.34 -10.08 -46.98
CA ARG C 183 -16.96 -9.97 -48.29
C ARG C 183 -16.15 -10.70 -49.36
N GLU C 184 -14.87 -10.34 -49.46
CA GLU C 184 -13.95 -10.98 -50.40
C GLU C 184 -13.96 -12.50 -50.22
N ILE C 185 -13.55 -12.96 -49.04
CA ILE C 185 -13.52 -14.40 -48.77
C ILE C 185 -14.86 -15.02 -49.08
N ALA C 186 -15.92 -14.42 -48.57
CA ALA C 186 -17.28 -14.91 -48.78
C ALA C 186 -17.51 -15.31 -50.22
N GLN C 187 -17.71 -14.32 -51.08
CA GLN C 187 -17.95 -14.59 -52.48
C GLN C 187 -16.87 -15.49 -53.07
N ASN C 188 -15.63 -15.06 -52.97
CA ASN C 188 -14.50 -15.81 -53.51
C ASN C 188 -14.39 -17.26 -53.05
N ARG C 189 -15.29 -17.69 -52.16
CA ARG C 189 -15.28 -19.08 -51.68
C ARG C 189 -16.35 -19.86 -52.41
N GLY C 190 -17.45 -19.17 -52.72
CA GLY C 190 -18.55 -19.81 -53.41
C GLY C 190 -19.84 -19.53 -52.67
N LEU C 191 -19.85 -18.45 -51.90
CA LEU C 191 -21.03 -18.05 -51.13
C LEU C 191 -21.37 -16.57 -51.33
N ASP C 192 -22.66 -16.25 -51.27
CA ASP C 192 -23.08 -14.86 -51.43
C ASP C 192 -22.48 -13.95 -50.38
N PRO C 193 -21.46 -13.16 -50.75
CA PRO C 193 -20.85 -12.28 -49.76
C PRO C 193 -21.90 -11.44 -49.04
N ASP C 194 -22.94 -11.06 -49.76
CA ASP C 194 -23.99 -10.23 -49.15
C ASP C 194 -24.77 -10.97 -48.07
N GLU C 195 -24.70 -12.30 -48.09
CA GLU C 195 -25.41 -13.11 -47.11
C GLU C 195 -24.54 -13.25 -45.85
N VAL C 196 -23.26 -13.57 -46.06
CA VAL C 196 -22.28 -13.71 -44.98
C VAL C 196 -22.37 -12.47 -44.08
N LEU C 197 -22.18 -11.29 -44.67
CA LEU C 197 -22.24 -10.04 -43.93
C LEU C 197 -23.59 -9.81 -43.25
N LYS C 198 -24.31 -10.88 -42.98
CA LYS C 198 -25.61 -10.77 -42.32
C LYS C 198 -25.62 -11.64 -41.08
N HIS C 199 -24.61 -12.49 -40.97
CA HIS C 199 -24.51 -13.41 -39.86
C HIS C 199 -23.25 -13.22 -39.02
N ILE C 200 -22.75 -12.00 -39.02
CA ILE C 200 -21.58 -11.61 -38.27
C ILE C 200 -21.96 -10.32 -37.55
N TYR C 201 -21.73 -10.27 -36.25
CA TYR C 201 -22.07 -9.10 -35.45
C TYR C 201 -20.84 -8.63 -34.68
N VAL C 202 -20.40 -7.41 -34.96
CA VAL C 202 -19.23 -6.88 -34.30
C VAL C 202 -19.47 -5.79 -33.29
N ALA C 203 -18.45 -5.61 -32.45
CA ALA C 203 -18.43 -4.58 -31.41
C ALA C 203 -16.95 -4.19 -31.25
N ARG C 204 -16.70 -2.89 -31.23
CA ARG C 204 -15.36 -2.37 -31.06
C ARG C 204 -15.16 -2.21 -29.57
N ALA C 205 -14.10 -2.80 -29.03
CA ALA C 205 -13.78 -2.71 -27.61
C ALA C 205 -12.67 -1.68 -27.50
N PHE C 206 -12.94 -0.60 -26.76
CA PHE C 206 -11.96 0.48 -26.60
C PHE C 206 -10.96 0.40 -25.44
N ASN C 207 -11.17 -0.55 -24.53
CA ASN C 207 -10.28 -0.76 -23.41
C ASN C 207 -10.72 -2.03 -22.72
N SER C 208 -9.97 -2.48 -21.71
CA SER C 208 -10.26 -3.71 -20.95
C SER C 208 -11.66 -3.79 -20.38
N ASN C 209 -12.09 -2.76 -19.69
CA ASN C 209 -13.42 -2.82 -19.10
C ASN C 209 -14.47 -2.98 -20.19
N HIS C 210 -14.31 -2.22 -21.27
CA HIS C 210 -15.24 -2.29 -22.37
C HIS C 210 -15.29 -3.72 -22.87
N GLN C 211 -14.12 -4.25 -23.16
CA GLN C 211 -13.96 -5.60 -23.66
C GLN C 211 -14.70 -6.60 -22.80
N LEU C 213 -16.95 -6.03 -20.67
CA LEU C 213 -18.34 -5.64 -20.65
C LEU C 213 -19.11 -6.19 -21.86
N LEU C 214 -18.47 -6.19 -23.03
CA LEU C 214 -19.13 -6.69 -24.22
C LEU C 214 -19.35 -8.20 -24.15
N VAL C 215 -18.34 -8.96 -23.71
CA VAL C 215 -18.53 -10.41 -23.61
C VAL C 215 -19.68 -10.66 -22.66
N GLN C 216 -20.00 -9.67 -21.86
CA GLN C 216 -21.11 -9.84 -20.94
C GLN C 216 -22.40 -9.77 -21.77
N GLN C 217 -22.48 -8.76 -22.62
CA GLN C 217 -23.64 -8.51 -23.47
C GLN C 217 -23.84 -9.48 -24.66
N ALA C 218 -22.78 -10.15 -25.09
CA ALA C 218 -22.87 -11.10 -26.20
C ALA C 218 -23.80 -12.25 -25.90
N GLU C 219 -24.15 -12.40 -24.63
CA GLU C 219 -25.05 -13.47 -24.22
C GLU C 219 -26.39 -13.12 -24.85
N ASP C 220 -26.75 -11.84 -24.81
CA ASP C 220 -28.00 -11.37 -25.39
C ASP C 220 -28.14 -11.71 -26.87
N LYS C 221 -27.06 -11.54 -27.63
CA LYS C 221 -27.11 -11.87 -29.05
C LYS C 221 -27.08 -13.38 -29.26
N ILE C 222 -26.38 -14.11 -28.39
CA ILE C 222 -26.31 -15.56 -28.54
C ILE C 222 -27.70 -16.14 -28.34
N LYS C 223 -28.57 -15.36 -27.70
CA LYS C 223 -29.94 -15.78 -27.41
C LYS C 223 -30.85 -15.77 -28.63
N GLU C 224 -30.83 -14.68 -29.40
CA GLU C 224 -31.65 -14.61 -30.60
C GLU C 224 -31.31 -15.78 -31.51
N LEU C 225 -30.20 -15.63 -32.24
CA LEU C 225 -29.71 -16.63 -33.18
C LEU C 225 -29.94 -18.07 -32.72
N LEU C 226 -30.00 -18.28 -31.41
CA LEU C 226 -30.21 -19.61 -30.82
C LEU C 226 -31.50 -20.31 -31.30
N ASN C 227 -32.55 -19.53 -31.51
CA ASN C 227 -33.82 -20.07 -31.97
C ASN C 227 -33.96 -20.05 -33.49
N THR C 228 -33.17 -19.21 -34.16
CA THR C 228 -33.21 -19.10 -35.61
C THR C 228 -32.53 -20.32 -36.22
N ASP C 229 -32.32 -20.29 -37.54
CA ASP C 229 -31.67 -21.39 -38.23
C ASP C 229 -30.15 -21.31 -38.08
N ARG C 230 -29.66 -20.10 -37.89
CA ARG C 230 -28.23 -19.89 -37.72
C ARG C 230 -27.92 -19.30 -36.36
N PRO C 231 -27.77 -20.16 -35.35
CA PRO C 231 -27.44 -19.67 -34.00
C PRO C 231 -25.99 -19.26 -33.99
N VAL C 232 -25.55 -18.62 -32.91
CA VAL C 232 -24.16 -18.22 -32.84
C VAL C 232 -23.35 -19.49 -32.59
N LYS C 233 -22.30 -19.67 -33.37
CA LYS C 233 -21.45 -20.85 -33.24
C LYS C 233 -20.00 -20.45 -33.14
N LEU C 234 -19.72 -19.17 -33.38
CA LEU C 234 -18.35 -18.68 -33.31
C LEU C 234 -18.31 -17.33 -32.64
N LEU C 235 -17.46 -17.20 -31.64
CA LEU C 235 -17.29 -15.93 -30.94
C LEU C 235 -15.81 -15.63 -30.93
N ILE C 236 -15.46 -14.53 -31.60
CA ILE C 236 -14.07 -14.11 -31.71
C ILE C 236 -13.72 -12.96 -30.79
N VAL C 237 -12.51 -13.01 -30.24
CA VAL C 237 -12.02 -11.92 -29.42
C VAL C 237 -10.62 -11.67 -29.96
N ASP C 238 -10.50 -10.57 -30.70
CA ASP C 238 -9.26 -10.20 -31.35
C ASP C 238 -9.06 -8.67 -31.22
N SER C 239 -8.08 -8.24 -30.43
CA SER C 239 -7.20 -9.13 -29.68
C SER C 239 -7.76 -9.32 -28.27
N LEU C 240 -7.48 -10.48 -27.66
CA LEU C 240 -7.96 -10.78 -26.31
C LEU C 240 -7.11 -10.11 -25.25
N THR C 241 -5.79 -10.13 -25.46
CA THR C 241 -4.81 -9.59 -24.52
C THR C 241 -4.33 -8.15 -24.74
N SER C 242 -4.46 -7.65 -25.96
CA SER C 242 -4.05 -6.28 -26.30
C SER C 242 -4.22 -5.25 -25.18
N HIS C 243 -5.47 -4.95 -24.84
CA HIS C 243 -5.75 -3.99 -23.79
C HIS C 243 -5.22 -4.33 -22.40
N PHE C 244 -5.33 -5.60 -21.99
CA PHE C 244 -4.84 -5.97 -20.67
C PHE C 244 -3.35 -5.69 -20.50
N ARG C 245 -2.55 -6.00 -21.52
CA ARG C 245 -1.13 -5.77 -21.36
C ARG C 245 -0.70 -4.32 -21.55
N SER C 246 -1.66 -3.42 -21.69
CA SER C 246 -1.34 -2.01 -21.85
C SER C 246 -1.85 -1.19 -20.69
N GLU C 247 -2.96 -1.62 -20.10
CA GLU C 247 -3.54 -0.90 -18.98
C GLU C 247 -2.94 -1.35 -17.65
N TYR C 248 -2.42 -2.56 -17.60
CA TYR C 248 -1.83 -3.08 -16.38
C TYR C 248 -0.32 -3.21 -16.53
N ILE C 249 0.39 -2.17 -16.11
CA ILE C 249 1.84 -2.13 -16.23
C ILE C 249 2.57 -2.18 -14.91
N GLY C 250 3.16 -3.35 -14.64
CA GLY C 250 3.93 -3.55 -13.42
C GLY C 250 3.28 -4.44 -12.37
N ARG C 251 4.07 -5.30 -11.73
CA ARG C 251 3.55 -6.16 -10.67
C ARG C 251 2.92 -5.21 -9.66
N GLY C 252 1.84 -5.65 -9.03
CA GLY C 252 1.15 -4.76 -8.11
C GLY C 252 0.11 -4.07 -8.97
N ALA C 253 -0.30 -4.81 -9.98
CA ALA C 253 -1.29 -4.41 -10.97
C ALA C 253 -1.42 -5.73 -11.71
N LEU C 254 -0.26 -6.37 -11.90
CA LEU C 254 -0.17 -7.67 -12.55
C LEU C 254 -1.12 -8.61 -11.82
N ALA C 255 -1.32 -8.31 -10.55
CA ALA C 255 -2.21 -9.08 -9.70
C ALA C 255 -3.63 -9.02 -10.25
N GLU C 256 -4.26 -7.85 -10.18
CA GLU C 256 -5.64 -7.73 -10.64
C GLU C 256 -5.79 -7.88 -12.13
N ARG C 257 -4.67 -7.95 -12.83
CA ARG C 257 -4.72 -8.13 -14.26
C ARG C 257 -5.31 -9.53 -14.42
N GLN C 258 -4.67 -10.50 -13.78
CA GLN C 258 -5.17 -11.88 -13.81
C GLN C 258 -6.56 -11.96 -13.19
N GLN C 259 -6.79 -11.35 -12.04
CA GLN C 259 -8.13 -11.42 -11.48
C GLN C 259 -9.11 -11.09 -12.62
N LYS C 260 -8.80 -10.00 -13.33
CA LYS C 260 -9.58 -9.49 -14.46
C LYS C 260 -9.55 -10.45 -15.64
N LEU C 261 -8.35 -10.81 -16.07
CA LEU C 261 -8.19 -11.71 -17.19
C LEU C 261 -8.90 -13.02 -16.90
N ALA C 262 -8.53 -13.67 -15.80
CA ALA C 262 -9.15 -14.93 -15.43
C ALA C 262 -10.65 -14.86 -15.36
N LYS C 263 -11.19 -13.71 -14.96
CA LYS C 263 -12.65 -13.59 -14.86
C LYS C 263 -13.26 -13.51 -16.26
N HIS C 264 -12.57 -12.80 -17.14
CA HIS C 264 -12.98 -12.62 -18.53
C HIS C 264 -13.01 -14.00 -19.16
N LEU C 265 -11.87 -14.67 -19.15
CA LEU C 265 -11.77 -16.00 -19.71
C LEU C 265 -12.87 -16.91 -19.15
N ALA C 266 -13.17 -16.77 -17.87
CA ALA C 266 -14.23 -17.59 -17.28
C ALA C 266 -15.57 -17.23 -17.94
N ASP C 267 -15.79 -15.94 -18.21
CA ASP C 267 -17.03 -15.50 -18.87
C ASP C 267 -17.15 -16.14 -20.27
N LEU C 268 -16.02 -16.27 -20.96
CA LEU C 268 -16.05 -16.88 -22.27
C LEU C 268 -16.30 -18.36 -22.16
N HIS C 269 -15.59 -19.03 -21.26
CA HIS C 269 -15.78 -20.48 -21.03
C HIS C 269 -17.24 -20.78 -20.77
N ARG C 270 -17.88 -19.97 -19.95
CA ARG C 270 -19.28 -20.21 -19.68
C ARG C 270 -20.05 -20.20 -21.00
N LEU C 271 -20.01 -19.08 -21.72
CA LEU C 271 -20.71 -19.01 -23.00
C LEU C 271 -20.39 -20.20 -23.91
N ALA C 272 -19.11 -20.53 -24.06
CA ALA C 272 -18.72 -21.66 -24.90
C ALA C 272 -19.48 -22.95 -24.60
N ASN C 273 -19.63 -23.27 -23.32
CA ASN C 273 -20.32 -24.48 -22.92
C ASN C 273 -21.83 -24.29 -22.83
N LEU C 274 -22.24 -23.19 -22.22
CA LEU C 274 -23.66 -22.91 -22.06
C LEU C 274 -24.40 -22.88 -23.38
N TYR C 275 -23.68 -22.60 -24.48
CA TYR C 275 -24.31 -22.51 -25.80
C TYR C 275 -23.61 -23.21 -26.96
N ASP C 276 -22.79 -24.20 -26.66
CA ASP C 276 -22.06 -24.96 -27.69
C ASP C 276 -21.40 -24.05 -28.72
N ILE C 277 -20.79 -22.97 -28.24
CA ILE C 277 -20.13 -22.01 -29.12
C ILE C 277 -18.62 -22.24 -29.12
N ALA C 278 -17.99 -21.99 -30.25
CA ALA C 278 -16.56 -22.14 -30.34
C ALA C 278 -16.04 -20.73 -30.10
N VAL C 279 -15.12 -20.59 -29.14
CA VAL C 279 -14.54 -19.30 -28.80
C VAL C 279 -13.10 -19.21 -29.30
N PHE C 280 -12.88 -18.27 -30.22
CA PHE C 280 -11.57 -18.07 -30.84
C PHE C 280 -10.98 -16.76 -30.35
N VAL C 281 -9.75 -16.82 -29.84
CA VAL C 281 -9.09 -15.64 -29.29
C VAL C 281 -7.67 -15.51 -29.81
N THR C 282 -7.24 -14.27 -30.00
CA THR C 282 -5.90 -14.04 -30.51
C THR C 282 -5.08 -13.37 -29.43
N ASN C 283 -3.77 -13.58 -29.51
CA ASN C 283 -2.86 -13.03 -28.55
C ASN C 283 -1.53 -12.73 -29.24
N GLN C 284 -1.19 -11.45 -29.34
CA GLN C 284 0.06 -11.09 -29.99
C GLN C 284 1.18 -11.37 -29.03
N VAL C 285 2.28 -11.95 -29.53
CA VAL C 285 3.38 -12.27 -28.64
C VAL C 285 4.73 -11.94 -29.23
N GLN C 286 5.59 -11.32 -28.42
CA GLN C 286 6.95 -10.92 -28.82
C GLN C 286 7.26 -9.50 -28.35
N GLY C 302 3.25 -7.78 -21.61
CA GLY C 302 4.26 -8.36 -20.68
C GLY C 302 4.25 -9.88 -20.66
N HIS C 303 4.16 -10.48 -21.84
CA HIS C 303 4.14 -11.94 -22.00
C HIS C 303 2.92 -12.59 -21.32
N ILE C 304 1.74 -12.06 -21.62
CA ILE C 304 0.48 -12.56 -21.06
C ILE C 304 -0.01 -13.73 -21.90
N LEU C 305 -1.01 -14.45 -21.40
CA LEU C 305 -1.58 -15.59 -22.11
C LEU C 305 -2.78 -16.20 -21.40
N ALA C 306 -3.78 -16.55 -22.19
CA ALA C 306 -5.02 -17.16 -21.71
C ALA C 306 -4.73 -18.58 -21.21
N HIS C 307 -4.54 -18.72 -19.90
CA HIS C 307 -4.22 -20.00 -19.27
C HIS C 307 -5.29 -21.09 -19.29
N SER C 308 -6.56 -20.71 -19.12
CA SER C 308 -7.68 -21.65 -19.13
C SER C 308 -8.07 -22.04 -20.55
N ALA C 309 -7.25 -21.64 -21.53
CA ALA C 309 -7.53 -21.95 -22.92
C ALA C 309 -7.64 -23.46 -23.04
N THR C 310 -8.63 -23.90 -23.81
CA THR C 310 -8.83 -25.32 -24.03
C THR C 310 -7.75 -25.85 -24.95
N LEU C 311 -7.29 -24.99 -25.87
CA LEU C 311 -6.24 -25.35 -26.82
C LEU C 311 -5.49 -24.11 -27.28
N ARG C 312 -4.16 -24.18 -27.23
CA ARG C 312 -3.32 -23.06 -27.62
C ARG C 312 -2.51 -23.44 -28.84
N VAL C 313 -2.73 -22.70 -29.93
CA VAL C 313 -2.01 -22.93 -31.18
C VAL C 313 -1.07 -21.77 -31.47
N TYR C 314 0.19 -22.10 -31.70
CA TYR C 314 1.20 -21.10 -31.99
C TYR C 314 1.49 -21.05 -33.48
N LEU C 315 1.57 -19.85 -34.03
CA LEU C 315 1.87 -19.76 -35.45
C LEU C 315 2.84 -18.63 -35.76
N ARG C 316 3.71 -18.87 -36.72
CA ARG C 316 4.72 -17.90 -37.12
C ARG C 316 4.76 -17.77 -38.64
N LYS C 317 5.41 -16.70 -39.10
CA LYS C 317 5.56 -16.43 -40.53
C LYS C 317 6.55 -17.45 -41.06
N GLY C 318 6.28 -17.96 -42.26
CA GLY C 318 7.16 -18.96 -42.84
C GLY C 318 7.90 -18.59 -44.12
N LYS C 319 8.70 -19.56 -44.60
CA LYS C 319 9.51 -19.42 -45.81
C LYS C 319 9.15 -18.28 -46.77
N GLY C 320 7.93 -18.32 -47.32
CA GLY C 320 7.54 -17.27 -48.24
C GLY C 320 6.03 -17.13 -48.44
N GLY C 321 5.43 -16.16 -47.77
CA GLY C 321 4.00 -15.95 -47.89
C GLY C 321 3.18 -17.04 -47.22
N LYS C 322 3.87 -17.99 -46.60
CA LYS C 322 3.23 -19.10 -45.92
C LYS C 322 3.47 -19.09 -44.40
N ARG C 323 2.38 -19.15 -43.64
CA ARG C 323 2.47 -19.17 -42.20
C ARG C 323 2.34 -20.59 -41.69
N ILE C 324 3.22 -20.98 -40.78
CA ILE C 324 3.21 -22.33 -40.21
C ILE C 324 2.56 -22.35 -38.83
N ALA C 325 1.95 -23.48 -38.46
CA ALA C 325 1.30 -23.62 -37.17
C ALA C 325 1.76 -24.86 -36.41
N ARG C 326 1.57 -24.84 -35.10
CA ARG C 326 1.94 -25.96 -34.24
C ARG C 326 1.14 -25.88 -32.94
N LEU C 327 0.80 -27.03 -32.38
CA LEU C 327 0.04 -27.09 -31.16
C LEU C 327 0.92 -26.93 -29.93
N ILE C 328 0.29 -26.75 -28.77
CA ILE C 328 0.99 -26.56 -27.50
C ILE C 328 0.56 -27.51 -26.37
N ASP C 329 1.00 -28.78 -26.43
CA ASP C 329 0.67 -29.79 -25.41
C ASP C 329 0.89 -31.25 -25.83
N ALA C 330 -0.20 -32.01 -25.85
CA ALA C 330 -0.20 -33.44 -26.22
C ALA C 330 -1.59 -34.11 -26.07
N PRO C 331 -2.39 -33.71 -25.03
CA PRO C 331 -3.72 -34.28 -24.81
C PRO C 331 -4.71 -33.85 -25.87
N HIS C 332 -5.11 -34.79 -26.71
CA HIS C 332 -6.03 -34.54 -27.82
C HIS C 332 -5.24 -33.95 -28.99
N LEU C 333 -5.49 -34.49 -30.18
CA LEU C 333 -4.84 -34.05 -31.42
C LEU C 333 -3.32 -34.34 -31.49
N PRO C 334 -2.83 -34.66 -32.70
CA PRO C 334 -1.46 -35.01 -33.11
C PRO C 334 -0.30 -34.09 -32.72
N GLU C 335 0.90 -34.53 -33.06
CA GLU C 335 2.13 -33.81 -32.79
C GLU C 335 2.93 -33.56 -34.08
N GLY C 336 2.73 -32.38 -34.65
CA GLY C 336 3.42 -32.00 -35.87
C GLY C 336 3.10 -30.55 -36.23
N GLU C 337 3.77 -30.02 -37.24
CA GLU C 337 3.52 -28.64 -37.68
C GLU C 337 2.66 -28.63 -38.91
N ALA C 338 1.99 -27.51 -39.15
CA ALA C 338 1.11 -27.38 -40.31
C ALA C 338 1.39 -26.09 -41.06
N VAL C 339 1.58 -26.20 -42.36
CA VAL C 339 1.85 -25.04 -43.19
C VAL C 339 0.60 -24.66 -43.99
N PHE C 340 0.45 -23.38 -44.27
CA PHE C 340 -0.69 -22.89 -45.04
C PHE C 340 -0.34 -21.51 -45.56
N SER C 341 -1.27 -20.88 -46.27
CA SER C 341 -1.02 -19.55 -46.79
C SER C 341 -2.21 -18.62 -46.71
N ILE C 342 -1.96 -17.34 -46.95
CA ILE C 342 -3.01 -16.33 -46.91
C ILE C 342 -3.30 -15.94 -48.35
N THR C 343 -4.56 -16.05 -48.76
CA THR C 343 -4.98 -15.72 -50.11
C THR C 343 -6.44 -15.33 -50.05
N GLU C 344 -7.12 -15.31 -51.19
CA GLU C 344 -8.54 -15.03 -51.17
C GLU C 344 -8.99 -16.35 -50.53
N LYS C 345 -10.20 -16.40 -50.00
CA LYS C 345 -10.69 -17.61 -49.34
C LYS C 345 -10.05 -17.62 -47.96
N GLY C 346 -9.22 -16.61 -47.72
CA GLY C 346 -8.53 -16.48 -46.44
C GLY C 346 -7.35 -17.43 -46.30
N ILE C 347 -7.57 -18.53 -45.60
CA ILE C 347 -6.53 -19.53 -45.38
C ILE C 347 -6.74 -20.75 -46.25
N GLU C 348 -5.64 -21.29 -46.79
CA GLU C 348 -5.69 -22.45 -47.67
C GLU C 348 -4.31 -23.12 -47.68
N ASP C 349 -4.29 -24.43 -47.95
CA ASP C 349 -3.03 -25.17 -47.98
C ASP C 349 -2.14 -24.67 -49.12
N THR D 96 -17.45 -27.83 17.33
CA THR D 96 -16.88 -27.95 18.71
C THR D 96 -15.97 -29.16 18.86
N PHE D 97 -16.01 -29.76 20.05
CA PHE D 97 -15.15 -30.89 20.34
C PHE D 97 -15.89 -32.21 20.40
N ARG D 99 -15.69 -36.26 22.04
CA ARG D 99 -15.05 -37.11 23.04
C ARG D 99 -14.36 -38.23 22.30
N ALA D 100 -13.12 -38.49 22.69
CA ALA D 100 -12.26 -39.50 22.06
C ALA D 100 -12.95 -40.80 21.73
N ASP D 101 -13.76 -41.33 22.65
CA ASP D 101 -14.47 -42.58 22.36
C ASP D 101 -15.31 -42.40 21.08
N GLU D 102 -16.10 -41.33 21.00
CA GLU D 102 -16.88 -41.05 19.79
C GLU D 102 -15.91 -41.06 18.59
N TYR D 103 -14.84 -40.27 18.70
CA TYR D 103 -13.86 -40.19 17.63
C TYR D 103 -13.38 -41.59 17.23
N LEU D 104 -13.29 -42.52 18.18
CA LEU D 104 -12.87 -43.86 17.83
C LEU D 104 -13.96 -44.47 16.94
N LYS D 105 -15.21 -44.23 17.33
CA LYS D 105 -16.35 -44.69 16.57
C LYS D 105 -16.23 -44.10 15.17
N LYS D 106 -16.27 -42.77 15.09
CA LYS D 106 -16.15 -42.07 13.81
C LYS D 106 -15.10 -42.66 12.86
N ARG D 107 -13.85 -42.70 13.33
CA ARG D 107 -12.74 -43.24 12.53
C ARG D 107 -12.89 -44.72 12.13
N ALA D 108 -13.78 -45.43 12.81
CA ALA D 108 -14.02 -46.84 12.52
C ALA D 108 -14.82 -46.99 11.24
N THR D 109 -15.73 -46.06 11.02
CA THR D 109 -16.58 -46.06 9.85
C THR D 109 -15.86 -45.49 8.63
N ILE D 110 -14.55 -45.62 8.58
CA ILE D 110 -13.80 -45.10 7.44
C ILE D 110 -13.74 -46.10 6.29
N GLY D 111 -14.37 -45.75 5.17
CA GLY D 111 -14.36 -46.61 4.01
C GLY D 111 -13.09 -46.48 3.19
N ARG D 112 -12.86 -47.39 2.26
CA ARG D 112 -11.66 -47.35 1.45
C ARG D 112 -12.00 -47.68 -0.03
N ILE D 113 -11.55 -46.84 -0.96
CA ILE D 113 -11.80 -47.08 -2.39
C ILE D 113 -10.55 -47.69 -2.98
N SER D 114 -10.72 -48.65 -3.86
CA SER D 114 -9.56 -49.27 -4.47
C SER D 114 -9.11 -48.44 -5.67
N THR D 115 -7.80 -48.39 -5.90
CA THR D 115 -7.28 -47.65 -7.04
C THR D 115 -7.39 -48.53 -8.29
N GLY D 116 -7.60 -49.83 -8.05
CA GLY D 116 -7.69 -50.78 -9.14
C GLY D 116 -6.34 -51.45 -9.28
N SER D 117 -5.44 -51.17 -8.34
CA SER D 117 -4.08 -51.73 -8.35
C SER D 117 -3.70 -52.51 -7.10
N LYS D 118 -2.98 -53.61 -7.31
CA LYS D 118 -2.53 -54.46 -6.22
C LYS D 118 -1.57 -53.68 -5.32
N SER D 119 -0.46 -53.23 -5.90
CA SER D 119 0.54 -52.49 -5.13
C SER D 119 0.03 -51.16 -4.57
N LEU D 120 -0.65 -50.36 -5.40
CA LEU D 120 -1.16 -49.07 -4.97
C LEU D 120 -2.02 -49.18 -3.71
N ASP D 121 -3.16 -49.86 -3.83
CA ASP D 121 -4.07 -50.06 -2.69
C ASP D 121 -3.35 -50.58 -1.45
N LYS D 122 -2.37 -51.47 -1.66
CA LYS D 122 -1.64 -52.04 -0.55
C LYS D 122 -0.73 -50.94 0.01
N LEU D 123 -0.02 -50.26 -0.91
CA LEU D 123 0.88 -49.18 -0.53
C LEU D 123 0.10 -48.13 0.25
N LEU D 124 -1.14 -47.86 -0.19
CA LEU D 124 -2.01 -46.89 0.45
C LEU D 124 -2.70 -47.48 1.69
N GLY D 125 -2.54 -48.77 1.89
CA GLY D 125 -3.17 -49.42 3.02
C GLY D 125 -4.65 -49.63 2.74
N GLY D 126 -4.93 -50.30 1.62
CA GLY D 126 -6.31 -50.56 1.24
C GLY D 126 -6.87 -49.53 0.27
N GLY D 127 -6.07 -48.52 -0.05
CA GLY D 127 -6.52 -47.48 -0.97
C GLY D 127 -6.76 -46.14 -0.34
N ILE D 128 -7.43 -45.25 -1.07
CA ILE D 128 -7.70 -43.92 -0.54
C ILE D 128 -8.91 -44.00 0.39
N GLU D 129 -8.79 -43.41 1.57
CA GLU D 129 -9.87 -43.44 2.55
C GLU D 129 -10.85 -42.26 2.55
N THR D 130 -11.97 -42.46 3.22
CA THR D 130 -12.98 -41.44 3.33
C THR D 130 -12.59 -40.59 4.53
N GLN D 131 -13.31 -39.49 4.73
CA GLN D 131 -13.01 -38.58 5.83
C GLN D 131 -11.56 -38.10 5.69
N ALA D 132 -11.06 -38.04 4.47
CA ALA D 132 -9.69 -37.62 4.22
C ALA D 132 -9.51 -36.99 2.84
N ILE D 133 -8.49 -36.15 2.70
CA ILE D 133 -8.18 -35.53 1.43
C ILE D 133 -6.92 -36.22 0.95
N THR D 134 -6.98 -36.91 -0.17
CA THR D 134 -5.79 -37.57 -0.69
C THR D 134 -5.33 -36.74 -1.87
N GLU D 135 -4.08 -36.29 -1.82
CA GLU D 135 -3.52 -35.49 -2.89
C GLU D 135 -2.54 -36.31 -3.68
N VAL D 136 -2.70 -36.30 -4.99
CA VAL D 136 -1.79 -37.01 -5.87
C VAL D 136 -1.18 -35.91 -6.71
N PHE D 137 0.14 -35.93 -6.84
CA PHE D 137 0.83 -34.91 -7.61
C PHE D 137 1.99 -35.52 -8.40
N GLY D 138 2.28 -34.90 -9.54
CA GLY D 138 3.35 -35.35 -10.38
C GLY D 138 3.35 -34.54 -11.67
N GLU D 139 4.33 -34.79 -12.53
CA GLU D 139 4.43 -34.06 -13.79
C GLU D 139 3.22 -34.33 -14.68
N PHE D 140 3.01 -33.48 -15.67
CA PHE D 140 1.91 -33.68 -16.58
C PHE D 140 2.10 -35.05 -17.23
N GLY D 141 1.01 -35.81 -17.33
CA GLY D 141 1.10 -37.13 -17.95
C GLY D 141 1.51 -38.24 -17.00
N SER D 142 1.63 -37.93 -15.72
CA SER D 142 2.02 -38.95 -14.75
C SER D 142 0.81 -39.82 -14.42
N GLY D 143 -0.28 -39.59 -15.14
CA GLY D 143 -1.49 -40.38 -14.96
C GLY D 143 -2.37 -40.13 -13.75
N LYS D 144 -2.25 -38.99 -13.10
CA LYS D 144 -3.11 -38.76 -11.96
C LYS D 144 -4.59 -38.53 -12.35
N THR D 145 -4.84 -38.14 -13.60
CA THR D 145 -6.23 -37.91 -14.02
C THR D 145 -6.86 -39.27 -14.38
N GLN D 146 -6.02 -40.23 -14.73
CA GLN D 146 -6.51 -41.57 -15.05
C GLN D 146 -6.94 -42.15 -13.73
N LEU D 147 -6.04 -42.07 -12.76
CA LEU D 147 -6.30 -42.57 -11.41
C LEU D 147 -7.63 -42.01 -10.95
N ALA D 148 -7.91 -40.76 -11.30
CA ALA D 148 -9.15 -40.14 -10.88
C ALA D 148 -10.32 -40.87 -11.54
N HIS D 149 -10.20 -41.11 -12.84
CA HIS D 149 -11.26 -41.79 -13.59
C HIS D 149 -11.53 -43.20 -13.03
N THR D 150 -10.47 -43.95 -12.82
CA THR D 150 -10.59 -45.29 -12.27
C THR D 150 -11.39 -45.20 -10.96
N LEU D 151 -10.92 -44.38 -10.02
CA LEU D 151 -11.59 -44.19 -8.74
C LEU D 151 -13.06 -43.83 -8.90
N ALA D 152 -13.40 -43.14 -9.99
CA ALA D 152 -14.78 -42.77 -10.21
C ALA D 152 -15.61 -44.00 -10.54
N VAL D 153 -14.94 -45.10 -10.86
CA VAL D 153 -15.63 -46.36 -11.16
C VAL D 153 -15.65 -47.24 -9.90
N VAL D 155 -15.27 -46.87 -6.72
CA VAL D 155 -16.16 -46.44 -5.65
C VAL D 155 -17.61 -46.88 -5.85
N GLN D 156 -17.99 -47.12 -7.09
CA GLN D 156 -19.36 -47.51 -7.39
C GLN D 156 -19.67 -48.98 -7.10
N LEU D 157 -18.68 -49.85 -7.26
CA LEU D 157 -18.90 -51.27 -7.00
C LEU D 157 -18.87 -51.62 -5.49
N PRO D 158 -19.46 -52.77 -5.14
CA PRO D 158 -19.54 -53.27 -3.76
C PRO D 158 -18.22 -53.32 -3.03
N PRO D 159 -18.28 -53.23 -1.69
CA PRO D 159 -17.14 -53.25 -0.76
C PRO D 159 -16.16 -54.41 -0.96
N GLU D 160 -16.69 -55.61 -1.14
CA GLU D 160 -15.90 -56.82 -1.32
C GLU D 160 -15.06 -56.81 -2.60
N GLU D 161 -15.41 -55.92 -3.52
CA GLU D 161 -14.72 -55.78 -4.80
C GLU D 161 -13.77 -54.59 -4.81
N GLY D 162 -13.75 -53.85 -3.70
CA GLY D 162 -12.88 -52.69 -3.57
C GLY D 162 -13.59 -51.35 -3.70
N GLY D 163 -14.90 -51.35 -3.47
CA GLY D 163 -15.66 -50.12 -3.60
C GLY D 163 -16.36 -49.65 -2.34
N LEU D 164 -17.50 -49.01 -2.51
CA LEU D 164 -18.27 -48.49 -1.40
C LEU D 164 -19.68 -48.12 -1.81
N ASN D 165 -20.11 -48.67 -2.95
CA ASN D 165 -21.44 -48.43 -3.50
C ASN D 165 -21.85 -46.97 -3.34
N GLY D 166 -21.04 -46.09 -3.91
CA GLY D 166 -21.35 -44.68 -3.80
C GLY D 166 -21.29 -43.88 -5.09
N SER D 167 -21.81 -42.65 -5.01
CA SER D 167 -21.84 -41.71 -6.12
C SER D 167 -20.55 -40.90 -6.15
N VAL D 168 -20.43 -40.04 -7.15
CA VAL D 168 -19.23 -39.22 -7.30
C VAL D 168 -19.54 -37.80 -7.72
N ILE D 169 -18.87 -36.85 -7.09
CA ILE D 169 -18.98 -35.43 -7.40
C ILE D 169 -17.61 -35.08 -7.98
N TRP D 170 -17.59 -34.58 -9.21
CA TRP D 170 -16.35 -34.25 -9.89
C TRP D 170 -16.25 -32.76 -10.31
N ILE D 171 -15.28 -32.05 -9.74
CA ILE D 171 -15.03 -30.64 -10.05
C ILE D 171 -13.87 -30.61 -11.05
N ASP D 172 -14.19 -30.29 -12.30
CA ASP D 172 -13.20 -30.25 -13.38
C ASP D 172 -12.79 -28.82 -13.69
N THR D 173 -11.50 -28.56 -13.57
CA THR D 173 -10.95 -27.23 -13.80
C THR D 173 -10.13 -27.13 -15.07
N GLU D 174 -9.58 -28.25 -15.54
CA GLU D 174 -8.76 -28.26 -16.75
C GLU D 174 -9.47 -28.91 -17.95
N ASN D 175 -10.79 -29.03 -17.87
CA ASN D 175 -11.59 -29.67 -18.94
C ASN D 175 -11.02 -31.04 -19.31
N THR D 176 -10.69 -31.86 -18.31
CA THR D 176 -10.10 -33.17 -18.57
C THR D 176 -10.97 -34.37 -18.21
N PHE D 177 -12.22 -34.12 -17.83
CA PHE D 177 -13.11 -35.22 -17.48
C PHE D 177 -13.76 -35.80 -18.73
N ARG D 178 -13.47 -37.07 -19.00
CA ARG D 178 -14.01 -37.76 -20.16
C ARG D 178 -15.00 -38.86 -19.76
N PRO D 179 -16.32 -38.55 -19.78
CA PRO D 179 -17.34 -39.55 -19.42
C PRO D 179 -17.22 -40.76 -20.31
N GLU D 180 -16.71 -40.55 -21.52
CA GLU D 180 -16.54 -41.65 -22.45
C GLU D 180 -15.48 -42.58 -21.89
N ARG D 181 -14.45 -42.01 -21.27
CA ARG D 181 -13.34 -42.78 -20.70
C ARG D 181 -13.77 -43.62 -19.51
N ILE D 182 -14.88 -43.24 -18.90
CA ILE D 182 -15.42 -43.99 -17.77
C ILE D 182 -15.94 -45.32 -18.33
N ARG D 183 -16.66 -45.22 -19.43
CA ARG D 183 -17.23 -46.37 -20.11
C ARG D 183 -16.11 -47.34 -20.47
N GLU D 184 -15.12 -46.88 -21.21
CA GLU D 184 -14.00 -47.75 -21.61
C GLU D 184 -13.38 -48.46 -20.40
N ILE D 185 -13.90 -48.19 -19.22
CA ILE D 185 -13.39 -48.81 -18.01
C ILE D 185 -14.53 -49.57 -17.36
N ALA D 186 -15.68 -48.91 -17.24
CA ALA D 186 -16.87 -49.54 -16.66
C ALA D 186 -17.17 -50.78 -17.50
N GLN D 187 -17.82 -50.58 -18.63
CA GLN D 187 -18.13 -51.69 -19.52
C GLN D 187 -16.80 -52.16 -20.10
N ASN D 188 -15.87 -52.50 -19.22
CA ASN D 188 -14.58 -52.97 -19.65
C ASN D 188 -13.90 -53.79 -18.55
N ARG D 189 -14.43 -53.70 -17.35
CA ARG D 189 -13.91 -54.50 -16.26
C ARG D 189 -15.17 -55.00 -15.56
N GLY D 190 -16.17 -55.22 -16.39
CA GLY D 190 -17.45 -55.70 -15.91
C GLY D 190 -18.23 -54.56 -15.29
N LEU D 191 -19.40 -54.28 -15.85
CA LEU D 191 -20.30 -53.22 -15.38
C LEU D 191 -21.02 -52.51 -16.51
N ASP D 192 -22.28 -52.17 -16.26
CA ASP D 192 -23.07 -51.46 -17.24
C ASP D 192 -22.62 -50.01 -17.26
N PRO D 193 -22.05 -49.57 -18.39
CA PRO D 193 -21.57 -48.19 -18.53
C PRO D 193 -22.67 -47.15 -18.37
N ASP D 194 -23.86 -47.42 -18.90
CA ASP D 194 -24.93 -46.44 -18.78
C ASP D 194 -25.36 -46.17 -17.33
N GLU D 195 -24.98 -47.06 -16.41
CA GLU D 195 -25.37 -46.89 -15.01
C GLU D 195 -24.29 -46.21 -14.18
N VAL D 196 -23.04 -46.49 -14.50
CA VAL D 196 -21.91 -45.91 -13.80
C VAL D 196 -22.04 -44.38 -13.98
N LEU D 197 -22.15 -43.96 -15.23
CA LEU D 197 -22.28 -42.54 -15.58
C LEU D 197 -23.60 -41.97 -15.09
N LYS D 198 -24.28 -42.67 -14.20
CA LYS D 198 -25.53 -42.14 -13.67
C LYS D 198 -25.28 -41.83 -12.23
N HIS D 199 -24.06 -42.11 -11.79
CA HIS D 199 -23.68 -41.86 -10.42
C HIS D 199 -22.43 -41.01 -10.31
N ILE D 200 -22.22 -40.16 -11.32
CA ILE D 200 -21.10 -39.25 -11.36
C ILE D 200 -21.72 -37.91 -11.76
N TYR D 201 -21.38 -36.86 -11.03
CA TYR D 201 -21.92 -35.53 -11.31
C TYR D 201 -20.76 -34.55 -11.45
N VAL D 202 -20.64 -33.94 -12.62
CA VAL D 202 -19.56 -32.99 -12.88
C VAL D 202 -19.95 -31.52 -12.96
N ALA D 203 -18.93 -30.69 -12.82
CA ALA D 203 -19.04 -29.25 -12.90
C ALA D 203 -17.70 -28.77 -13.40
N ARG D 204 -17.74 -27.90 -14.40
CA ARG D 204 -16.54 -27.34 -14.98
C ARG D 204 -16.27 -26.08 -14.18
N ALA D 205 -15.06 -25.97 -13.64
CA ALA D 205 -14.68 -24.78 -12.87
C ALA D 205 -13.83 -23.94 -13.79
N PHE D 206 -14.25 -22.71 -14.04
CA PHE D 206 -13.53 -21.85 -14.96
C PHE D 206 -12.44 -20.94 -14.37
N ASN D 207 -12.37 -20.87 -13.05
CA ASN D 207 -11.36 -20.07 -12.35
C ASN D 207 -11.43 -20.36 -10.85
N SER D 208 -10.47 -19.84 -10.09
CA SER D 208 -10.44 -20.06 -8.65
C SER D 208 -11.75 -19.78 -7.92
N ASN D 209 -12.31 -18.60 -8.08
CA ASN D 209 -13.56 -18.32 -7.37
C ASN D 209 -14.66 -19.31 -7.74
N HIS D 210 -14.73 -19.66 -9.01
CA HIS D 210 -15.76 -20.60 -9.47
C HIS D 210 -15.52 -21.91 -8.73
N GLN D 211 -14.29 -22.39 -8.80
CA GLN D 211 -13.86 -23.63 -8.18
C GLN D 211 -14.30 -23.65 -6.73
N LEU D 213 -16.55 -21.97 -5.20
CA LEU D 213 -18.01 -21.95 -5.00
C LEU D 213 -18.68 -23.31 -5.28
N LEU D 214 -18.03 -24.13 -6.12
CA LEU D 214 -18.56 -25.45 -6.46
C LEU D 214 -18.57 -26.38 -5.26
N VAL D 215 -17.89 -26.01 -4.18
CA VAL D 215 -17.87 -26.84 -2.99
C VAL D 215 -18.98 -26.34 -2.07
N GLN D 216 -19.21 -25.03 -2.10
CA GLN D 216 -20.27 -24.43 -1.29
C GLN D 216 -21.57 -25.08 -1.74
N GLN D 217 -21.60 -25.53 -2.99
CA GLN D 217 -22.79 -26.14 -3.56
C GLN D 217 -22.65 -27.63 -3.76
N ALA D 218 -21.44 -28.16 -3.61
CA ALA D 218 -21.23 -29.59 -3.78
C ALA D 218 -21.81 -30.29 -2.57
N GLU D 219 -22.27 -29.49 -1.62
CA GLU D 219 -22.87 -30.04 -0.41
C GLU D 219 -24.33 -30.37 -0.66
N ASP D 220 -25.11 -29.41 -1.16
CA ASP D 220 -26.52 -29.64 -1.42
C ASP D 220 -26.79 -30.93 -2.19
N LYS D 221 -25.85 -31.33 -3.05
CA LYS D 221 -26.01 -32.55 -3.83
C LYS D 221 -25.63 -33.79 -3.00
N ILE D 222 -24.69 -33.65 -2.08
CA ILE D 222 -24.29 -34.79 -1.24
C ILE D 222 -25.37 -34.98 -0.19
N LYS D 223 -26.05 -33.89 0.13
CA LYS D 223 -27.13 -33.88 1.11
C LYS D 223 -28.38 -34.55 0.53
N GLU D 224 -28.35 -34.82 -0.77
CA GLU D 224 -29.45 -35.47 -1.46
C GLU D 224 -29.21 -36.98 -1.53
N LEU D 225 -28.09 -37.37 -2.15
CA LEU D 225 -27.74 -38.79 -2.26
C LEU D 225 -27.39 -39.38 -0.89
N LEU D 226 -27.44 -38.54 0.13
CA LEU D 226 -27.14 -38.94 1.51
C LEU D 226 -28.02 -40.11 1.93
N ASN D 227 -29.33 -39.87 1.91
CA ASN D 227 -30.30 -40.88 2.28
C ASN D 227 -30.77 -41.61 1.03
N THR D 228 -29.88 -42.41 0.47
CA THR D 228 -30.15 -43.20 -0.72
C THR D 228 -29.22 -44.42 -0.73
N ASP D 229 -29.40 -45.29 -1.72
CA ASP D 229 -28.60 -46.50 -1.86
C ASP D 229 -27.16 -46.23 -2.29
N ARG D 230 -26.96 -45.08 -2.93
CA ARG D 230 -25.64 -44.70 -3.41
C ARG D 230 -25.35 -43.26 -3.04
N PRO D 231 -24.92 -43.01 -1.81
CA PRO D 231 -24.62 -41.64 -1.40
C PRO D 231 -23.31 -41.24 -2.03
N VAL D 232 -22.91 -39.98 -1.87
CA VAL D 232 -21.65 -39.55 -2.44
C VAL D 232 -20.55 -40.10 -1.53
N LYS D 233 -19.54 -40.71 -2.13
CA LYS D 233 -18.43 -41.30 -1.40
C LYS D 233 -17.10 -40.85 -1.99
N LEU D 234 -17.15 -40.22 -3.16
CA LEU D 234 -15.94 -39.72 -3.79
C LEU D 234 -16.15 -38.33 -4.34
N LEU D 235 -15.25 -37.41 -3.98
CA LEU D 235 -15.32 -36.04 -4.46
C LEU D 235 -13.96 -35.72 -5.05
N ILE D 236 -13.95 -35.51 -6.36
CA ILE D 236 -12.73 -35.22 -7.09
C ILE D 236 -12.56 -33.75 -7.45
N VAL D 237 -11.35 -33.25 -7.32
CA VAL D 237 -11.04 -31.88 -7.71
C VAL D 237 -9.79 -32.05 -8.55
N ASP D 238 -9.98 -31.92 -9.85
CA ASP D 238 -8.89 -32.09 -10.80
C ASP D 238 -9.04 -31.01 -11.87
N SER D 239 -8.13 -30.03 -11.89
CA SER D 239 -7.00 -29.95 -10.95
C SER D 239 -7.35 -29.01 -9.79
N LEU D 240 -6.75 -29.26 -8.62
CA LEU D 240 -7.01 -28.44 -7.43
C LEU D 240 -6.22 -27.12 -7.41
N THR D 241 -4.98 -27.20 -7.87
CA THR D 241 -4.08 -26.06 -7.88
C THR D 241 -4.01 -25.27 -9.18
N SER D 242 -4.30 -25.91 -10.31
CA SER D 242 -4.26 -25.25 -11.61
C SER D 242 -4.62 -23.75 -11.62
N HIS D 243 -5.86 -23.41 -11.28
CA HIS D 243 -6.28 -22.01 -11.29
C HIS D 243 -5.58 -21.11 -10.27
N PHE D 244 -5.34 -21.64 -9.08
CA PHE D 244 -4.69 -20.82 -8.07
C PHE D 244 -3.30 -20.37 -8.50
N ARG D 245 -2.52 -21.27 -9.09
CA ARG D 245 -1.17 -20.89 -9.49
C ARG D 245 -1.10 -20.04 -10.76
N SER D 246 -2.25 -19.68 -11.31
CA SER D 246 -2.29 -18.88 -12.52
C SER D 246 -2.90 -17.53 -12.28
N GLU D 247 -3.81 -17.44 -11.33
CA GLU D 247 -4.45 -16.16 -11.03
C GLU D 247 -3.68 -15.39 -9.95
N TYR D 248 -2.82 -16.08 -9.22
CA TYR D 248 -2.06 -15.40 -8.18
C TYR D 248 -0.57 -15.41 -8.54
N ILE D 249 -0.18 -14.33 -9.22
CA ILE D 249 1.20 -14.10 -9.64
C ILE D 249 1.62 -12.72 -9.13
N GLY D 250 0.68 -11.77 -9.20
CA GLY D 250 0.94 -10.41 -8.76
C GLY D 250 1.94 -10.19 -7.64
N ARG D 251 2.62 -9.05 -7.69
CA ARG D 251 3.61 -8.68 -6.67
C ARG D 251 2.94 -8.81 -5.31
N GLY D 252 3.30 -9.87 -4.58
CA GLY D 252 2.72 -10.05 -3.27
C GLY D 252 1.31 -10.59 -3.31
N ALA D 253 1.16 -11.76 -3.91
CA ALA D 253 -0.14 -12.40 -4.02
C ALA D 253 -0.04 -13.75 -3.33
N LEU D 254 1.15 -14.32 -3.35
CA LEU D 254 1.45 -15.61 -2.74
C LEU D 254 0.75 -15.78 -1.43
N ALA D 255 0.79 -14.72 -0.63
CA ALA D 255 0.13 -14.73 0.67
C ALA D 255 -1.36 -14.98 0.47
N GLU D 256 -2.01 -14.05 -0.20
CA GLU D 256 -3.45 -14.15 -0.46
C GLU D 256 -3.86 -15.49 -1.10
N ARG D 257 -2.99 -16.05 -1.91
CA ARG D 257 -3.29 -17.31 -2.55
C ARG D 257 -3.60 -18.33 -1.47
N GLN D 258 -2.71 -18.43 -0.50
CA GLN D 258 -2.84 -19.38 0.59
C GLN D 258 -4.07 -19.15 1.42
N GLN D 259 -4.32 -17.90 1.78
CA GLN D 259 -5.47 -17.61 2.61
C GLN D 259 -6.77 -18.03 1.93
N LYS D 260 -6.66 -18.41 0.65
CA LYS D 260 -7.84 -18.82 -0.10
C LYS D 260 -7.75 -20.29 -0.42
N LEU D 261 -6.55 -20.75 -0.75
CA LEU D 261 -6.33 -22.15 -1.02
C LEU D 261 -6.57 -22.91 0.29
N ALA D 262 -6.32 -22.22 1.39
CA ALA D 262 -6.47 -22.79 2.71
C ALA D 262 -7.93 -22.79 3.17
N LYS D 263 -8.73 -21.86 2.64
CA LYS D 263 -10.13 -21.81 3.03
C LYS D 263 -10.85 -22.83 2.15
N HIS D 264 -10.29 -23.09 0.98
CA HIS D 264 -10.86 -24.05 0.05
C HIS D 264 -10.62 -25.43 0.66
N LEU D 265 -9.37 -25.77 0.92
CA LEU D 265 -9.04 -27.06 1.52
C LEU D 265 -9.86 -27.33 2.77
N ALA D 266 -10.08 -26.29 3.57
CA ALA D 266 -10.85 -26.44 4.78
C ALA D 266 -12.27 -26.81 4.43
N ASP D 267 -12.77 -26.25 3.33
CA ASP D 267 -14.14 -26.55 2.89
C ASP D 267 -14.25 -28.01 2.48
N LEU D 268 -13.19 -28.55 1.91
CA LEU D 268 -13.19 -29.94 1.49
C LEU D 268 -13.10 -30.85 2.71
N HIS D 269 -12.17 -30.53 3.61
CA HIS D 269 -11.98 -31.29 4.83
C HIS D 269 -13.31 -31.47 5.52
N ARG D 270 -14.03 -30.36 5.67
CA ARG D 270 -15.31 -30.42 6.32
C ARG D 270 -16.23 -31.44 5.65
N LEU D 271 -16.43 -31.31 4.34
CA LEU D 271 -17.28 -32.26 3.64
C LEU D 271 -16.81 -33.69 3.86
N ALA D 272 -15.50 -33.92 3.73
CA ALA D 272 -14.95 -35.27 3.91
C ALA D 272 -15.40 -35.89 5.22
N ASN D 273 -15.30 -35.13 6.29
CA ASN D 273 -15.68 -35.64 7.60
C ASN D 273 -17.17 -35.60 7.85
N LEU D 274 -17.77 -34.46 7.59
CA LEU D 274 -19.20 -34.29 7.78
C LEU D 274 -20.03 -35.37 7.06
N TYR D 275 -19.49 -35.95 5.99
CA TYR D 275 -20.22 -36.95 5.21
C TYR D 275 -19.45 -38.22 4.82
N ASP D 276 -18.41 -38.55 5.58
CA ASP D 276 -17.61 -39.75 5.31
C ASP D 276 -17.29 -39.89 3.82
N ILE D 277 -16.87 -38.79 3.21
CA ILE D 277 -16.56 -38.78 1.80
C ILE D 277 -15.07 -38.82 1.62
N ALA D 278 -14.61 -39.50 0.57
CA ALA D 278 -13.19 -39.55 0.30
C ALA D 278 -12.98 -38.40 -0.71
N VAL D 279 -12.04 -37.51 -0.41
CA VAL D 279 -11.74 -36.37 -1.27
C VAL D 279 -10.41 -36.60 -1.98
N PHE D 280 -10.47 -36.64 -3.31
CA PHE D 280 -9.28 -36.88 -4.14
C PHE D 280 -8.96 -35.62 -4.96
N VAL D 281 -7.73 -35.13 -4.81
CA VAL D 281 -7.30 -33.93 -5.52
C VAL D 281 -6.00 -34.15 -6.25
N THR D 282 -5.87 -33.52 -7.42
CA THR D 282 -4.66 -33.62 -8.22
C THR D 282 -3.92 -32.29 -8.21
N ASN D 283 -2.62 -32.38 -8.42
CA ASN D 283 -1.79 -31.20 -8.42
C ASN D 283 -0.62 -31.43 -9.34
N GLN D 284 -0.59 -30.67 -10.44
CA GLN D 284 0.49 -30.79 -11.41
C GLN D 284 1.73 -30.11 -10.84
N VAL D 285 2.88 -30.75 -11.00
CA VAL D 285 4.12 -30.20 -10.46
C VAL D 285 5.28 -30.38 -11.44
N GLN D 286 6.16 -29.39 -11.55
CA GLN D 286 7.30 -29.50 -12.47
C GLN D 286 6.89 -29.13 -13.89
N GLY D 302 5.06 -20.57 -9.94
CA GLY D 302 6.28 -20.83 -9.14
C GLY D 302 6.25 -22.15 -8.39
N HIS D 303 5.36 -22.26 -7.41
CA HIS D 303 5.23 -23.47 -6.60
C HIS D 303 3.96 -23.44 -5.77
N ILE D 304 3.41 -24.62 -5.51
CA ILE D 304 2.21 -24.75 -4.70
C ILE D 304 1.86 -26.22 -4.52
N LEU D 305 1.13 -26.51 -3.45
CA LEU D 305 0.70 -27.86 -3.13
C LEU D 305 -0.26 -27.78 -1.93
N ALA D 306 -1.15 -28.76 -1.81
CA ALA D 306 -2.10 -28.75 -0.71
C ALA D 306 -1.40 -29.03 0.60
N HIS D 307 -0.84 -27.97 1.19
CA HIS D 307 -0.11 -28.04 2.46
C HIS D 307 -0.86 -28.85 3.50
N SER D 308 -2.18 -28.70 3.52
CA SER D 308 -3.01 -29.41 4.47
C SER D 308 -3.07 -30.90 4.10
N ALA D 309 -4.16 -31.31 3.46
CA ALA D 309 -4.32 -32.71 3.04
C ALA D 309 -4.25 -33.70 4.20
N THR D 310 -4.46 -34.97 3.89
CA THR D 310 -4.40 -36.05 4.88
C THR D 310 -3.30 -37.01 4.44
N LEU D 311 -3.13 -37.13 3.13
CA LEU D 311 -2.11 -38.02 2.56
C LEU D 311 -1.71 -37.50 1.19
N ARG D 312 -0.41 -37.42 0.97
CA ARG D 312 0.12 -36.92 -0.29
C ARG D 312 0.88 -38.03 -1.01
N VAL D 313 0.40 -38.40 -2.20
CA VAL D 313 1.03 -39.45 -2.99
C VAL D 313 1.66 -38.85 -4.24
N TYR D 314 2.94 -39.15 -4.44
CA TYR D 314 3.68 -38.64 -5.59
C TYR D 314 3.83 -39.74 -6.62
N LEU D 315 3.56 -39.41 -7.88
CA LEU D 315 3.72 -40.40 -8.93
C LEU D 315 4.40 -39.81 -10.16
N ARG D 316 5.22 -40.62 -10.81
CA ARG D 316 5.96 -40.19 -11.99
C ARG D 316 5.88 -41.26 -13.09
N LYS D 317 6.20 -40.86 -14.32
CA LYS D 317 6.19 -41.79 -15.45
C LYS D 317 7.39 -42.72 -15.30
N GLY D 318 7.25 -43.95 -15.79
CA GLY D 318 8.34 -44.91 -15.68
C GLY D 318 8.72 -45.65 -16.96
N LYS D 319 9.37 -46.79 -16.78
CA LYS D 319 9.85 -47.64 -17.88
C LYS D 319 8.97 -47.71 -19.13
N GLY D 320 8.36 -48.87 -19.33
CA GLY D 320 7.51 -49.07 -20.48
C GLY D 320 6.12 -48.50 -20.31
N GLY D 321 6.04 -47.19 -20.12
CA GLY D 321 4.75 -46.54 -19.95
C GLY D 321 4.05 -46.90 -18.67
N LYS D 322 4.84 -47.17 -17.63
CA LYS D 322 4.28 -47.53 -16.34
C LYS D 322 4.58 -46.50 -15.26
N ARG D 323 3.54 -45.88 -14.72
CA ARG D 323 3.73 -44.88 -13.66
C ARG D 323 3.98 -45.58 -12.32
N ILE D 324 4.96 -45.08 -11.58
CA ILE D 324 5.33 -45.64 -10.28
C ILE D 324 5.15 -44.57 -9.21
N ALA D 325 4.29 -44.84 -8.24
CA ALA D 325 4.03 -43.88 -7.17
C ALA D 325 4.94 -44.06 -5.97
N ARG D 326 4.54 -43.43 -4.87
CA ARG D 326 5.24 -43.50 -3.59
C ARG D 326 4.62 -42.48 -2.65
N LEU D 327 4.81 -42.67 -1.36
CA LEU D 327 4.24 -41.77 -0.38
C LEU D 327 5.26 -40.76 0.13
N ILE D 328 4.79 -39.83 0.96
CA ILE D 328 5.65 -38.80 1.53
C ILE D 328 5.42 -38.68 3.04
N ASP D 329 5.77 -39.74 3.77
CA ASP D 329 5.64 -39.77 5.23
C ASP D 329 6.03 -41.15 5.77
N ALA D 330 5.20 -41.72 6.63
CA ALA D 330 5.41 -43.03 7.23
C ALA D 330 4.31 -43.37 8.24
N PRO D 331 3.69 -42.36 8.88
CA PRO D 331 2.63 -42.68 9.85
C PRO D 331 1.34 -43.17 9.19
N HIS D 332 0.94 -44.38 9.57
CA HIS D 332 -0.25 -45.04 9.04
C HIS D 332 -0.08 -45.49 7.59
N LEU D 333 1.11 -45.28 7.05
CA LEU D 333 1.43 -45.68 5.67
C LEU D 333 2.91 -46.08 5.53
N PRO D 334 3.17 -47.24 4.90
CA PRO D 334 4.52 -47.80 4.68
C PRO D 334 5.50 -46.95 3.85
N GLU D 335 6.71 -47.46 3.67
CA GLU D 335 7.75 -46.76 2.90
C GLU D 335 8.38 -47.56 1.76
N GLY D 336 7.77 -47.45 0.58
CA GLY D 336 8.26 -48.14 -0.60
C GLY D 336 7.59 -47.51 -1.81
N GLU D 337 7.79 -48.12 -2.98
CA GLU D 337 7.19 -47.62 -4.20
C GLU D 337 6.21 -48.63 -4.79
N ALA D 338 5.33 -48.14 -5.66
CA ALA D 338 4.35 -49.01 -6.29
C ALA D 338 4.27 -48.73 -7.79
N VAL D 339 4.35 -49.78 -8.58
CA VAL D 339 4.27 -49.64 -10.02
C VAL D 339 2.91 -50.13 -10.53
N PHE D 340 2.44 -49.53 -11.61
CA PHE D 340 1.17 -49.91 -12.19
C PHE D 340 1.12 -49.40 -13.62
N SER D 341 0.01 -49.61 -14.32
CA SER D 341 -0.08 -49.15 -15.69
C SER D 341 -1.46 -48.61 -16.06
N ILE D 342 -1.51 -47.92 -17.18
CA ILE D 342 -2.76 -47.34 -17.65
C ILE D 342 -3.25 -48.22 -18.79
N THR D 343 -4.49 -48.69 -18.68
CA THR D 343 -5.07 -49.56 -19.71
C THR D 343 -6.58 -49.39 -19.60
N GLU D 344 -7.33 -50.31 -20.20
CA GLU D 344 -8.77 -50.26 -20.09
C GLU D 344 -8.86 -50.64 -18.62
N LYS D 345 -9.99 -50.34 -17.97
CA LYS D 345 -10.12 -50.65 -16.54
C LYS D 345 -9.36 -49.54 -15.80
N GLY D 346 -8.80 -48.63 -16.59
CA GLY D 346 -8.06 -47.52 -16.02
C GLY D 346 -6.69 -47.91 -15.53
N ILE D 347 -6.58 -48.10 -14.21
CA ILE D 347 -5.32 -48.47 -13.60
C ILE D 347 -5.34 -49.98 -13.35
N GLU D 348 -4.34 -50.66 -13.90
CA GLU D 348 -4.23 -52.10 -13.79
C GLU D 348 -3.44 -52.46 -12.54
N ASP D 349 -2.12 -52.53 -12.70
CA ASP D 349 -1.21 -52.85 -11.61
C ASP D 349 0.15 -53.09 -12.25
N THR E 96 -8.67 -7.90 36.74
CA THR E 96 -7.78 -6.81 37.25
C THR E 96 -6.43 -7.37 37.74
N PHE E 97 -5.95 -6.92 38.90
CA PHE E 97 -4.68 -7.39 39.42
C PHE E 97 -4.87 -8.44 40.51
N ARG E 99 -3.05 -9.75 44.54
CA ARG E 99 -2.05 -9.60 45.59
C ARG E 99 -0.95 -10.66 45.52
N ALA E 100 0.28 -10.23 45.57
CA ALA E 100 1.41 -11.14 45.52
C ALA E 100 1.22 -12.39 46.41
N ASP E 101 0.65 -12.21 47.61
CA ASP E 101 0.41 -13.33 48.52
C ASP E 101 -0.52 -14.36 47.88
N GLU E 102 -1.62 -13.87 47.29
CA GLU E 102 -2.60 -14.72 46.65
C GLU E 102 -2.03 -15.30 45.35
N TYR E 103 -0.95 -14.70 44.87
CA TYR E 103 -0.31 -15.17 43.66
C TYR E 103 0.54 -16.35 44.13
N LEU E 104 1.30 -16.14 45.21
CA LEU E 104 2.13 -17.18 45.77
C LEU E 104 1.21 -18.38 45.95
N LYS E 105 -0.06 -18.08 46.16
CA LYS E 105 -1.10 -19.08 46.35
C LYS E 105 -1.31 -19.82 45.03
N LYS E 106 -1.71 -19.05 44.02
CA LYS E 106 -1.97 -19.58 42.69
C LYS E 106 -0.83 -20.48 42.25
N ARG E 107 0.39 -19.96 42.25
CA ARG E 107 1.53 -20.75 41.82
C ARG E 107 1.79 -21.92 42.75
N ALA E 108 1.26 -21.84 43.95
CA ALA E 108 1.47 -22.91 44.89
C ALA E 108 0.82 -24.18 44.33
N THR E 109 -0.34 -24.00 43.70
CA THR E 109 -1.08 -25.12 43.12
C THR E 109 -0.59 -25.60 41.77
N ILE E 110 0.62 -25.24 41.35
CA ILE E 110 1.06 -25.71 40.05
C ILE E 110 1.27 -27.23 40.01
N GLY E 111 0.44 -27.92 39.21
CA GLY E 111 0.56 -29.35 39.07
C GLY E 111 1.59 -29.76 38.04
N ARG E 112 1.92 -31.04 37.98
CA ARG E 112 2.92 -31.53 37.05
C ARG E 112 2.53 -32.86 36.44
N ILE E 113 2.52 -32.94 35.10
CA ILE E 113 2.21 -34.19 34.41
C ILE E 113 3.50 -34.89 34.04
N SER E 114 3.56 -36.20 34.27
CA SER E 114 4.74 -36.96 33.94
C SER E 114 4.74 -37.27 32.45
N THR E 115 5.93 -37.31 31.86
CA THR E 115 6.03 -37.62 30.44
C THR E 115 5.96 -39.13 30.24
N GLY E 116 6.16 -39.87 31.31
CA GLY E 116 6.10 -41.31 31.16
C GLY E 116 7.48 -41.93 31.15
N SER E 117 8.53 -41.12 31.28
CA SER E 117 9.90 -41.64 31.34
C SER E 117 10.68 -40.93 32.44
N LYS E 118 11.22 -41.67 33.40
CA LYS E 118 11.96 -41.06 34.50
C LYS E 118 12.87 -39.95 34.00
N SER E 119 13.75 -40.30 33.07
CA SER E 119 14.70 -39.38 32.46
C SER E 119 14.18 -37.97 32.14
N LEU E 120 13.23 -37.88 31.21
CA LEU E 120 12.68 -36.60 30.78
C LEU E 120 12.03 -35.81 31.90
N ASP E 121 11.57 -36.50 32.92
CA ASP E 121 10.93 -35.82 34.03
C ASP E 121 12.00 -35.11 34.85
N LYS E 122 13.15 -35.76 35.01
CA LYS E 122 14.24 -35.16 35.77
C LYS E 122 14.57 -33.84 35.09
N LEU E 123 14.74 -33.92 33.77
CA LEU E 123 15.05 -32.73 33.00
C LEU E 123 13.95 -31.69 33.12
N LEU E 124 12.69 -32.10 33.07
CA LEU E 124 11.55 -31.16 33.22
C LEU E 124 11.26 -30.90 34.69
N GLY E 125 12.16 -31.34 35.54
CA GLY E 125 11.97 -31.16 36.97
C GLY E 125 10.60 -31.64 37.42
N GLY E 126 10.27 -32.88 37.03
CA GLY E 126 9.00 -33.46 37.43
C GLY E 126 8.01 -33.78 36.33
N GLY E 127 7.95 -32.91 35.32
CA GLY E 127 7.03 -33.08 34.22
C GLY E 127 6.64 -31.71 33.70
N ILE E 128 5.80 -31.67 32.67
CA ILE E 128 5.40 -30.38 32.14
C ILE E 128 4.42 -29.84 33.17
N GLU E 129 4.52 -28.54 33.47
CA GLU E 129 3.66 -27.91 34.47
C GLU E 129 2.42 -27.24 33.98
N THR E 130 1.47 -27.04 34.88
CA THR E 130 0.22 -26.37 34.56
C THR E 130 0.51 -24.89 34.66
N GLN E 131 -0.44 -24.08 34.22
CA GLN E 131 -0.27 -22.63 34.21
C GLN E 131 0.93 -22.25 33.32
N ALA E 132 1.27 -23.13 32.39
CA ALA E 132 2.40 -22.88 31.49
C ALA E 132 2.20 -23.49 30.09
N ILE E 133 2.90 -22.93 29.10
CA ILE E 133 2.83 -23.46 27.75
C ILE E 133 4.16 -24.16 27.54
N THR E 134 4.15 -25.45 27.27
CA THR E 134 5.41 -26.13 27.03
C THR E 134 5.44 -26.45 25.55
N GLU E 135 6.49 -26.00 24.88
CA GLU E 135 6.61 -26.24 23.46
C GLU E 135 7.70 -27.28 23.26
N VAL E 136 7.38 -28.26 22.45
CA VAL E 136 8.32 -29.31 22.13
C VAL E 136 8.48 -29.15 20.62
N PHE E 137 9.73 -29.12 20.16
CA PHE E 137 9.98 -28.97 18.73
C PHE E 137 11.13 -29.84 18.27
N GLY E 138 11.05 -30.28 17.01
CA GLY E 138 12.07 -31.13 16.44
C GLY E 138 11.64 -31.56 15.05
N GLU E 139 12.52 -32.27 14.35
CA GLU E 139 12.21 -32.72 12.99
C GLU E 139 11.00 -33.66 13.00
N PHE E 140 10.47 -33.91 11.82
CA PHE E 140 9.35 -34.84 11.70
C PHE E 140 9.82 -36.22 12.18
N GLY E 141 9.02 -36.88 12.98
CA GLY E 141 9.40 -38.20 13.48
C GLY E 141 10.25 -38.17 14.74
N SER E 142 10.48 -36.98 15.30
CA SER E 142 11.27 -36.85 16.53
C SER E 142 10.45 -37.31 17.73
N GLY E 143 9.26 -37.83 17.44
CA GLY E 143 8.40 -38.33 18.48
C GLY E 143 7.63 -37.34 19.33
N LYS E 144 7.45 -36.11 18.86
CA LYS E 144 6.71 -35.17 19.70
C LYS E 144 5.19 -35.44 19.76
N THR E 145 4.65 -36.15 18.78
CA THR E 145 3.22 -36.45 18.79
C THR E 145 3.00 -37.69 19.69
N GLN E 146 4.05 -38.47 19.91
CA GLN E 146 3.94 -39.60 20.80
C GLN E 146 3.89 -39.05 22.21
N LEU E 147 4.80 -38.11 22.48
CA LEU E 147 4.89 -37.48 23.78
C LEU E 147 3.53 -36.89 24.08
N ALA E 148 2.87 -36.35 23.06
CA ALA E 148 1.55 -35.77 23.28
C ALA E 148 0.55 -36.85 23.72
N HIS E 149 0.53 -37.96 22.99
CA HIS E 149 -0.37 -39.07 23.33
C HIS E 149 -0.11 -39.61 24.76
N THR E 150 1.15 -39.82 25.11
CA THR E 150 1.51 -40.31 26.42
C THR E 150 0.93 -39.34 27.46
N LEU E 151 1.28 -38.06 27.36
CA LEU E 151 0.76 -37.05 28.27
C LEU E 151 -0.78 -37.09 28.39
N ALA E 152 -1.47 -37.43 27.31
CA ALA E 152 -2.92 -37.48 27.35
C ALA E 152 -3.39 -38.66 28.23
N VAL E 153 -2.48 -39.56 28.58
CA VAL E 153 -2.83 -40.69 29.44
C VAL E 153 -2.40 -40.33 30.86
N VAL E 155 -1.78 -37.65 32.48
CA VAL E 155 -2.57 -36.63 33.18
C VAL E 155 -3.81 -37.22 33.80
N GLN E 156 -4.26 -38.35 33.28
CA GLN E 156 -5.46 -38.99 33.81
C GLN E 156 -5.26 -39.78 35.10
N LEU E 157 -4.07 -40.27 35.35
CA LEU E 157 -3.87 -41.04 36.57
C LEU E 157 -3.56 -40.15 37.77
N PRO E 158 -3.66 -40.70 38.99
CA PRO E 158 -3.42 -39.98 40.25
C PRO E 158 -2.09 -39.31 40.38
N PRO E 159 -2.03 -38.26 41.22
CA PRO E 159 -0.81 -37.49 41.46
C PRO E 159 0.36 -38.38 41.83
N GLU E 160 0.13 -39.37 42.68
CA GLU E 160 1.20 -40.27 43.06
C GLU E 160 1.71 -40.97 41.82
N GLU E 161 0.80 -41.36 40.95
CA GLU E 161 1.18 -42.05 39.74
C GLU E 161 1.77 -41.04 38.73
N GLY E 162 1.74 -39.76 39.07
CA GLY E 162 2.28 -38.77 38.15
C GLY E 162 1.32 -38.00 37.25
N GLY E 163 0.03 -38.14 37.53
CA GLY E 163 -0.99 -37.45 36.74
C GLY E 163 -1.63 -36.39 37.61
N LEU E 164 -2.83 -35.96 37.25
CA LEU E 164 -3.51 -34.94 38.03
C LEU E 164 -4.99 -35.20 37.95
N ASN E 165 -5.32 -36.46 37.71
CA ASN E 165 -6.72 -36.85 37.62
C ASN E 165 -7.47 -35.82 36.82
N GLY E 166 -7.04 -35.59 35.59
CA GLY E 166 -7.71 -34.59 34.78
C GLY E 166 -8.08 -35.01 33.37
N SER E 167 -8.93 -34.21 32.74
CA SER E 167 -9.39 -34.44 31.37
C SER E 167 -8.42 -33.80 30.37
N VAL E 168 -8.64 -34.03 29.08
CA VAL E 168 -7.77 -33.51 28.07
C VAL E 168 -8.54 -32.89 26.91
N ILE E 169 -8.08 -31.72 26.46
CA ILE E 169 -8.64 -31.04 25.29
C ILE E 169 -7.52 -31.11 24.26
N TRP E 170 -7.83 -31.66 23.09
CA TRP E 170 -6.84 -31.85 22.02
C TRP E 170 -7.21 -31.19 20.68
N ILE E 171 -6.48 -30.14 20.28
CA ILE E 171 -6.72 -29.48 19.00
C ILE E 171 -5.76 -30.16 18.01
N ASP E 172 -6.31 -30.90 17.04
CA ASP E 172 -5.50 -31.60 16.06
C ASP E 172 -5.56 -30.89 14.68
N THR E 173 -4.40 -30.47 14.21
CA THR E 173 -4.30 -29.74 12.94
C THR E 173 -3.72 -30.56 11.82
N GLU E 174 -2.96 -31.61 12.15
CA GLU E 174 -2.34 -32.43 11.12
C GLU E 174 -2.99 -33.81 11.01
N ASN E 175 -4.19 -33.96 11.57
CA ASN E 175 -4.90 -35.25 11.57
C ASN E 175 -3.99 -36.34 12.10
N THR E 176 -3.30 -36.09 13.20
CA THR E 176 -2.42 -37.09 13.75
C THR E 176 -2.85 -37.68 15.10
N PHE E 177 -4.06 -37.37 15.55
CA PHE E 177 -4.53 -37.90 16.83
C PHE E 177 -5.14 -39.28 16.66
N ARG E 178 -4.50 -40.29 17.25
CA ARG E 178 -4.98 -41.65 17.13
C ARG E 178 -5.53 -42.23 18.42
N PRO E 179 -6.88 -42.20 18.60
CA PRO E 179 -7.47 -42.74 19.83
C PRO E 179 -7.08 -44.19 20.06
N GLU E 180 -6.83 -44.89 18.98
CA GLU E 180 -6.41 -46.26 19.11
C GLU E 180 -5.09 -46.27 19.90
N ARG E 181 -4.21 -45.34 19.59
CA ARG E 181 -2.94 -45.28 20.27
C ARG E 181 -3.08 -44.99 21.79
N ILE E 182 -4.07 -44.17 22.14
CA ILE E 182 -4.28 -43.85 23.55
C ILE E 182 -4.62 -45.17 24.25
N ARG E 183 -5.56 -45.91 23.67
CA ARG E 183 -5.97 -47.20 24.20
C ARG E 183 -4.76 -48.07 24.53
N GLU E 184 -3.85 -48.23 23.59
CA GLU E 184 -2.67 -49.04 23.83
C GLU E 184 -1.87 -48.52 25.02
N ILE E 185 -1.45 -47.25 24.95
CA ILE E 185 -0.64 -46.67 26.03
C ILE E 185 -1.37 -46.75 27.36
N ALA E 186 -2.69 -46.59 27.32
CA ALA E 186 -3.48 -46.61 28.53
C ALA E 186 -3.68 -47.99 29.13
N GLN E 187 -4.04 -48.97 28.30
CA GLN E 187 -4.26 -50.30 28.83
C GLN E 187 -2.90 -50.90 29.12
N ASN E 188 -1.87 -50.12 28.84
CA ASN E 188 -0.54 -50.59 29.09
C ASN E 188 0.08 -49.83 30.24
N ARG E 189 -0.79 -49.19 31.03
CA ARG E 189 -0.35 -48.42 32.19
C ARG E 189 -1.36 -48.39 33.33
N GLY E 190 -2.04 -49.52 33.55
CA GLY E 190 -3.01 -49.59 34.64
C GLY E 190 -4.12 -48.58 34.49
N LEU E 191 -4.66 -48.51 33.29
CA LEU E 191 -5.74 -47.60 33.05
C LEU E 191 -6.69 -48.27 32.11
N ASP E 192 -7.96 -48.10 32.37
CA ASP E 192 -8.93 -48.71 31.48
C ASP E 192 -8.84 -48.01 30.12
N PRO E 193 -8.54 -48.75 29.05
CA PRO E 193 -8.44 -48.15 27.72
C PRO E 193 -9.66 -47.34 27.28
N ASP E 194 -10.83 -47.92 27.39
CA ASP E 194 -12.05 -47.24 26.95
C ASP E 194 -12.56 -46.13 27.85
N GLU E 195 -12.00 -46.00 29.05
CA GLU E 195 -12.42 -44.96 29.98
C GLU E 195 -11.58 -43.70 29.78
N VAL E 196 -10.31 -43.92 29.49
CA VAL E 196 -9.39 -42.82 29.27
C VAL E 196 -9.96 -41.99 28.12
N LEU E 197 -10.42 -42.68 27.07
CA LEU E 197 -11.00 -41.99 25.92
C LEU E 197 -12.26 -41.19 26.26
N LYS E 198 -12.76 -41.31 27.48
CA LYS E 198 -13.95 -40.56 27.85
C LYS E 198 -13.51 -39.30 28.55
N HIS E 199 -12.21 -39.10 28.62
CA HIS E 199 -11.70 -37.89 29.24
C HIS E 199 -10.74 -37.13 28.35
N ILE E 200 -10.90 -37.33 27.04
CA ILE E 200 -10.09 -36.67 26.03
C ILE E 200 -11.10 -36.14 25.02
N TYR E 201 -11.03 -34.85 24.70
CA TYR E 201 -11.94 -34.25 23.74
C TYR E 201 -11.16 -33.62 22.61
N VAL E 202 -11.35 -34.12 21.39
CA VAL E 202 -10.62 -33.61 20.24
C VAL E 202 -11.42 -32.74 19.29
N ALA E 203 -10.68 -32.03 18.45
CA ALA E 203 -11.25 -31.17 17.42
C ALA E 203 -10.20 -31.06 16.35
N ARG E 204 -10.63 -31.28 15.12
CA ARG E 204 -9.74 -31.18 13.98
C ARG E 204 -9.75 -29.71 13.54
N ALA E 205 -8.55 -29.12 13.43
CA ALA E 205 -8.39 -27.74 12.99
C ALA E 205 -7.95 -27.77 11.53
N PHE E 206 -8.77 -27.23 10.64
CA PHE E 206 -8.46 -27.29 9.21
C PHE E 206 -7.59 -26.16 8.62
N ASN E 207 -7.35 -25.11 9.40
CA ASN E 207 -6.52 -23.99 8.96
C ASN E 207 -6.30 -23.10 10.19
N SER E 208 -5.49 -22.06 10.03
CA SER E 208 -5.18 -21.13 11.12
C SER E 208 -6.38 -20.53 11.80
N ASN E 209 -7.30 -19.97 11.02
CA ASN E 209 -8.47 -19.34 11.63
C ASN E 209 -9.26 -20.34 12.43
N HIS E 210 -9.40 -21.54 11.89
CA HIS E 210 -10.14 -22.58 12.60
C HIS E 210 -9.46 -22.84 13.95
N GLN E 211 -8.17 -23.11 13.86
CA GLN E 211 -7.32 -23.39 15.02
C GLN E 211 -7.53 -22.35 16.10
N LEU E 213 -9.86 -20.21 16.41
CA LEU E 213 -11.25 -20.21 16.81
C LEU E 213 -11.57 -21.40 17.71
N LEU E 214 -10.82 -22.50 17.53
CA LEU E 214 -11.03 -23.69 18.35
C LEU E 214 -10.52 -23.47 19.77
N VAL E 215 -9.33 -22.91 19.90
CA VAL E 215 -8.81 -22.64 21.24
C VAL E 215 -9.76 -21.69 21.94
N GLN E 216 -10.37 -20.80 21.18
CA GLN E 216 -11.31 -19.87 21.77
C GLN E 216 -12.50 -20.62 22.34
N GLN E 217 -12.93 -21.66 21.64
CA GLN E 217 -14.08 -22.46 22.06
C GLN E 217 -13.77 -23.42 23.20
N ALA E 218 -12.52 -23.88 23.25
CA ALA E 218 -12.11 -24.79 24.31
C ALA E 218 -12.56 -24.26 25.67
N GLU E 219 -12.51 -22.95 25.83
CA GLU E 219 -12.90 -22.32 27.09
C GLU E 219 -14.21 -22.88 27.61
N ASP E 220 -15.24 -22.87 26.75
CA ASP E 220 -16.55 -23.37 27.15
C ASP E 220 -16.46 -24.79 27.67
N LYS E 221 -15.67 -25.61 27.00
CA LYS E 221 -15.52 -26.98 27.41
C LYS E 221 -14.79 -26.99 28.74
N ILE E 222 -13.68 -26.26 28.83
CA ILE E 222 -12.94 -26.21 30.09
C ILE E 222 -13.88 -25.85 31.22
N LYS E 223 -14.58 -24.72 31.08
CA LYS E 223 -15.51 -24.24 32.11
C LYS E 223 -16.48 -25.30 32.63
N GLU E 224 -17.05 -26.07 31.71
CA GLU E 224 -17.99 -27.12 32.11
C GLU E 224 -17.39 -28.13 33.10
N LEU E 225 -16.29 -28.76 32.69
CA LEU E 225 -15.63 -29.77 33.53
C LEU E 225 -14.84 -29.21 34.70
N LEU E 226 -14.79 -27.89 34.80
CA LEU E 226 -14.03 -27.27 35.87
C LEU E 226 -14.47 -27.64 37.29
N ASN E 227 -15.76 -27.92 37.46
CA ASN E 227 -16.33 -28.25 38.78
C ASN E 227 -16.34 -29.72 39.15
N THR E 228 -16.27 -30.60 38.15
CA THR E 228 -16.29 -32.04 38.36
C THR E 228 -14.99 -32.61 38.92
N ASP E 229 -14.97 -33.92 39.15
CA ASP E 229 -13.82 -34.62 39.71
C ASP E 229 -12.63 -34.59 38.76
N ARG E 230 -12.90 -34.68 37.46
CA ARG E 230 -11.85 -34.67 36.48
C ARG E 230 -11.93 -33.44 35.59
N PRO E 231 -11.35 -32.32 36.03
CA PRO E 231 -11.37 -31.09 35.22
C PRO E 231 -10.33 -31.19 34.12
N VAL E 232 -10.30 -30.20 33.23
CA VAL E 232 -9.30 -30.22 32.18
C VAL E 232 -7.99 -29.79 32.80
N LYS E 233 -6.94 -30.55 32.52
CA LYS E 233 -5.62 -30.27 33.08
C LYS E 233 -4.58 -30.26 31.97
N LEU E 234 -4.96 -30.76 30.81
CA LEU E 234 -4.04 -30.81 29.69
C LEU E 234 -4.72 -30.34 28.42
N LEU E 235 -4.10 -29.39 27.74
CA LEU E 235 -4.64 -28.87 26.49
C LEU E 235 -3.52 -29.00 25.49
N ILE E 236 -3.73 -29.84 24.49
CA ILE E 236 -2.69 -30.03 23.47
C ILE E 236 -3.02 -29.30 22.17
N VAL E 237 -1.98 -28.84 21.49
CA VAL E 237 -2.16 -28.23 20.18
C VAL E 237 -1.07 -28.88 19.37
N ASP E 238 -1.46 -29.74 18.45
CA ASP E 238 -0.50 -30.47 17.63
C ASP E 238 -1.02 -30.63 16.21
N SER E 239 -0.43 -29.92 15.24
CA SER E 239 0.68 -28.99 15.44
C SER E 239 0.21 -27.56 15.67
N LEU E 240 1.02 -26.78 16.39
CA LEU E 240 0.68 -25.40 16.70
C LEU E 240 1.03 -24.43 15.57
N THR E 241 2.14 -24.70 14.92
CA THR E 241 2.68 -23.87 13.86
C THR E 241 2.35 -24.28 12.41
N SER E 242 2.05 -25.56 12.23
CA SER E 242 1.73 -26.14 10.93
C SER E 242 1.01 -25.20 9.95
N HIS E 243 -0.22 -24.84 10.28
CA HIS E 243 -1.04 -23.96 9.45
C HIS E 243 -0.48 -22.57 9.28
N PHE E 244 0.04 -22.00 10.35
CA PHE E 244 0.59 -20.66 10.25
C PHE E 244 1.70 -20.56 9.25
N ARG E 245 2.62 -21.52 9.25
CA ARG E 245 3.74 -21.44 8.31
C ARG E 245 3.39 -21.86 6.90
N SER E 246 2.10 -22.05 6.62
CA SER E 246 1.69 -22.45 5.29
C SER E 246 0.73 -21.46 4.69
N GLU E 247 -0.01 -20.76 5.54
CA GLU E 247 -0.96 -19.78 5.07
C GLU E 247 -0.31 -18.40 4.94
N TYR E 248 0.80 -18.21 5.64
CA TYR E 248 1.50 -16.93 5.60
C TYR E 248 2.89 -17.04 4.98
N ILE E 249 2.99 -16.71 3.69
CA ILE E 249 4.26 -16.79 2.99
C ILE E 249 4.78 -15.43 2.55
N GLY E 250 6.10 -15.25 2.64
CA GLY E 250 6.75 -14.01 2.26
C GLY E 250 6.54 -12.91 3.29
N ARG E 251 7.52 -12.02 3.44
CA ARG E 251 7.37 -10.91 4.37
C ARG E 251 6.12 -10.16 3.89
N GLY E 252 5.63 -9.20 4.67
CA GLY E 252 4.43 -8.49 4.25
C GLY E 252 3.28 -9.46 4.44
N ALA E 253 3.51 -10.40 5.34
CA ALA E 253 2.56 -11.44 5.71
C ALA E 253 3.11 -11.92 7.04
N LEU E 254 4.42 -12.15 7.06
CA LEU E 254 5.12 -12.59 8.26
C LEU E 254 4.80 -11.71 9.45
N ALA E 255 4.61 -10.42 9.18
CA ALA E 255 4.28 -9.48 10.24
C ALA E 255 2.92 -9.79 10.85
N GLU E 256 1.92 -10.04 10.01
CA GLU E 256 0.57 -10.33 10.51
C GLU E 256 0.47 -11.70 11.17
N ARG E 257 1.27 -12.65 10.66
CA ARG E 257 1.33 -14.00 11.21
C ARG E 257 1.62 -13.90 12.70
N GLN E 258 2.68 -13.16 13.04
CA GLN E 258 3.06 -12.97 14.42
C GLN E 258 1.96 -12.26 15.17
N GLN E 259 1.33 -11.26 14.55
CA GLN E 259 0.26 -10.52 15.24
C GLN E 259 -0.93 -11.41 15.58
N LYS E 260 -1.02 -12.56 14.92
CA LYS E 260 -2.11 -13.52 15.17
C LYS E 260 -1.62 -14.68 16.02
N LEU E 261 -0.47 -15.23 15.63
CA LEU E 261 0.17 -16.31 16.35
C LEU E 261 0.38 -15.84 17.81
N ALA E 262 0.61 -14.55 17.96
CA ALA E 262 0.79 -13.97 19.26
C ALA E 262 -0.56 -13.86 19.97
N LYS E 263 -1.63 -13.67 19.22
CA LYS E 263 -2.95 -13.54 19.84
C LYS E 263 -3.40 -14.94 20.21
N HIS E 264 -2.91 -15.89 19.44
CA HIS E 264 -3.24 -17.29 19.68
C HIS E 264 -2.51 -17.69 20.96
N LEU E 265 -1.18 -17.57 20.96
CA LEU E 265 -0.42 -17.93 22.15
C LEU E 265 -0.96 -17.24 23.38
N ALA E 266 -1.38 -15.99 23.24
CA ALA E 266 -1.93 -15.24 24.38
C ALA E 266 -3.23 -15.89 24.81
N ASP E 267 -3.99 -16.41 23.86
CA ASP E 267 -5.25 -17.05 24.22
C ASP E 267 -4.97 -18.29 25.05
N LEU E 268 -3.92 -19.02 24.69
CA LEU E 268 -3.55 -20.23 25.41
C LEU E 268 -3.02 -19.90 26.80
N HIS E 269 -2.10 -18.94 26.89
CA HIS E 269 -1.55 -18.52 28.17
C HIS E 269 -2.66 -18.20 29.12
N ARG E 270 -3.66 -17.49 28.63
CA ARG E 270 -4.76 -17.13 29.50
C ARG E 270 -5.41 -18.37 30.08
N LEU E 271 -5.86 -19.27 29.21
CA LEU E 271 -6.48 -20.50 29.67
C LEU E 271 -5.59 -21.23 30.66
N ALA E 272 -4.30 -21.31 30.35
CA ALA E 272 -3.34 -22.00 31.20
C ALA E 272 -3.34 -21.48 32.63
N ASN E 273 -3.38 -20.17 32.79
CA ASN E 273 -3.38 -19.58 34.11
C ASN E 273 -4.77 -19.49 34.71
N LEU E 274 -5.72 -19.05 33.89
CA LEU E 274 -7.09 -18.91 34.35
C LEU E 274 -7.67 -20.21 34.90
N TYR E 275 -7.16 -21.36 34.44
CA TYR E 275 -7.68 -22.65 34.88
C TYR E 275 -6.65 -23.71 35.30
N ASP E 276 -5.47 -23.28 35.70
CA ASP E 276 -4.42 -24.20 36.13
C ASP E 276 -4.28 -25.37 35.14
N ILE E 277 -4.26 -25.04 33.84
CA ILE E 277 -4.12 -26.04 32.81
C ILE E 277 -2.70 -26.08 32.25
N ALA E 278 -2.23 -27.27 31.89
CA ALA E 278 -0.90 -27.38 31.31
C ALA E 278 -1.17 -27.38 29.81
N VAL E 279 -0.51 -26.49 29.08
CA VAL E 279 -0.68 -26.36 27.63
C VAL E 279 0.56 -26.87 26.95
N PHE E 280 0.38 -27.92 26.16
CA PHE E 280 1.46 -28.59 25.45
C PHE E 280 1.26 -28.34 23.95
N VAL E 281 2.30 -27.83 23.28
CA VAL E 281 2.21 -27.54 21.86
C VAL E 281 3.41 -28.09 21.12
N THR E 282 3.18 -28.52 19.89
CA THR E 282 4.27 -29.06 19.09
C THR E 282 4.59 -28.10 17.93
N ASN E 283 5.83 -28.23 17.46
CA ASN E 283 6.32 -27.40 16.40
C ASN E 283 7.33 -28.15 15.56
N GLN E 284 6.98 -28.45 14.33
CA GLN E 284 7.90 -29.17 13.47
C GLN E 284 8.97 -28.20 13.01
N VAL E 285 10.23 -28.62 13.01
CA VAL E 285 11.32 -27.75 12.60
C VAL E 285 12.30 -28.49 11.69
N GLN E 286 12.66 -27.85 10.58
CA GLN E 286 13.58 -28.43 9.58
C GLN E 286 15.03 -28.64 10.07
N GLY E 302 8.52 -20.14 7.09
CA GLY E 302 9.77 -19.77 7.83
C GLY E 302 9.69 -20.12 9.31
N HIS E 303 10.62 -20.93 9.78
CA HIS E 303 10.68 -21.38 11.18
C HIS E 303 10.18 -20.42 12.24
N ILE E 304 8.87 -20.43 12.42
CA ILE E 304 8.23 -19.59 13.42
C ILE E 304 8.36 -20.36 14.73
N LEU E 305 8.20 -19.68 15.85
CA LEU E 305 8.31 -20.33 17.15
C LEU E 305 7.34 -19.74 18.16
N ALA E 306 7.19 -20.42 19.29
CA ALA E 306 6.29 -19.95 20.33
C ALA E 306 7.10 -19.26 21.43
N HIS E 307 7.62 -18.08 21.12
CA HIS E 307 8.42 -17.29 22.06
C HIS E 307 7.85 -17.28 23.48
N SER E 308 6.55 -17.00 23.61
CA SER E 308 5.87 -16.97 24.90
C SER E 308 6.06 -18.28 25.67
N ALA E 309 6.45 -19.33 24.95
CA ALA E 309 6.67 -20.64 25.56
C ALA E 309 7.31 -20.51 26.92
N THR E 310 6.54 -20.89 27.93
CA THR E 310 7.06 -20.85 29.27
C THR E 310 8.31 -21.73 29.29
N LEU E 311 8.33 -22.76 28.45
CA LEU E 311 9.46 -23.68 28.36
C LEU E 311 9.49 -24.35 26.98
N ARG E 312 10.66 -24.33 26.35
CA ARG E 312 10.83 -24.93 25.03
C ARG E 312 11.78 -26.10 25.14
N VAL E 313 11.32 -27.27 24.74
CA VAL E 313 12.13 -28.47 24.78
C VAL E 313 12.39 -28.92 23.36
N TYR E 314 13.65 -29.18 23.06
CA TYR E 314 14.01 -29.62 21.73
C TYR E 314 14.31 -31.11 21.77
N LEU E 315 13.80 -31.85 20.79
CA LEU E 315 14.07 -33.26 20.76
C LEU E 315 14.38 -33.79 19.34
N ARG E 316 15.29 -34.75 19.26
CA ARG E 316 15.68 -35.30 17.98
C ARG E 316 15.79 -36.82 18.05
N LYS E 317 15.80 -37.45 16.88
CA LYS E 317 15.92 -38.90 16.80
C LYS E 317 17.34 -39.20 17.27
N GLY E 318 17.46 -40.14 18.20
CA GLY E 318 18.78 -40.45 18.72
C GLY E 318 19.42 -41.74 18.28
N LYS E 319 20.25 -42.29 19.17
CA LYS E 319 20.99 -43.51 18.92
C LYS E 319 20.23 -44.61 18.17
N GLY E 320 19.92 -45.71 18.86
CA GLY E 320 19.22 -46.81 18.22
C GLY E 320 17.72 -46.78 18.37
N GLY E 321 17.04 -46.11 17.44
CA GLY E 321 15.60 -46.01 17.50
C GLY E 321 15.12 -45.30 18.75
N LYS E 322 16.02 -44.56 19.40
CA LYS E 322 15.67 -43.83 20.60
C LYS E 322 15.65 -42.34 20.33
N ARG E 323 15.10 -41.58 21.27
CA ARG E 323 15.03 -40.14 21.12
C ARG E 323 15.91 -39.57 22.20
N ILE E 324 16.08 -38.26 22.14
CA ILE E 324 16.91 -37.55 23.09
C ILE E 324 16.41 -36.11 23.06
N ALA E 325 16.18 -35.55 24.24
CA ALA E 325 15.68 -34.19 24.33
C ALA E 325 16.55 -33.34 25.24
N ARG E 326 16.54 -32.04 25.00
CA ARG E 326 17.36 -31.09 25.75
C ARG E 326 16.56 -29.80 25.86
N LEU E 327 16.80 -29.02 26.92
CA LEU E 327 16.10 -27.75 27.12
C LEU E 327 16.71 -26.61 26.32
N ILE E 328 16.06 -25.45 26.31
CA ILE E 328 16.57 -24.30 25.58
C ILE E 328 16.69 -23.01 26.42
N ASP E 329 17.86 -22.82 27.02
CA ASP E 329 18.18 -21.64 27.85
C ASP E 329 18.94 -22.05 29.11
N ALA E 330 18.64 -21.39 30.23
CA ALA E 330 19.28 -21.66 31.51
C ALA E 330 18.40 -21.38 32.75
N PRO E 331 17.54 -20.33 32.69
CA PRO E 331 16.64 -19.93 33.79
C PRO E 331 15.57 -20.96 34.15
N HIS E 332 15.55 -21.34 35.43
CA HIS E 332 14.59 -22.32 35.93
C HIS E 332 14.75 -23.65 35.20
N LEU E 333 15.15 -24.68 35.96
CA LEU E 333 15.35 -26.04 35.46
C LEU E 333 16.78 -26.31 35.03
N PRO E 334 17.29 -27.51 35.34
CA PRO E 334 18.64 -27.96 35.02
C PRO E 334 19.00 -27.83 33.56
N GLU E 335 20.01 -28.59 33.18
CA GLU E 335 20.52 -28.61 31.82
C GLU E 335 21.17 -29.97 31.60
N GLY E 336 21.31 -30.35 30.34
CA GLY E 336 21.87 -31.63 29.96
C GLY E 336 20.90 -32.25 28.98
N GLU E 337 21.02 -33.54 28.72
CA GLU E 337 20.11 -34.18 27.79
C GLU E 337 19.41 -35.37 28.43
N ALA E 338 18.32 -35.80 27.81
CA ALA E 338 17.54 -36.92 28.31
C ALA E 338 17.20 -37.86 27.17
N VAL E 339 17.48 -39.14 27.35
CA VAL E 339 17.17 -40.12 26.33
C VAL E 339 15.96 -40.95 26.78
N PHE E 340 15.18 -41.42 25.81
CA PHE E 340 14.00 -42.23 26.09
C PHE E 340 13.61 -42.95 24.82
N SER E 341 12.55 -43.75 24.87
CA SER E 341 12.11 -44.48 23.69
C SER E 341 10.60 -44.53 23.50
N ILE E 342 10.19 -44.92 22.31
CA ILE E 342 8.77 -44.99 21.99
C ILE E 342 8.40 -46.46 22.00
N THR E 343 7.37 -46.80 22.79
CA THR E 343 6.93 -48.19 22.92
C THR E 343 5.45 -48.16 23.29
N GLU E 344 4.93 -49.28 23.80
CA GLU E 344 3.55 -49.30 24.30
C GLU E 344 3.79 -48.46 25.54
N LYS E 345 2.74 -47.91 26.13
CA LYS E 345 2.97 -47.03 27.28
C LYS E 345 3.46 -45.66 26.75
N GLY E 346 3.60 -45.59 25.42
CA GLY E 346 4.05 -44.37 24.78
C GLY E 346 5.52 -44.12 24.95
N ILE E 347 5.85 -43.24 25.89
CA ILE E 347 7.23 -42.89 26.16
C ILE E 347 7.74 -43.58 27.40
N GLU E 348 8.94 -44.11 27.27
CA GLU E 348 9.54 -44.85 28.35
C GLU E 348 11.05 -44.63 28.36
N ASP E 349 11.65 -44.71 29.53
CA ASP E 349 13.09 -44.52 29.63
C ASP E 349 13.83 -45.63 28.89
N THR F 96 -3.24 21.99 32.34
CA THR F 96 -2.66 22.19 30.98
C THR F 96 -1.17 22.47 31.14
N PHE F 97 -0.86 23.57 31.81
CA PHE F 97 0.52 23.97 32.07
C PHE F 97 0.66 24.26 33.56
N ARG F 99 3.09 26.67 36.63
CA ARG F 99 4.03 27.75 36.91
C ARG F 99 5.39 27.16 37.30
N ALA F 100 6.45 27.74 36.76
CA ALA F 100 7.81 27.25 37.04
C ALA F 100 8.06 27.02 38.53
N ASP F 101 7.30 27.72 39.38
CA ASP F 101 7.47 27.58 40.81
C ASP F 101 6.75 26.33 41.29
N GLU F 102 5.61 26.05 40.69
CA GLU F 102 4.85 24.85 41.05
C GLU F 102 5.66 23.66 40.57
N TYR F 103 6.06 23.67 39.30
CA TYR F 103 6.85 22.57 38.78
C TYR F 103 8.02 22.35 39.73
N LEU F 104 8.73 23.44 40.09
CA LEU F 104 9.88 23.36 41.01
C LEU F 104 9.48 22.81 42.37
N LYS F 105 8.23 23.09 42.74
CA LYS F 105 7.65 22.64 43.99
C LYS F 105 7.37 21.14 43.83
N LYS F 106 6.51 20.78 42.88
CA LYS F 106 6.15 19.39 42.63
C LYS F 106 7.41 18.51 42.58
N ARG F 107 8.42 18.99 41.89
CA ARG F 107 9.65 18.24 41.78
C ARG F 107 10.31 17.97 43.10
N ALA F 108 10.41 18.96 43.97
CA ALA F 108 11.05 18.69 45.24
C ALA F 108 10.31 17.60 46.01
N THR F 109 9.07 17.32 45.63
CA THR F 109 8.30 16.29 46.31
C THR F 109 8.62 14.90 45.76
N ILE F 110 9.71 14.80 45.00
CA ILE F 110 10.16 13.55 44.38
C ILE F 110 10.84 12.60 45.34
N GLY F 111 10.23 11.42 45.51
CA GLY F 111 10.79 10.42 46.40
C GLY F 111 11.87 9.60 45.72
N ARG F 112 12.58 8.81 46.49
CA ARG F 112 13.65 7.98 45.92
C ARG F 112 13.70 6.58 46.55
N ILE F 113 13.60 5.53 45.73
CA ILE F 113 13.67 4.16 46.24
C ILE F 113 15.10 3.68 46.18
N SER F 114 15.55 2.99 47.21
CA SER F 114 16.91 2.49 47.22
C SER F 114 16.95 1.16 46.51
N THR F 115 18.01 0.93 45.75
CA THR F 115 18.16 -0.33 45.02
C THR F 115 18.58 -1.43 45.97
N GLY F 116 19.02 -1.02 47.16
CA GLY F 116 19.48 -1.97 48.15
C GLY F 116 20.98 -2.11 48.02
N SER F 117 21.59 -1.16 47.34
CA SER F 117 23.02 -1.16 47.12
C SER F 117 23.61 0.23 47.32
N LYS F 118 24.47 0.38 48.32
CA LYS F 118 25.09 1.68 48.57
C LYS F 118 25.58 2.22 47.22
N SER F 119 26.37 1.38 46.56
CA SER F 119 26.98 1.70 45.27
C SER F 119 25.99 2.14 44.20
N LEU F 120 25.17 1.21 43.74
CA LEU F 120 24.19 1.50 42.70
C LEU F 120 23.44 2.75 43.06
N ASP F 121 23.11 2.89 44.34
CA ASP F 121 22.36 4.04 44.86
C ASP F 121 23.11 5.34 44.63
N LYS F 122 24.40 5.35 44.94
CA LYS F 122 25.19 6.56 44.73
C LYS F 122 25.08 6.93 43.26
N LEU F 123 25.33 5.93 42.41
CA LEU F 123 25.28 6.09 40.97
C LEU F 123 23.96 6.69 40.51
N LEU F 124 22.87 6.30 41.16
CA LEU F 124 21.55 6.81 40.80
C LEU F 124 21.16 8.11 41.50
N GLY F 125 22.02 8.59 42.42
CA GLY F 125 21.69 9.81 43.13
C GLY F 125 20.77 9.48 44.31
N GLY F 126 21.03 8.33 44.92
CA GLY F 126 20.24 7.88 46.05
C GLY F 126 19.17 6.87 45.71
N GLY F 127 18.98 6.57 44.41
CA GLY F 127 17.97 5.60 44.02
C GLY F 127 17.05 6.07 42.92
N ILE F 128 16.30 5.14 42.32
CA ILE F 128 15.38 5.49 41.24
C ILE F 128 14.32 6.43 41.80
N GLU F 129 14.00 7.47 41.03
CA GLU F 129 13.03 8.45 41.49
C GLU F 129 11.64 8.27 41.01
N THR F 130 10.72 8.93 41.70
CA THR F 130 9.30 8.90 41.37
C THR F 130 9.09 9.97 40.32
N GLN F 131 7.93 9.97 39.70
CA GLN F 131 7.61 10.94 38.65
C GLN F 131 8.62 10.77 37.51
N ALA F 132 9.12 9.55 37.36
CA ALA F 132 10.09 9.24 36.33
C ALA F 132 10.00 7.78 35.85
N ILE F 133 10.52 7.49 34.67
CA ILE F 133 10.54 6.14 34.15
C ILE F 133 12.03 5.76 34.16
N THR F 134 12.39 4.72 34.88
CA THR F 134 13.79 4.32 34.87
C THR F 134 13.83 3.03 34.09
N GLU F 135 14.68 3.00 33.07
CA GLU F 135 14.81 1.81 32.25
C GLU F 135 16.13 1.16 32.56
N VAL F 136 16.09 -0.13 32.82
CA VAL F 136 17.30 -0.86 33.08
C VAL F 136 17.33 -1.85 31.93
N PHE F 137 18.50 -2.00 31.30
CA PHE F 137 18.61 -2.92 30.17
C PHE F 137 19.97 -3.61 30.16
N GLY F 138 19.97 -4.82 29.62
CA GLY F 138 21.19 -5.59 29.55
C GLY F 138 20.87 -6.97 29.01
N GLU F 139 21.89 -7.82 28.89
CA GLU F 139 21.73 -9.17 28.39
C GLU F 139 20.93 -10.01 29.37
N PHE F 140 20.38 -11.11 28.88
CA PHE F 140 19.62 -11.99 29.74
C PHE F 140 20.52 -12.42 30.88
N GLY F 141 19.99 -12.38 32.11
CA GLY F 141 20.76 -12.77 33.26
C GLY F 141 21.63 -11.67 33.85
N SER F 142 21.46 -10.45 33.37
CA SER F 142 22.24 -9.33 33.90
C SER F 142 21.66 -8.89 35.24
N GLY F 143 20.65 -9.63 35.68
CA GLY F 143 20.02 -9.36 36.95
C GLY F 143 19.05 -8.20 37.04
N LYS F 144 18.48 -7.76 35.91
CA LYS F 144 17.55 -6.65 36.01
C LYS F 144 16.20 -7.07 36.61
N THR F 145 15.89 -8.35 36.59
CA THR F 145 14.64 -8.79 37.19
C THR F 145 14.81 -8.91 38.71
N GLN F 146 16.06 -9.14 39.15
CA GLN F 146 16.35 -9.23 40.57
C GLN F 146 16.18 -7.81 41.13
N LEU F 147 16.82 -6.85 40.45
CA LEU F 147 16.76 -5.45 40.83
C LEU F 147 15.30 -5.06 40.99
N ALA F 148 14.46 -5.58 40.11
CA ALA F 148 13.04 -5.27 40.18
C ALA F 148 12.47 -5.82 41.49
N HIS F 149 12.82 -7.07 41.82
CA HIS F 149 12.31 -7.71 43.04
C HIS F 149 12.76 -6.97 44.29
N THR F 150 14.03 -6.60 44.31
CA THR F 150 14.56 -5.87 45.44
C THR F 150 13.71 -4.59 45.59
N LEU F 151 13.67 -3.76 44.56
CA LEU F 151 12.87 -2.53 44.60
C LEU F 151 11.46 -2.77 45.12
N ALA F 152 10.87 -3.91 44.81
CA ALA F 152 9.50 -4.18 45.28
C ALA F 152 9.45 -4.33 46.81
N VAL F 153 10.62 -4.48 47.42
CA VAL F 153 10.72 -4.62 48.87
C VAL F 153 11.08 -3.24 49.43
N VAL F 155 10.93 -0.20 48.44
CA VAL F 155 9.89 0.79 48.42
C VAL F 155 8.95 0.71 49.61
N GLN F 156 8.72 -0.49 50.12
CA GLN F 156 7.82 -0.70 51.25
C GLN F 156 8.31 -0.18 52.60
N LEU F 157 9.61 -0.20 52.82
CA LEU F 157 10.12 0.27 54.10
C LEU F 157 10.20 1.80 54.17
N PRO F 158 10.30 2.35 55.39
CA PRO F 158 10.38 3.79 55.66
C PRO F 158 11.44 4.55 54.90
N PRO F 159 11.20 5.84 54.67
CA PRO F 159 12.11 6.74 53.96
C PRO F 159 13.49 6.65 54.55
N GLU F 160 13.55 6.66 55.87
CA GLU F 160 14.81 6.60 56.57
C GLU F 160 15.55 5.32 56.19
N GLU F 161 14.79 4.29 55.82
CA GLU F 161 15.37 3.01 55.44
C GLU F 161 15.56 2.79 53.94
N GLY F 162 15.16 3.77 53.14
CA GLY F 162 15.34 3.65 51.71
C GLY F 162 14.06 3.48 50.93
N GLY F 163 12.94 3.26 51.62
CA GLY F 163 11.67 3.11 50.92
C GLY F 163 10.85 4.39 50.89
N LEU F 164 9.56 4.24 50.62
CA LEU F 164 8.67 5.38 50.56
C LEU F 164 7.31 4.89 51.11
N ASN F 165 7.38 3.90 52.01
CA ASN F 165 6.18 3.33 52.61
C ASN F 165 5.07 3.23 51.57
N GLY F 166 5.34 2.55 50.45
CA GLY F 166 4.34 2.43 49.43
C GLY F 166 4.05 1.03 48.92
N SER F 167 2.99 0.93 48.10
CA SER F 167 2.58 -0.33 47.48
C SER F 167 3.27 -0.51 46.12
N VAL F 168 3.05 -1.66 45.47
CA VAL F 168 3.68 -1.95 44.20
C VAL F 168 2.75 -2.55 43.16
N ILE F 169 2.76 -2.03 41.94
CA ILE F 169 1.95 -2.59 40.86
C ILE F 169 2.97 -3.24 39.94
N TRP F 170 2.81 -4.53 39.65
CA TRP F 170 3.80 -5.26 38.83
C TRP F 170 3.19 -5.91 37.60
N ILE F 171 3.58 -5.45 36.41
CA ILE F 171 3.07 -6.00 35.16
C ILE F 171 4.14 -6.94 34.61
N ASP F 172 3.84 -8.25 34.72
CA ASP F 172 4.75 -9.32 34.30
C ASP F 172 4.39 -9.86 32.93
N THR F 173 5.35 -9.78 32.01
CA THR F 173 5.12 -10.23 30.64
C THR F 173 5.88 -11.49 30.29
N GLU F 174 6.95 -11.77 31.00
CA GLU F 174 7.74 -12.96 30.75
C GLU F 174 7.57 -14.02 31.84
N ASN F 175 6.47 -13.94 32.60
CA ASN F 175 6.21 -14.88 33.70
C ASN F 175 7.45 -15.03 34.60
N THR F 176 8.06 -13.91 34.97
CA THR F 176 9.25 -13.97 35.81
C THR F 176 9.10 -13.42 37.23
N PHE F 177 7.88 -13.07 37.63
CA PHE F 177 7.65 -12.57 38.98
C PHE F 177 7.50 -13.70 40.00
N ARG F 178 8.42 -13.76 40.94
CA ARG F 178 8.40 -14.79 41.96
C ARG F 178 8.15 -14.24 43.37
N PRO F 179 6.93 -14.38 43.91
CA PRO F 179 6.69 -13.88 45.26
C PRO F 179 7.62 -14.56 46.25
N GLU F 180 7.95 -15.82 45.98
CA GLU F 180 8.85 -16.59 46.82
C GLU F 180 10.17 -15.85 46.94
N ARG F 181 10.57 -15.18 45.87
CA ARG F 181 11.82 -14.42 45.85
C ARG F 181 11.66 -13.08 46.57
N ILE F 182 10.44 -12.56 46.64
CA ILE F 182 10.20 -11.32 47.34
C ILE F 182 10.37 -11.71 48.79
N ARG F 183 9.56 -12.70 49.15
CA ARG F 183 9.52 -13.29 50.47
C ARG F 183 10.93 -13.61 50.97
N GLU F 184 11.80 -14.09 50.08
CA GLU F 184 13.16 -14.40 50.51
C GLU F 184 13.96 -13.12 50.70
N ILE F 185 13.81 -12.17 49.78
CA ILE F 185 14.54 -10.91 49.90
C ILE F 185 14.10 -10.23 51.19
N ALA F 186 12.82 -10.37 51.52
CA ALA F 186 12.25 -9.79 52.74
C ALA F 186 12.81 -10.51 54.00
N GLN F 187 12.58 -11.81 54.04
CA GLN F 187 13.03 -12.69 55.12
C GLN F 187 14.44 -12.32 55.57
N ASN F 188 15.38 -12.23 54.64
CA ASN F 188 16.75 -11.91 55.00
C ASN F 188 17.01 -10.43 55.25
N ARG F 189 15.98 -9.61 55.09
CA ARG F 189 16.13 -8.18 55.32
C ARG F 189 15.49 -7.84 56.65
N GLY F 190 14.96 -8.88 57.29
CA GLY F 190 14.31 -8.72 58.58
C GLY F 190 12.93 -8.13 58.46
N LEU F 191 12.11 -8.70 57.58
CA LEU F 191 10.75 -8.21 57.40
C LEU F 191 9.84 -9.41 57.40
N ASP F 192 8.53 -9.16 57.40
CA ASP F 192 7.55 -10.24 57.41
C ASP F 192 7.13 -10.63 56.01
N PRO F 193 7.73 -11.69 55.46
CA PRO F 193 7.37 -12.12 54.11
C PRO F 193 5.88 -12.12 53.94
N ASP F 194 5.17 -12.51 54.99
CA ASP F 194 3.73 -12.56 54.89
C ASP F 194 3.12 -11.19 54.73
N GLU F 195 3.77 -10.16 55.27
CA GLU F 195 3.23 -8.81 55.15
C GLU F 195 3.57 -8.22 53.78
N VAL F 196 4.87 -8.11 53.49
CA VAL F 196 5.36 -7.59 52.23
C VAL F 196 4.51 -8.03 51.05
N LEU F 197 4.31 -9.33 50.92
CA LEU F 197 3.50 -9.85 49.82
C LEU F 197 2.07 -9.33 49.81
N LYS F 198 1.75 -8.37 50.65
CA LYS F 198 0.38 -7.83 50.72
C LYS F 198 0.30 -6.43 50.10
N HIS F 199 1.45 -5.90 49.72
CA HIS F 199 1.50 -4.59 49.12
C HIS F 199 2.15 -4.59 47.74
N ILE F 200 1.99 -5.71 47.04
CA ILE F 200 2.49 -5.89 45.69
C ILE F 200 1.31 -6.49 44.94
N TYR F 201 0.96 -5.94 43.79
CA TYR F 201 -0.16 -6.45 43.01
C TYR F 201 0.31 -6.74 41.60
N VAL F 202 0.21 -7.99 41.18
CA VAL F 202 0.65 -8.37 39.84
C VAL F 202 -0.44 -8.66 38.86
N ALA F 203 -0.05 -8.66 37.60
CA ALA F 203 -0.90 -8.99 36.44
C ALA F 203 0.07 -9.56 35.42
N ARG F 204 -0.36 -10.67 34.81
CA ARG F 204 0.44 -11.33 33.79
C ARG F 204 -0.03 -10.74 32.48
N ALA F 205 0.91 -10.25 31.70
CA ALA F 205 0.60 -9.67 30.40
C ALA F 205 0.99 -10.71 29.36
N PHE F 206 0.02 -11.17 28.58
CA PHE F 206 0.26 -12.21 27.59
C PHE F 206 0.67 -11.76 26.19
N ASN F 207 0.58 -10.47 25.92
CA ASN F 207 0.96 -9.91 24.63
C ASN F 207 0.93 -8.38 24.73
N SER F 208 1.47 -7.70 23.71
CA SER F 208 1.48 -6.25 23.67
C SER F 208 0.14 -5.57 23.98
N ASN F 209 -0.94 -5.95 23.31
CA ASN F 209 -2.20 -5.30 23.59
C ASN F 209 -2.60 -5.48 25.04
N HIS F 210 -2.34 -6.67 25.57
CA HIS F 210 -2.69 -6.96 26.96
C HIS F 210 -1.89 -6.00 27.85
N GLN F 211 -0.58 -6.02 27.64
CA GLN F 211 0.35 -5.18 28.36
C GLN F 211 -0.14 -3.75 28.41
N LEU F 213 -3.05 -2.60 27.90
CA LEU F 213 -4.34 -2.54 28.59
C LEU F 213 -4.14 -2.46 30.10
N LEU F 214 -3.24 -3.29 30.61
CA LEU F 214 -2.93 -3.37 32.03
C LEU F 214 -2.54 -2.04 32.64
N VAL F 215 -1.73 -1.27 31.93
CA VAL F 215 -1.28 0.02 32.42
C VAL F 215 -2.45 0.97 32.61
N GLN F 216 -3.35 0.99 31.65
CA GLN F 216 -4.50 1.87 31.76
C GLN F 216 -5.35 1.38 32.91
N GLN F 217 -5.28 0.08 33.17
CA GLN F 217 -6.07 -0.52 34.25
C GLN F 217 -5.50 -0.20 35.62
N ALA F 218 -4.18 -0.26 35.74
CA ALA F 218 -3.54 0.02 37.01
C ALA F 218 -4.12 1.30 37.60
N GLU F 219 -4.25 2.32 36.78
CA GLU F 219 -4.77 3.59 37.27
C GLU F 219 -5.86 3.47 38.31
N ASP F 220 -6.61 2.38 38.28
CA ASP F 220 -7.66 2.26 39.27
C ASP F 220 -7.09 1.80 40.61
N LYS F 221 -6.15 0.86 40.55
CA LYS F 221 -5.54 0.35 41.78
C LYS F 221 -4.78 1.51 42.43
N ILE F 222 -4.10 2.30 41.61
CA ILE F 222 -3.37 3.46 42.10
C ILE F 222 -4.38 4.32 42.87
N LYS F 223 -5.49 4.67 42.22
CA LYS F 223 -6.53 5.47 42.84
C LYS F 223 -7.04 4.78 44.08
N GLU F 224 -7.29 3.48 43.95
CA GLU F 224 -7.81 2.63 45.02
C GLU F 224 -7.01 2.71 46.30
N LEU F 225 -5.69 2.75 46.16
CA LEU F 225 -4.81 2.82 47.32
C LEU F 225 -4.29 4.23 47.57
N LEU F 226 -4.39 5.08 46.56
CA LEU F 226 -3.90 6.44 46.64
C LEU F 226 -4.19 7.17 47.95
N ASN F 227 -5.47 7.20 48.34
CA ASN F 227 -5.85 7.89 49.58
C ASN F 227 -5.58 7.09 50.87
N THR F 228 -4.66 6.13 50.78
CA THR F 228 -4.28 5.29 51.91
C THR F 228 -2.96 5.78 52.49
N ASP F 229 -2.44 5.05 53.48
CA ASP F 229 -1.17 5.42 54.12
C ASP F 229 -0.02 4.73 53.40
N ARG F 230 -0.39 3.78 52.54
CA ARG F 230 0.58 3.01 51.78
C ARG F 230 0.12 2.98 50.33
N PRO F 231 0.22 4.13 49.64
CA PRO F 231 -0.17 4.27 48.25
C PRO F 231 0.82 3.56 47.33
N VAL F 232 0.50 3.49 46.05
CA VAL F 232 1.39 2.87 45.09
C VAL F 232 2.52 3.86 44.89
N LYS F 233 3.75 3.37 44.94
CA LYS F 233 4.94 4.21 44.76
C LYS F 233 5.90 3.59 43.76
N LEU F 234 5.64 2.35 43.36
CA LEU F 234 6.50 1.68 42.40
C LEU F 234 5.66 0.91 41.42
N LEU F 235 5.92 1.12 40.14
CA LEU F 235 5.18 0.40 39.11
C LEU F 235 6.22 -0.24 38.22
N ILE F 236 6.22 -1.56 38.20
CA ILE F 236 7.17 -2.31 37.41
C ILE F 236 6.57 -2.90 36.14
N VAL F 237 7.33 -2.81 35.05
CA VAL F 237 6.91 -3.43 33.79
C VAL F 237 8.14 -4.26 33.39
N ASP F 238 8.03 -5.58 33.56
CA ASP F 238 9.12 -6.49 33.28
C ASP F 238 8.60 -7.73 32.58
N SER F 239 8.89 -7.89 31.29
CA SER F 239 9.68 -6.96 30.48
C SER F 239 8.79 -5.97 29.71
N LEU F 240 9.33 -4.77 29.47
CA LEU F 240 8.62 -3.72 28.75
C LEU F 240 8.60 -3.93 27.23
N THR F 241 9.73 -4.35 26.70
CA THR F 241 9.92 -4.55 25.28
C THR F 241 9.67 -5.95 24.74
N SER F 242 9.82 -6.96 25.59
CA SER F 242 9.61 -8.37 25.20
C SER F 242 8.55 -8.61 24.11
N HIS F 243 7.29 -8.34 24.42
CA HIS F 243 6.23 -8.55 23.45
C HIS F 243 6.29 -7.70 22.21
N PHE F 244 6.61 -6.42 22.35
CA PHE F 244 6.68 -5.57 21.18
C PHE F 244 7.69 -6.07 20.17
N ARG F 245 8.87 -6.50 20.62
CA ARG F 245 9.87 -6.96 19.66
C ARG F 245 9.59 -8.36 19.08
N SER F 246 8.45 -8.95 19.41
CA SER F 246 8.12 -10.26 18.91
C SER F 246 6.89 -10.23 18.04
N GLU F 247 5.96 -9.33 18.33
CA GLU F 247 4.74 -9.23 17.55
C GLU F 247 4.92 -8.31 16.33
N TYR F 248 5.93 -7.45 16.38
CA TYR F 248 6.19 -6.55 15.28
C TYR F 248 7.51 -6.88 14.62
N ILE F 249 7.42 -7.67 13.56
CA ILE F 249 8.59 -8.09 12.81
C ILE F 249 8.77 -7.31 11.52
N GLY F 250 10.03 -7.01 11.21
CA GLY F 250 10.39 -6.28 10.00
C GLY F 250 9.89 -4.85 9.92
N ARG F 251 10.36 -4.13 8.91
CA ARG F 251 9.94 -2.77 8.69
C ARG F 251 8.47 -2.82 8.33
N GLY F 252 7.85 -1.68 8.10
CA GLY F 252 6.41 -1.70 7.81
C GLY F 252 5.67 -1.98 9.11
N ALA F 253 6.41 -2.47 10.09
CA ALA F 253 5.88 -2.79 11.40
C ALA F 253 6.37 -1.76 12.41
N LEU F 254 7.66 -1.39 12.30
CA LEU F 254 8.25 -0.39 13.19
C LEU F 254 7.34 0.82 13.31
N ALA F 255 6.66 1.13 12.22
CA ALA F 255 5.73 2.25 12.18
C ALA F 255 4.75 2.14 13.35
N GLU F 256 3.98 1.06 13.37
CA GLU F 256 2.98 0.84 14.42
C GLU F 256 3.59 0.51 15.80
N ARG F 257 4.72 -0.18 15.82
CA ARG F 257 5.41 -0.56 17.05
C ARG F 257 5.70 0.68 17.91
N GLN F 258 6.64 1.50 17.42
CA GLN F 258 7.02 2.75 18.05
C GLN F 258 5.73 3.55 18.26
N GLN F 259 4.89 3.58 17.24
CA GLN F 259 3.65 4.32 17.34
C GLN F 259 2.92 3.97 18.64
N LYS F 260 2.70 2.68 18.86
CA LYS F 260 1.99 2.18 20.05
C LYS F 260 2.88 2.21 21.28
N LEU F 261 4.13 1.80 21.10
CA LEU F 261 5.07 1.84 22.20
C LEU F 261 5.03 3.25 22.78
N ALA F 262 5.33 4.24 21.94
CA ALA F 262 5.31 5.62 22.37
C ALA F 262 4.05 5.91 23.16
N LYS F 263 2.93 5.40 22.69
CA LYS F 263 1.67 5.60 23.37
C LYS F 263 1.67 4.89 24.76
N HIS F 264 2.33 3.75 24.85
CA HIS F 264 2.45 2.99 26.09
C HIS F 264 3.31 3.82 27.05
N LEU F 265 4.55 4.09 26.66
CA LEU F 265 5.45 4.89 27.49
C LEU F 265 4.76 6.17 27.96
N ALA F 266 4.02 6.82 27.07
CA ALA F 266 3.29 8.05 27.44
C ALA F 266 2.27 7.73 28.53
N ASP F 267 1.68 6.54 28.47
CA ASP F 267 0.71 6.15 29.48
C ASP F 267 1.40 6.01 30.84
N LEU F 268 2.62 5.48 30.81
CA LEU F 268 3.37 5.30 32.03
C LEU F 268 3.80 6.65 32.59
N HIS F 269 4.36 7.50 31.73
CA HIS F 269 4.78 8.84 32.13
C HIS F 269 3.65 9.54 32.86
N ARG F 270 2.47 9.51 32.28
CA ARG F 270 1.36 10.18 32.92
C ARG F 270 1.19 9.68 34.34
N LEU F 271 1.05 8.36 34.51
CA LEU F 271 0.89 7.80 35.85
C LEU F 271 2.01 8.21 36.80
N ALA F 272 3.24 8.16 36.31
CA ALA F 272 4.39 8.51 37.13
C ALA F 272 4.27 9.92 37.69
N ASN F 273 3.81 10.86 36.88
CA ASN F 273 3.68 12.24 37.34
C ASN F 273 2.34 12.48 38.01
N LEU F 274 1.27 11.99 37.41
CA LEU F 274 -0.04 12.19 37.98
C LEU F 274 -0.14 11.67 39.43
N TYR F 275 0.70 10.71 39.79
CA TYR F 275 0.65 10.10 41.13
C TYR F 275 1.98 9.92 41.85
N ASP F 276 2.99 10.69 41.48
CA ASP F 276 4.28 10.59 42.13
C ASP F 276 4.74 9.14 42.28
N ILE F 277 4.63 8.37 41.20
CA ILE F 277 5.02 6.98 41.21
C ILE F 277 6.33 6.79 40.50
N ALA F 278 7.14 5.83 40.94
CA ALA F 278 8.40 5.55 40.26
C ALA F 278 8.08 4.40 39.34
N VAL F 279 8.37 4.57 38.05
CA VAL F 279 8.11 3.56 37.04
C VAL F 279 9.42 2.92 36.67
N PHE F 280 9.51 1.61 36.89
CA PHE F 280 10.72 0.85 36.57
C PHE F 280 10.40 -0.14 35.45
N VAL F 281 11.20 -0.12 34.39
CA VAL F 281 10.96 -1.01 33.26
C VAL F 281 12.25 -1.70 32.85
N THR F 282 12.11 -2.94 32.39
CA THR F 282 13.28 -3.70 31.96
C THR F 282 13.23 -3.89 30.45
N ASN F 283 14.43 -4.08 29.90
CA ASN F 283 14.57 -4.25 28.46
C ASN F 283 15.74 -5.16 28.16
N GLN F 284 15.45 -6.35 27.68
CA GLN F 284 16.50 -7.31 27.36
C GLN F 284 17.18 -6.84 26.11
N VAL F 285 18.50 -6.89 26.08
CA VAL F 285 19.23 -6.45 24.91
C VAL F 285 20.36 -7.43 24.59
N GLN F 286 20.43 -7.84 23.34
CA GLN F 286 21.44 -8.78 22.90
C GLN F 286 22.79 -8.09 22.77
N GLY F 302 16.17 -5.15 15.22
CA GLY F 302 14.82 -4.81 15.77
C GLY F 302 14.86 -4.29 17.19
N HIS F 303 16.07 -4.05 17.71
CA HIS F 303 16.28 -3.54 19.07
C HIS F 303 15.38 -2.36 19.41
N ILE F 304 14.65 -2.47 20.52
CA ILE F 304 13.77 -1.40 20.94
C ILE F 304 14.44 -0.60 22.02
N LEU F 305 13.75 0.45 22.46
CA LEU F 305 14.27 1.32 23.49
C LEU F 305 13.16 2.17 24.06
N ALA F 306 13.31 2.54 25.32
CA ALA F 306 12.34 3.41 25.96
C ALA F 306 13.00 4.78 25.80
N HIS F 307 12.76 5.42 24.66
CA HIS F 307 13.34 6.73 24.41
C HIS F 307 12.84 7.74 25.42
N SER F 308 11.53 7.77 25.64
CA SER F 308 10.92 8.68 26.61
C SER F 308 11.41 8.46 28.04
N ALA F 309 12.12 7.35 28.27
CA ALA F 309 12.65 7.02 29.58
C ALA F 309 13.33 8.24 30.17
N THR F 310 13.13 8.45 31.45
CA THR F 310 13.72 9.57 32.15
C THR F 310 15.20 9.32 32.44
N LEU F 311 15.54 8.05 32.62
CA LEU F 311 16.91 7.62 32.90
C LEU F 311 17.08 6.18 32.44
N ARG F 312 18.16 5.92 31.72
CA ARG F 312 18.43 4.59 31.23
C ARG F 312 19.71 4.04 31.86
N VAL F 313 19.59 2.93 32.56
CA VAL F 313 20.74 2.34 33.21
C VAL F 313 21.07 1.04 32.54
N TYR F 314 22.34 0.88 32.17
CA TYR F 314 22.80 -0.34 31.52
C TYR F 314 23.58 -1.20 32.51
N LEU F 315 23.29 -2.49 32.52
CA LEU F 315 24.00 -3.38 33.42
C LEU F 315 24.37 -4.71 32.77
N ARG F 316 25.54 -5.21 33.11
CA ARG F 316 26.03 -6.47 32.54
C ARG F 316 26.60 -7.37 33.60
N LYS F 317 26.79 -8.63 33.24
CA LYS F 317 27.33 -9.61 34.17
C LYS F 317 28.81 -9.33 34.34
N GLY F 318 29.37 -9.70 35.49
CA GLY F 318 30.77 -9.44 35.73
C GLY F 318 31.58 -10.57 36.34
N LYS F 319 32.79 -10.22 36.77
CA LYS F 319 33.71 -11.15 37.38
C LYS F 319 33.09 -12.50 37.75
N GLY F 320 32.45 -12.55 38.91
CA GLY F 320 31.84 -13.80 39.33
C GLY F 320 30.56 -13.56 40.08
N GLY F 321 29.44 -13.90 39.45
CA GLY F 321 28.15 -13.71 40.08
C GLY F 321 27.78 -12.25 40.24
N LYS F 322 28.75 -11.37 40.05
CA LYS F 322 28.50 -9.93 40.17
C LYS F 322 27.87 -9.33 38.93
N ARG F 323 27.43 -8.09 39.08
CA ARG F 323 26.81 -7.33 37.99
C ARG F 323 27.36 -5.92 38.12
N ILE F 324 27.40 -5.20 37.02
CA ILE F 324 27.94 -3.85 37.03
C ILE F 324 26.97 -2.93 36.26
N ALA F 325 26.63 -1.78 36.85
CA ALA F 325 25.70 -0.86 36.21
C ALA F 325 26.34 0.47 35.85
N ARG F 326 25.89 1.05 34.74
CA ARG F 326 26.41 2.34 34.27
C ARG F 326 25.30 3.16 33.62
N LEU F 327 25.44 4.47 33.62
CA LEU F 327 24.42 5.34 33.05
C LEU F 327 24.49 5.55 31.54
N ILE F 328 23.53 6.31 31.03
CA ILE F 328 23.47 6.60 29.60
C ILE F 328 23.26 8.11 29.41
N ASP F 329 23.91 8.87 30.28
CA ASP F 329 23.83 10.33 30.28
C ASP F 329 24.99 10.87 31.12
N ALA F 330 25.64 11.93 30.65
CA ALA F 330 26.75 12.56 31.38
C ALA F 330 26.17 13.58 32.37
N PRO F 331 25.27 14.45 31.91
CA PRO F 331 24.66 15.45 32.81
C PRO F 331 23.65 14.72 33.70
N HIS F 332 23.33 15.33 34.84
CA HIS F 332 22.40 14.73 35.79
C HIS F 332 23.02 13.41 36.24
N LEU F 333 23.51 13.37 37.48
CA LEU F 333 24.14 12.18 38.05
C LEU F 333 25.56 11.98 37.48
N PRO F 334 26.42 11.28 38.25
CA PRO F 334 27.81 11.00 37.88
C PRO F 334 28.00 10.25 36.56
N GLU F 335 29.25 9.96 36.26
CA GLU F 335 29.61 9.24 35.04
C GLU F 335 30.63 8.14 35.36
N GLY F 336 30.19 7.19 36.18
CA GLY F 336 31.06 6.08 36.55
C GLY F 336 30.31 4.75 36.50
N GLU F 337 30.91 3.71 37.06
CA GLU F 337 30.26 2.41 37.08
C GLU F 337 30.00 2.00 38.52
N ALA F 338 29.07 1.06 38.71
CA ALA F 338 28.74 0.59 40.04
C ALA F 338 28.64 -0.92 40.04
N VAL F 339 29.31 -1.55 41.00
CA VAL F 339 29.30 -3.01 41.09
C VAL F 339 28.43 -3.43 42.25
N PHE F 340 27.80 -4.59 42.14
CA PHE F 340 26.97 -5.11 43.21
C PHE F 340 26.78 -6.60 43.02
N SER F 341 25.99 -7.24 43.88
CA SER F 341 25.77 -8.68 43.73
C SER F 341 24.35 -9.12 44.01
N ILE F 342 24.06 -10.36 43.64
CA ILE F 342 22.73 -10.92 43.84
C ILE F 342 22.85 -11.91 44.99
N THR F 343 22.04 -11.72 46.03
CA THR F 343 22.06 -12.60 47.20
C THR F 343 20.67 -12.54 47.82
N GLU F 344 20.55 -12.97 49.07
CA GLU F 344 19.27 -12.85 49.76
C GLU F 344 19.28 -11.34 49.93
N LYS F 345 18.13 -10.74 50.18
CA LYS F 345 18.08 -9.28 50.31
C LYS F 345 18.08 -8.73 48.89
N GLY F 346 18.17 -9.63 47.92
CA GLY F 346 18.19 -9.26 46.51
C GLY F 346 19.53 -8.70 46.04
N ILE F 347 19.62 -7.38 45.98
CA ILE F 347 20.84 -6.71 45.56
C ILE F 347 21.58 -6.16 46.79
N GLU F 348 22.88 -6.41 46.83
CA GLU F 348 23.75 -5.99 47.92
C GLU F 348 24.75 -4.99 47.33
N ASP F 349 25.90 -4.85 47.99
CA ASP F 349 27.00 -3.97 47.57
C ASP F 349 26.65 -2.54 47.14
N THR G 96 -6.44 35.87 4.88
CA THR G 96 -6.49 37.24 4.27
C THR G 96 -5.08 37.80 4.13
N PHE G 97 -4.91 38.70 3.18
CA PHE G 97 -3.61 39.30 2.91
C PHE G 97 -3.61 40.72 3.43
N ARG G 99 -1.94 44.61 3.93
CA ARG G 99 -1.23 45.50 3.03
C ARG G 99 0.23 45.64 3.47
N ALA G 100 1.11 45.88 2.50
CA ALA G 100 2.53 46.03 2.78
C ALA G 100 2.74 47.19 3.77
N ASP G 101 1.67 47.95 4.01
CA ASP G 101 1.74 49.05 4.96
C ASP G 101 1.85 48.35 6.30
N GLU G 102 0.70 47.87 6.76
CA GLU G 102 0.59 47.16 8.03
C GLU G 102 1.74 46.17 8.17
N TYR G 103 2.05 45.48 7.08
CA TYR G 103 3.10 44.48 7.11
C TYR G 103 4.43 45.08 7.53
N LEU G 104 4.85 46.17 6.88
CA LEU G 104 6.11 46.84 7.22
C LEU G 104 6.05 47.30 8.67
N LYS G 105 4.90 47.85 9.05
CA LYS G 105 4.70 48.35 10.39
C LYS G 105 5.03 47.21 11.34
N LYS G 106 4.31 46.11 11.19
CA LYS G 106 4.48 44.92 12.03
C LYS G 106 5.93 44.47 12.13
N ARG G 107 6.56 44.23 10.98
CA ARG G 107 7.94 43.79 10.98
C ARG G 107 8.87 44.79 11.69
N ALA G 108 8.29 45.88 12.20
CA ALA G 108 9.08 46.88 12.91
C ALA G 108 8.84 46.66 14.39
N THR G 109 7.59 46.35 14.72
CA THR G 109 7.16 46.10 16.08
C THR G 109 7.63 44.72 16.53
N ILE G 110 8.72 44.26 15.91
CA ILE G 110 9.33 42.97 16.21
C ILE G 110 10.30 43.12 17.37
N GLY G 111 10.04 42.43 18.47
CA GLY G 111 10.91 42.50 19.64
C GLY G 111 12.13 41.61 19.54
N ARG G 112 13.08 41.79 20.45
CA ARG G 112 14.30 40.97 20.41
C ARG G 112 14.77 40.55 21.79
N ILE G 113 14.92 39.25 22.01
CA ILE G 113 15.38 38.74 23.31
C ILE G 113 16.87 38.54 23.22
N SER G 114 17.56 38.91 24.29
CA SER G 114 19.01 38.76 24.32
C SER G 114 19.34 37.35 24.77
N THR G 115 20.41 36.79 24.20
CA THR G 115 20.82 35.44 24.58
C THR G 115 21.57 35.46 25.90
N GLY G 116 21.98 36.65 26.34
CA GLY G 116 22.71 36.75 27.58
C GLY G 116 24.22 36.70 27.36
N SER G 117 24.63 36.76 26.10
CA SER G 117 26.05 36.74 25.76
C SER G 117 26.36 37.64 24.57
N LYS G 118 26.98 38.79 24.84
CA LYS G 118 27.33 39.77 23.81
C LYS G 118 27.62 39.13 22.46
N SER G 119 28.66 38.32 22.42
CA SER G 119 29.08 37.66 21.18
C SER G 119 27.94 37.08 20.33
N LEU G 120 26.95 36.48 20.99
CA LEU G 120 25.83 35.87 20.29
C LEU G 120 24.88 36.94 19.76
N ASP G 121 24.26 37.70 20.65
CA ASP G 121 23.34 38.76 20.23
C ASP G 121 23.88 39.48 19.01
N LYS G 122 25.21 39.56 18.97
CA LYS G 122 25.92 40.20 17.86
C LYS G 122 25.62 39.41 16.59
N LEU G 123 26.32 38.28 16.47
CA LEU G 123 26.17 37.39 15.33
C LEU G 123 24.70 37.12 15.01
N LEU G 124 23.80 37.46 15.94
CA LEU G 124 22.38 37.23 15.76
C LEU G 124 21.60 38.48 15.32
N GLY G 125 22.28 39.61 15.22
CA GLY G 125 21.61 40.83 14.81
C GLY G 125 20.56 41.21 15.84
N GLY G 126 21.03 41.57 17.03
CA GLY G 126 20.11 41.93 18.10
C GLY G 126 19.99 40.71 19.00
N GLY G 127 19.18 39.75 18.55
CA GLY G 127 18.95 38.52 19.29
C GLY G 127 17.87 37.72 18.60
N ILE G 128 17.28 36.74 19.29
CA ILE G 128 16.22 35.97 18.63
C ILE G 128 15.01 36.92 18.59
N GLU G 129 14.35 36.99 17.44
CA GLU G 129 13.22 37.87 17.28
C GLU G 129 11.86 37.25 17.46
N THR G 130 10.86 38.10 17.70
CA THR G 130 9.50 37.65 17.86
C THR G 130 8.93 37.48 16.46
N GLN G 131 7.73 36.93 16.37
CA GLN G 131 7.10 36.72 15.07
C GLN G 131 8.00 35.81 14.22
N ALA G 132 8.82 35.00 14.88
CA ALA G 132 9.70 34.11 14.17
C ALA G 132 9.97 32.83 14.96
N ILE G 133 10.44 31.80 14.26
CA ILE G 133 10.78 30.55 14.88
C ILE G 133 12.30 30.47 14.77
N THR G 134 12.99 30.41 15.89
CA THR G 134 14.43 30.29 15.83
C THR G 134 14.75 28.85 16.23
N GLU G 135 15.49 28.17 15.38
CA GLU G 135 15.85 26.79 15.68
C GLU G 135 17.31 26.72 16.00
N VAL G 136 17.63 26.11 17.13
CA VAL G 136 19.00 25.93 17.51
C VAL G 136 19.22 24.43 17.47
N PHE G 137 20.30 23.98 16.84
CA PHE G 137 20.57 22.56 16.73
C PHE G 137 22.05 22.21 16.86
N GLY G 138 22.33 21.05 17.41
CA GLY G 138 23.71 20.63 17.59
C GLY G 138 23.71 19.33 18.37
N GLU G 139 24.91 18.78 18.58
CA GLU G 139 25.05 17.52 19.30
C GLU G 139 24.57 17.66 20.75
N PHE G 140 24.30 16.53 21.38
CA PHE G 140 23.86 16.52 22.77
C PHE G 140 24.94 17.19 23.62
N GLY G 141 24.54 18.10 24.49
CA GLY G 141 25.50 18.80 25.33
C GLY G 141 26.12 20.03 24.69
N SER G 142 25.57 20.46 23.55
CA SER G 142 26.09 21.64 22.86
C SER G 142 25.49 22.88 23.53
N GLY G 143 24.78 22.65 24.63
CA GLY G 143 24.20 23.73 25.39
C GLY G 143 22.94 24.41 24.88
N LYS G 144 22.22 23.79 23.96
CA LYS G 144 21.02 24.45 23.47
C LYS G 144 19.90 24.53 24.49
N THR G 145 19.95 23.66 25.50
CA THR G 145 18.91 23.70 26.53
C THR G 145 19.26 24.78 27.57
N GLN G 146 20.55 25.14 27.64
CA GLN G 146 20.99 26.18 28.57
C GLN G 146 20.51 27.49 27.97
N LEU G 147 20.79 27.63 26.67
CA LEU G 147 20.40 28.82 25.92
C LEU G 147 18.90 29.04 26.15
N ALA G 148 18.15 27.95 26.14
CA ALA G 148 16.72 28.05 26.35
C ALA G 148 16.46 28.64 27.73
N HIS G 149 17.11 28.08 28.75
CA HIS G 149 16.93 28.55 30.11
C HIS G 149 17.27 30.03 30.26
N THR G 150 18.40 30.42 29.71
CA THR G 150 18.82 31.81 29.76
C THR G 150 17.68 32.66 29.18
N LEU G 151 17.32 32.40 27.91
CA LEU G 151 16.25 33.13 27.25
C LEU G 151 15.00 33.21 28.09
N ALA G 152 14.72 32.18 28.89
CA ALA G 152 13.52 32.19 29.71
C ALA G 152 13.62 33.25 30.81
N VAL G 153 14.83 33.74 31.05
CA VAL G 153 15.05 34.79 32.06
C VAL G 153 15.06 36.15 31.34
N VAL G 155 14.08 37.37 28.57
CA VAL G 155 12.80 37.88 28.09
C VAL G 155 12.01 38.59 29.18
N GLN G 156 12.26 38.24 30.44
CA GLN G 156 11.51 38.83 31.53
C GLN G 156 11.92 40.26 31.92
N LEU G 157 13.20 40.56 31.75
CA LEU G 157 13.68 41.88 32.10
C LEU G 157 13.36 42.92 31.01
N PRO G 158 13.41 44.21 31.38
CA PRO G 158 13.14 45.36 30.51
C PRO G 158 13.92 45.38 29.22
N PRO G 159 13.33 45.98 28.18
CA PRO G 159 13.93 46.12 26.84
C PRO G 159 15.36 46.64 26.86
N GLU G 160 15.64 47.60 27.74
CA GLU G 160 16.97 48.21 27.84
C GLU G 160 18.06 47.17 28.09
N GLU G 161 17.74 46.14 28.87
CA GLU G 161 18.71 45.09 29.19
C GLU G 161 18.67 43.97 28.14
N GLY G 162 17.73 44.10 27.20
CA GLY G 162 17.62 43.10 26.14
C GLY G 162 16.45 42.16 26.31
N GLY G 163 15.45 42.58 27.08
CA GLY G 163 14.28 41.74 27.31
C GLY G 163 13.04 42.27 26.61
N LEU G 164 11.87 41.79 27.04
CA LEU G 164 10.60 42.21 26.46
C LEU G 164 9.52 42.16 27.53
N ASN G 165 9.95 42.27 28.79
CA ASN G 165 9.03 42.23 29.92
C ASN G 165 7.88 41.29 29.58
N GLY G 166 8.23 40.03 29.33
CA GLY G 166 7.20 39.06 29.00
C GLY G 166 7.26 37.74 29.72
N SER G 167 6.18 36.97 29.57
CA SER G 167 6.04 35.63 30.17
C SER G 167 6.63 34.58 29.23
N VAL G 168 6.65 33.33 29.70
CA VAL G 168 7.20 32.23 28.91
C VAL G 168 6.34 30.97 28.98
N ILE G 169 6.17 30.34 27.82
CA ILE G 169 5.42 29.07 27.69
C ILE G 169 6.49 28.06 27.26
N TRP G 170 6.69 27.04 28.09
CA TRP G 170 7.70 26.03 27.83
C TRP G 170 7.15 24.62 27.67
N ILE G 171 7.29 24.05 26.48
CA ILE G 171 6.84 22.68 26.19
C ILE G 171 8.08 21.79 26.31
N ASP G 172 8.12 20.99 27.37
CA ASP G 172 9.26 20.11 27.63
C ASP G 172 8.96 18.67 27.20
N THR G 173 9.80 18.14 26.32
CA THR G 173 9.60 16.79 25.81
C THR G 173 10.63 15.79 26.29
N GLU G 174 11.78 16.29 26.70
CA GLU G 174 12.83 15.40 27.19
C GLU G 174 13.02 15.50 28.70
N ASN G 175 12.04 16.08 29.40
CA ASN G 175 12.11 16.26 30.85
C ASN G 175 13.40 16.98 31.25
N THR G 176 13.76 18.02 30.50
CA THR G 176 14.99 18.75 30.77
C THR G 176 14.83 20.16 31.33
N PHE G 177 13.59 20.56 31.65
CA PHE G 177 13.36 21.89 32.21
C PHE G 177 13.59 21.90 33.71
N ARG G 178 14.59 22.66 34.14
CA ARG G 178 14.93 22.76 35.55
C ARG G 178 14.65 24.14 36.11
N PRO G 179 13.48 24.33 36.75
CA PRO G 179 13.14 25.64 37.31
C PRO G 179 14.29 26.08 38.21
N GLU G 180 14.77 25.12 38.99
CA GLU G 180 15.86 25.35 39.92
C GLU G 180 17.07 25.89 39.18
N ARG G 181 17.12 25.66 37.88
CA ARG G 181 18.24 26.17 37.08
C ARG G 181 17.98 27.63 36.76
N ILE G 182 16.70 27.96 36.66
CA ILE G 182 16.27 29.32 36.37
C ILE G 182 16.68 30.13 37.59
N ARG G 183 16.20 29.67 38.75
CA ARG G 183 16.49 30.29 40.03
C ARG G 183 17.97 30.69 40.01
N GLU G 184 18.86 29.69 39.92
CA GLU G 184 20.30 29.99 39.88
C GLU G 184 20.58 31.16 38.95
N ILE G 185 20.85 30.89 37.67
CA ILE G 185 21.13 31.94 36.68
C ILE G 185 20.47 33.29 36.95
N ALA G 186 19.23 33.26 37.45
CA ALA G 186 18.48 34.49 37.75
C ALA G 186 19.12 35.34 38.84
N GLN G 187 19.27 34.75 40.03
CA GLN G 187 19.87 35.46 41.15
C GLN G 187 21.37 35.53 40.92
N ASN G 188 21.76 35.92 39.72
CA ASN G 188 23.18 36.04 39.36
C ASN G 188 23.30 37.07 38.26
N ARG G 189 22.19 37.75 37.99
CA ARG G 189 22.17 38.81 37.00
C ARG G 189 21.10 39.84 37.33
N GLY G 190 20.91 40.05 38.62
CA GLY G 190 19.96 41.04 39.08
C GLY G 190 18.60 40.56 39.57
N LEU G 191 17.70 40.31 38.63
CA LEU G 191 16.34 39.90 38.95
C LEU G 191 16.14 38.97 40.16
N ASP G 192 14.90 38.95 40.63
CA ASP G 192 14.49 38.15 41.77
C ASP G 192 14.31 36.67 41.47
N PRO G 193 15.33 35.85 41.79
CA PRO G 193 15.38 34.40 41.57
C PRO G 193 14.12 33.60 41.92
N ASP G 194 13.13 34.26 42.51
CA ASP G 194 11.90 33.58 42.89
C ASP G 194 10.71 34.23 42.21
N GLU G 195 10.99 35.25 41.42
CA GLU G 195 9.96 35.98 40.70
C GLU G 195 9.91 35.41 39.30
N VAL G 196 11.09 35.10 38.77
CA VAL G 196 11.20 34.52 37.44
C VAL G 196 10.24 33.34 37.29
N LEU G 197 10.41 32.34 38.15
CA LEU G 197 9.58 31.14 38.14
C LEU G 197 8.11 31.48 38.33
N LYS G 198 7.74 32.73 38.08
CA LYS G 198 6.34 33.10 38.23
C LYS G 198 5.77 33.47 36.88
N HIS G 199 6.66 33.67 35.93
CA HIS G 199 6.26 34.05 34.58
C HIS G 199 6.72 33.06 33.53
N ILE G 200 6.80 31.80 33.96
CA ILE G 200 7.18 30.69 33.10
C ILE G 200 6.17 29.60 33.35
N TYR G 201 5.57 29.07 32.28
CA TYR G 201 4.57 28.02 32.41
C TYR G 201 4.99 26.83 31.56
N VAL G 202 5.16 25.68 32.22
CA VAL G 202 5.59 24.47 31.54
C VAL G 202 4.56 23.37 31.41
N ALA G 203 4.83 22.50 30.46
CA ALA G 203 4.00 21.33 30.17
C ALA G 203 4.98 20.28 29.65
N ARG G 204 4.82 19.08 30.19
CA ARG G 204 5.64 17.97 29.80
C ARG G 204 4.91 17.28 28.66
N ALA G 205 5.59 17.12 27.54
CA ALA G 205 4.99 16.45 26.38
C ALA G 205 5.56 15.03 26.39
N PHE G 206 4.66 14.05 26.42
CA PHE G 206 5.08 12.65 26.49
C PHE G 206 5.26 11.91 25.17
N ASN G 207 4.77 12.52 24.09
CA ASN G 207 4.92 11.96 22.75
C ASN G 207 4.50 13.01 21.72
N SER G 208 4.69 12.69 20.45
CA SER G 208 4.36 13.59 19.36
C SER G 208 2.96 14.16 19.38
N ASN G 209 1.97 13.31 19.56
CA ASN G 209 0.60 13.83 19.57
C ASN G 209 0.39 14.77 20.75
N HIS G 210 0.98 14.42 21.89
CA HIS G 210 0.84 15.23 23.09
C HIS G 210 1.45 16.61 22.81
N GLN G 211 2.68 16.57 22.32
CA GLN G 211 3.43 17.77 21.97
C GLN G 211 2.56 18.67 21.10
N LEU G 213 -0.62 18.67 20.51
CA LEU G 213 -1.85 19.13 21.14
C LEU G 213 -1.58 20.23 22.16
N LEU G 214 -0.42 20.19 22.82
CA LEU G 214 -0.07 21.21 23.82
C LEU G 214 0.09 22.57 23.16
N VAL G 215 0.73 22.61 22.00
CA VAL G 215 0.93 23.85 21.29
C VAL G 215 -0.40 24.57 21.06
N GLN G 216 -1.40 23.83 20.60
CA GLN G 216 -2.71 24.43 20.35
C GLN G 216 -3.34 24.92 21.64
N GLN G 217 -3.12 24.22 22.73
CA GLN G 217 -3.68 24.66 23.99
C GLN G 217 -2.91 25.86 24.48
N ALA G 218 -1.64 25.95 24.09
CA ALA G 218 -0.82 27.08 24.50
C ALA G 218 -1.50 28.40 24.15
N GLU G 219 -2.38 28.38 23.17
CA GLU G 219 -3.05 29.61 22.79
C GLU G 219 -3.90 30.08 23.97
N ASP G 220 -4.41 29.14 24.76
CA ASP G 220 -5.23 29.50 25.91
C ASP G 220 -4.48 30.42 26.88
N LYS G 221 -3.45 29.89 27.54
CA LYS G 221 -2.65 30.70 28.48
C LYS G 221 -2.16 31.94 27.76
N ILE G 222 -1.69 31.77 26.52
CA ILE G 222 -1.21 32.90 25.73
C ILE G 222 -2.30 33.98 25.70
N LYS G 223 -3.45 33.62 25.14
CA LYS G 223 -4.58 34.53 25.04
C LYS G 223 -4.80 35.27 26.35
N GLU G 224 -5.38 34.59 27.33
CA GLU G 224 -5.66 35.20 28.63
C GLU G 224 -4.38 35.68 29.29
N LEU G 225 -3.77 36.72 28.70
CA LEU G 225 -2.51 37.26 29.20
C LEU G 225 -1.98 38.37 28.28
N LEU G 226 -2.57 38.47 27.09
CA LEU G 226 -2.12 39.50 26.17
C LEU G 226 -2.58 40.83 26.79
N ASN G 227 -3.73 40.78 27.48
CA ASN G 227 -4.30 41.95 28.15
C ASN G 227 -3.73 41.95 29.56
N THR G 228 -2.42 42.09 29.67
CA THR G 228 -1.73 42.08 30.95
C THR G 228 -0.35 42.71 30.84
N ASP G 229 0.18 43.13 31.98
CA ASP G 229 1.49 43.76 32.04
C ASP G 229 2.61 42.89 31.44
N ARG G 230 2.54 41.59 31.68
CA ARG G 230 3.55 40.68 31.15
C ARG G 230 2.95 39.61 30.27
N PRO G 231 2.79 39.89 28.97
CA PRO G 231 2.21 38.91 28.04
C PRO G 231 3.27 37.87 27.68
N VAL G 232 2.85 36.83 26.96
CA VAL G 232 3.79 35.79 26.56
C VAL G 232 4.63 36.36 25.43
N LYS G 233 5.94 36.23 25.53
CA LYS G 233 6.84 36.73 24.49
C LYS G 233 7.80 35.64 24.04
N LEU G 234 7.85 34.57 24.82
CA LEU G 234 8.75 33.47 24.48
C LEU G 234 8.04 32.15 24.61
N LEU G 235 8.16 31.32 23.58
CA LEU G 235 7.56 30.00 23.58
C LEU G 235 8.65 29.03 23.19
N ILE G 236 8.99 28.16 24.14
CA ILE G 236 10.05 27.19 23.92
C ILE G 236 9.51 25.79 23.70
N VAL G 237 10.14 25.08 22.78
CA VAL G 237 9.80 23.69 22.52
C VAL G 237 11.17 23.01 22.54
N ASP G 238 11.42 22.26 23.60
CA ASP G 238 12.67 21.58 23.78
C ASP G 238 12.38 20.20 24.36
N SER G 239 12.57 19.14 23.56
CA SER G 239 13.04 19.23 22.18
C SER G 239 11.86 19.22 21.20
N LEU G 240 12.06 19.83 20.04
CA LEU G 240 11.01 19.89 19.02
C LEU G 240 10.93 18.64 18.17
N THR G 241 12.09 18.06 17.88
CA THR G 241 12.19 16.89 17.04
C THR G 241 12.27 15.53 17.75
N SER G 242 12.72 15.53 19.00
CA SER G 242 12.87 14.32 19.80
C SER G 242 11.85 13.22 19.53
N HIS G 243 10.61 13.48 19.88
CA HIS G 243 9.55 12.49 19.67
C HIS G 243 9.28 12.11 18.21
N PHE G 244 9.31 13.09 17.31
CA PHE G 244 9.04 12.79 15.92
C PHE G 244 10.01 11.78 15.34
N ARG G 245 11.30 11.94 15.64
CA ARG G 245 12.29 11.02 15.12
C ARG G 245 12.33 9.67 15.82
N SER G 246 11.43 9.46 16.77
CA SER G 246 11.41 8.18 17.46
C SER G 246 10.14 7.42 17.15
N GLU G 247 9.03 8.13 16.98
CA GLU G 247 7.77 7.49 16.69
C GLU G 247 7.59 7.17 15.21
N TYR G 248 8.36 7.84 14.36
CA TYR G 248 8.29 7.63 12.93
C TYR G 248 9.64 7.11 12.41
N ILE G 249 9.81 5.79 12.42
CA ILE G 249 11.03 5.19 11.96
C ILE G 249 10.72 4.33 10.76
N GLY G 250 11.64 4.36 9.79
CA GLY G 250 11.48 3.60 8.57
C GLY G 250 10.58 4.35 7.59
N ARG G 251 10.99 4.43 6.33
CA ARG G 251 10.19 5.12 5.34
C ARG G 251 8.76 4.56 5.37
N GLY G 252 7.83 5.31 4.79
CA GLY G 252 6.44 4.90 4.81
C GLY G 252 5.80 5.67 5.94
N ALA G 253 6.65 6.28 6.77
CA ALA G 253 6.23 7.09 7.91
C ALA G 253 6.85 8.48 7.73
N LEU G 254 8.06 8.49 7.16
CA LEU G 254 8.78 9.72 6.90
C LEU G 254 7.85 10.72 6.24
N ALA G 255 7.05 10.25 5.29
CA ALA G 255 6.13 11.15 4.61
C ALA G 255 5.19 11.73 5.65
N GLU G 256 4.47 10.85 6.37
CA GLU G 256 3.52 11.29 7.39
C GLU G 256 4.16 12.14 8.47
N ARG G 257 5.42 11.84 8.77
CA ARG G 257 6.18 12.55 9.78
C ARG G 257 6.33 14.03 9.41
N GLN G 258 6.75 14.26 8.17
CA GLN G 258 6.92 15.60 7.67
C GLN G 258 5.60 16.33 7.65
N GLN G 259 4.55 15.64 7.22
CA GLN G 259 3.24 16.26 7.15
C GLN G 259 2.86 16.80 8.51
N LYS G 260 2.96 15.94 9.54
CA LYS G 260 2.61 16.32 10.89
C LYS G 260 3.58 17.33 11.43
N LEU G 261 4.88 17.08 11.29
CA LEU G 261 5.88 18.01 11.76
C LEU G 261 5.52 19.39 11.22
N ALA G 262 5.25 19.42 9.91
CA ALA G 262 4.85 20.62 9.17
C ALA G 262 3.65 21.30 9.82
N LYS G 263 2.57 20.55 9.99
CA LYS G 263 1.36 21.08 10.63
C LYS G 263 1.73 21.67 12.00
N HIS G 264 2.67 21.03 12.70
CA HIS G 264 3.10 21.51 14.02
C HIS G 264 3.80 22.86 13.82
N LEU G 265 4.86 22.85 13.01
CA LEU G 265 5.60 24.08 12.74
C LEU G 265 4.63 25.20 12.34
N ALA G 266 3.71 24.88 11.46
CA ALA G 266 2.74 25.87 11.03
C ALA G 266 1.94 26.40 12.23
N ASP G 267 1.63 25.53 13.19
CA ASP G 267 0.88 25.96 14.37
C ASP G 267 1.68 26.96 15.18
N LEU G 268 3.00 26.76 15.19
CA LEU G 268 3.88 27.63 15.94
C LEU G 268 3.98 28.97 15.22
N HIS G 269 4.26 28.92 13.92
CA HIS G 269 4.37 30.11 13.10
C HIS G 269 3.19 31.00 13.32
N ARG G 270 2.01 30.40 13.33
CA ARG G 270 0.81 31.17 13.52
C ARG G 270 0.88 31.93 14.84
N LEU G 271 1.09 31.20 15.93
CA LEU G 271 1.18 31.85 17.24
C LEU G 271 2.24 32.93 17.23
N ALA G 272 3.40 32.63 16.66
CA ALA G 272 4.49 33.61 16.62
C ALA G 272 4.06 34.97 16.07
N ASN G 273 3.33 34.93 14.96
CA ASN G 273 2.87 36.15 14.31
C ASN G 273 1.59 36.67 14.92
N LEU G 274 0.64 35.79 15.12
CA LEU G 274 -0.63 36.20 15.69
C LEU G 274 -0.48 36.95 17.02
N TYR G 275 0.64 36.73 17.73
CA TYR G 275 0.85 37.35 19.05
C TYR G 275 2.25 37.93 19.31
N ASP G 276 2.98 38.22 18.23
CA ASP G 276 4.31 38.79 18.37
C ASP G 276 5.13 38.01 19.39
N ILE G 277 5.08 36.68 19.30
CA ILE G 277 5.82 35.83 20.22
C ILE G 277 7.08 35.29 19.56
N ALA G 278 8.14 35.11 20.34
CA ALA G 278 9.38 34.57 19.81
C ALA G 278 9.32 33.08 20.09
N VAL G 279 9.45 32.26 19.05
CA VAL G 279 9.39 30.82 19.20
C VAL G 279 10.79 30.23 19.11
N PHE G 280 11.24 29.62 20.20
CA PHE G 280 12.57 29.02 20.27
C PHE G 280 12.42 27.50 20.32
N VAL G 281 13.09 26.80 19.41
CA VAL G 281 13.00 25.35 19.37
C VAL G 281 14.37 24.71 19.25
N THR G 282 14.54 23.57 19.91
CA THR G 282 15.82 22.88 19.87
C THR G 282 15.71 21.63 19.05
N ASN G 283 16.85 21.18 18.53
CA ASN G 283 16.88 20.01 17.70
C ASN G 283 18.22 19.31 17.85
N GLN G 284 18.21 18.13 18.47
CA GLN G 284 19.44 17.40 18.67
C GLN G 284 19.84 16.81 17.33
N VAL G 285 21.13 16.86 17.02
CA VAL G 285 21.59 16.33 15.76
C VAL G 285 22.90 15.55 15.90
N GLN G 286 22.88 14.31 15.39
CA GLN G 286 24.04 13.41 15.44
C GLN G 286 24.77 13.44 16.78
N HIS G 303 18.22 12.04 10.14
CA HIS G 303 18.19 13.52 10.29
C HIS G 303 16.78 14.07 10.06
N ILE G 304 16.58 15.32 10.48
CA ILE G 304 15.31 16.04 10.35
C ILE G 304 15.60 17.48 10.72
N LEU G 305 14.93 18.41 10.05
CA LEU G 305 15.12 19.83 10.35
C LEU G 305 13.74 20.47 10.46
N ALA G 306 13.71 21.74 10.83
CA ALA G 306 12.46 22.47 10.93
C ALA G 306 12.38 23.47 9.76
N HIS G 307 12.38 22.93 8.55
CA HIS G 307 12.33 23.69 7.30
C HIS G 307 11.68 25.10 7.35
N SER G 308 10.47 25.20 7.89
CA SER G 308 9.76 26.48 7.97
C SER G 308 10.42 27.49 8.93
N ALA G 309 11.49 27.04 9.58
CA ALA G 309 12.24 27.85 10.53
C ALA G 309 12.68 29.19 9.93
N THR G 310 12.39 30.26 10.65
CA THR G 310 12.75 31.60 10.23
C THR G 310 14.27 31.79 10.27
N LEU G 311 14.92 31.14 11.24
CA LEU G 311 16.36 31.22 11.40
C LEU G 311 16.88 29.99 12.10
N ARG G 312 17.93 29.40 11.54
CA ARG G 312 18.53 28.20 12.08
C ARG G 312 19.96 28.48 12.54
N VAL G 313 20.20 28.28 13.83
CA VAL G 313 21.52 28.49 14.39
C VAL G 313 22.12 27.16 14.81
N TYR G 314 23.34 26.91 14.37
CA TYR G 314 24.03 25.67 14.70
C TYR G 314 25.07 25.96 15.77
N LEU G 315 25.17 25.11 16.78
CA LEU G 315 26.17 25.32 17.80
C LEU G 315 26.80 24.01 18.24
N ARG G 316 28.08 24.06 18.53
CA ARG G 316 28.83 22.88 18.92
C ARG G 316 29.72 23.19 20.13
N LYS G 317 30.17 22.15 20.79
CA LYS G 317 31.05 22.30 21.94
C LYS G 317 32.38 22.77 21.36
N GLY G 318 32.98 23.78 21.96
CA GLY G 318 34.24 24.26 21.44
C GLY G 318 35.37 24.42 22.43
N LYS G 319 36.57 24.02 22.01
CA LYS G 319 37.78 24.15 22.81
C LYS G 319 37.59 23.68 24.26
N GLY G 320 38.02 24.50 25.21
CA GLY G 320 37.88 24.13 26.61
C GLY G 320 36.66 24.72 27.30
N GLY G 321 35.59 23.93 27.37
CA GLY G 321 34.39 24.38 28.04
C GLY G 321 33.69 25.61 27.46
N LYS G 322 33.63 25.68 26.13
CA LYS G 322 32.96 26.79 25.47
C LYS G 322 32.19 26.33 24.24
N ARG G 323 31.12 27.05 23.92
CA ARG G 323 30.32 26.70 22.75
C ARG G 323 30.42 27.77 21.68
N ILE G 324 30.49 27.34 20.43
CA ILE G 324 30.60 28.26 19.30
C ILE G 324 29.43 28.08 18.32
N ALA G 325 28.76 29.18 18.02
CA ALA G 325 27.62 29.18 17.11
C ALA G 325 28.02 29.66 15.71
N ARG G 326 27.06 29.68 14.79
CA ARG G 326 27.29 30.11 13.41
C ARG G 326 26.02 29.91 12.60
N LEU G 327 25.37 30.99 12.20
CA LEU G 327 24.13 30.87 11.44
C LEU G 327 24.32 30.08 10.14
N ILE G 328 23.21 29.58 9.59
CA ILE G 328 23.26 28.82 8.36
C ILE G 328 22.33 29.48 7.36
N ASP G 329 22.89 30.46 6.64
CA ASP G 329 22.16 31.25 5.66
C ASP G 329 23.16 32.11 4.86
N ALA G 330 23.06 33.43 5.06
CA ALA G 330 23.91 34.42 4.40
C ALA G 330 23.19 35.78 4.42
N PRO G 331 21.96 35.83 3.87
CA PRO G 331 21.18 37.08 3.84
C PRO G 331 20.46 37.31 5.17
N HIS G 332 20.49 38.55 5.66
CA HIS G 332 19.85 38.91 6.92
C HIS G 332 20.68 38.40 8.10
N LEU G 333 21.77 39.13 8.39
CA LEU G 333 22.71 38.84 9.48
C LEU G 333 24.10 38.36 9.03
N PRO G 334 25.14 38.67 9.82
CA PRO G 334 26.56 38.34 9.63
C PRO G 334 26.93 36.95 9.14
N GLU G 335 28.24 36.75 8.96
CA GLU G 335 28.79 35.49 8.49
C GLU G 335 30.14 35.24 9.13
N GLY G 336 30.08 34.85 10.40
CA GLY G 336 31.27 34.52 11.17
C GLY G 336 30.82 33.43 12.13
N GLU G 337 31.37 33.45 13.34
CA GLU G 337 31.00 32.49 14.38
C GLU G 337 30.96 33.27 15.68
N ALA G 338 30.33 32.71 16.70
CA ALA G 338 30.26 33.38 17.99
C ALA G 338 30.58 32.41 19.11
N VAL G 339 31.47 32.81 20.01
CA VAL G 339 31.84 31.95 21.12
C VAL G 339 31.22 32.50 22.40
N PHE G 340 30.90 31.60 23.33
CA PHE G 340 30.31 31.98 24.61
C PHE G 340 30.51 30.82 25.59
N SER G 341 30.03 30.98 26.82
CA SER G 341 30.20 29.92 27.81
C SER G 341 28.97 29.70 28.69
N ILE G 342 28.95 28.57 29.38
CA ILE G 342 27.84 28.24 30.26
C ILE G 342 28.31 28.48 31.70
N THR G 343 27.58 29.33 32.43
CA THR G 343 27.93 29.66 33.80
C THR G 343 26.63 30.02 34.50
N GLU G 344 26.72 30.64 35.68
CA GLU G 344 25.52 31.09 36.37
C GLU G 344 25.16 32.20 35.37
N LYS G 345 23.93 32.68 35.41
CA LYS G 345 23.51 33.71 34.45
C LYS G 345 23.26 32.98 33.13
N GLY G 346 23.49 31.67 33.15
CA GLY G 346 23.30 30.86 31.97
C GLY G 346 24.40 31.02 30.94
N ILE G 347 24.13 31.83 29.93
CA ILE G 347 25.10 32.07 28.87
C ILE G 347 25.70 33.48 29.01
N GLU G 348 26.99 33.63 28.74
CA GLU G 348 27.63 34.95 28.83
C GLU G 348 28.81 35.11 27.88
N ASP G 349 29.24 36.35 27.69
CA ASP G 349 30.34 36.71 26.78
C ASP G 349 29.76 37.18 25.45
#